data_8TA9
# 
_entry.id   8TA9 
# 
_audit_conform.dict_name       mmcif_pdbx.dic 
_audit_conform.dict_version    5.383 
_audit_conform.dict_location   http://mmcif.pdb.org/dictionaries/ascii/mmcif_pdbx.dic 
# 
loop_
_database_2.database_id 
_database_2.database_code 
_database_2.pdbx_database_accession 
_database_2.pdbx_DOI 
PDB   8TA9         pdb_00008ta9 10.2210/pdb8ta9/pdb 
WWPDB D_1000275287 ?            ?                   
# 
_pdbx_database_status.status_code                     REL 
_pdbx_database_status.status_code_sf                  REL 
_pdbx_database_status.status_code_mr                  ? 
_pdbx_database_status.entry_id                        8TA9 
_pdbx_database_status.recvd_initial_deposition_date   2023-06-27 
_pdbx_database_status.SG_entry                        N 
_pdbx_database_status.deposit_site                    RCSB 
_pdbx_database_status.process_site                    RCSB 
_pdbx_database_status.status_code_cs                  ? 
_pdbx_database_status.status_code_nmr_data            ? 
_pdbx_database_status.methods_development_category    ? 
_pdbx_database_status.pdb_format_compatible           Y 
# 
loop_
_audit_author.name 
_audit_author.pdbx_ordinal 
_audit_author.identifier_ORCID 
'Simmons, C.R.'      1 0000-0002-2290-6132 
'MacCulloch, T.'     2 0000-0001-5875-3361 
'Stephanopoulos, N.' 3 0000-0001-7859-410X 
'Yan, H.'            4 0000-0001-7397-9852 
# 
_citation.abstract                  ? 
_citation.abstract_id_CAS           ? 
_citation.book_id_ISBN              ? 
_citation.book_publisher            ? 
_citation.book_publisher_city       ? 
_citation.book_title                ? 
_citation.coordinate_linkage        ? 
_citation.country                   US 
_citation.database_id_Medline       ? 
_citation.details                   ? 
_citation.id                        primary 
_citation.journal_abbrev            J.Am.Chem.Soc. 
_citation.journal_id_ASTM           JACSAT 
_citation.journal_id_CSD            ? 
_citation.journal_id_ISSN           1520-5126 
_citation.journal_full              ? 
_citation.journal_issue             ? 
_citation.journal_volume            145 
_citation.language                  ? 
_citation.page_first                26075 
_citation.page_last                 26085 
_citation.title                     
;Site-Specific Arrangement and Structure Determination of Minor Groove Binding Molecules in Self-Assembled Three-Dimensional DNA Crystals.
;
_citation.year                      2023 
_citation.database_id_CSD           ? 
_citation.pdbx_database_id_DOI      10.1021/jacs.3c07802 
_citation.pdbx_database_id_PubMed   37987645 
_citation.pdbx_database_id_patent   ? 
_citation.unpublished_flag          ? 
# 
loop_
_citation_author.citation_id 
_citation_author.name 
_citation_author.ordinal 
_citation_author.identifier_ORCID 
primary 'Simmons, C.R.'      1 0000-0002-2290-6132 
primary 'Buchberger, A.'     2 ?                   
primary 'Henry, S.J.W.'      3 0000-0002-5132-3948 
primary 'Novacek, A.'        4 ?                   
primary 'Fahmi, N.E.'        5 ?                   
primary 'MacCulloch, T.'     6 ?                   
primary 'Stephanopoulos, N.' 7 0000-0001-7859-410X 
primary 'Yan, H.'            8 0000-0001-7397-9852 
# 
_cell.angle_alpha                  90.00 
_cell.angle_alpha_esd              ? 
_cell.angle_beta                   90.00 
_cell.angle_beta_esd               ? 
_cell.angle_gamma                  120.00 
_cell.angle_gamma_esd              ? 
_cell.entry_id                     8TA9 
_cell.details                      ? 
_cell.formula_units_Z              ? 
_cell.length_a                     68.395 
_cell.length_a_esd                 ? 
_cell.length_b                     68.395 
_cell.length_b_esd                 ? 
_cell.length_c                     58.132 
_cell.length_c_esd                 ? 
_cell.volume                       ? 
_cell.volume_esd                   ? 
_cell.Z_PDB                        3 
_cell.reciprocal_angle_alpha       ? 
_cell.reciprocal_angle_beta        ? 
_cell.reciprocal_angle_gamma       ? 
_cell.reciprocal_angle_alpha_esd   ? 
_cell.reciprocal_angle_beta_esd    ? 
_cell.reciprocal_angle_gamma_esd   ? 
_cell.reciprocal_length_a          ? 
_cell.reciprocal_length_b          ? 
_cell.reciprocal_length_c          ? 
_cell.reciprocal_length_a_esd      ? 
_cell.reciprocal_length_b_esd      ? 
_cell.reciprocal_length_c_esd      ? 
_cell.pdbx_unique_axis             ? 
_cell.pdbx_esd_method              ? 
# 
_symmetry.entry_id                         8TA9 
_symmetry.cell_setting                     ? 
_symmetry.Int_Tables_number                145 
_symmetry.space_group_name_Hall            ? 
_symmetry.space_group_name_H-M             'P 32' 
_symmetry.pdbx_full_space_group_name_H-M   ? 
# 
loop_
_entity.id 
_entity.type 
_entity.src_method 
_entity.pdbx_description 
_entity.formula_weight 
_entity.pdbx_number_of_molecules 
_entity.pdbx_ec 
_entity.pdbx_mutation 
_entity.pdbx_fragment 
_entity.details 
1 polymer     syn 
;DNA (5'-D(*GP*AP*GP*AP*AP*TP*TP*CP*CP*TP*GP*AP*CP*GP*GP*AP*AP*CP*TP*CP*A*(DAP))-3')
;
6456.199 1 ? ? ? ? 
2 polymer     syn 
;DNA (5'-D(P*CP*CP*GP*TP*CP*A)-3')
;
1769.193 1 ? ? ? ? 
3 polymer     syn 
;DNA (5'-D(*TP*CP*TP*GP*AP*GP*TP*T)-3')
;
2432.614 1 ? ? ? ? 
4 polymer     syn 
;DNA (5'-D(P*GP*GP*AP*AP*TP*TP*C)-3')
;
2137.435 1 ? ? ? ? 
5 non-polymer syn 'COBALT (II) ION'                                                                     58.933   2 ? ? ? ? 
6 non-polymer syn '6-AMIDINE-2-(4-AMIDINO-PHENYL)INDOLE'                                                277.324  1 ? ? ? ? 
# 
loop_
_entity_poly.entity_id 
_entity_poly.type 
_entity_poly.nstd_linkage 
_entity_poly.nstd_monomer 
_entity_poly.pdbx_seq_one_letter_code 
_entity_poly.pdbx_seq_one_letter_code_can 
_entity_poly.pdbx_strand_id 
_entity_poly.pdbx_target_identifier 
1 polydeoxyribonucleotide no no 
;(DG)(DA)(DG)(DA)(DA)(DT)(DT)(DC)(DC)(DT)(DG)(DA)(DC)(DG)(DG)(DA)(DA)(DC)(DT)(DC)
(DA)
;
GAGAATTCCTGACGGAACTCA A ? 
2 polydeoxyribonucleotide no no '(DC)(DC)(DG)(DT)(DC)(DA)'                                                              CCGTCA B ? 
3 polydeoxyribonucleotide no no '(DT)(DC)(DT)(DG)(DA)(DG)(DT)(DT)'                                                      TCTGAGTT C 
? 
4 polydeoxyribonucleotide no no '(DG)(DG)(DA)(DA)(DT)(DT)(DC)'                                                          GGAATTC D 
? 
# 
loop_
_entity_poly_seq.entity_id 
_entity_poly_seq.num 
_entity_poly_seq.mon_id 
_entity_poly_seq.hetero 
1 1  DG n 
1 2  DA n 
1 3  DG n 
1 4  DA n 
1 5  DA n 
1 6  DT n 
1 7  DT n 
1 8  DC n 
1 9  DC n 
1 10 DT n 
1 11 DG n 
1 12 DA n 
1 13 DC n 
1 14 DG n 
1 15 DG n 
1 16 DA n 
1 17 DA n 
1 18 DC n 
1 19 DT n 
1 20 DC n 
1 21 DA n 
2 1  DC n 
2 2  DC n 
2 3  DG n 
2 4  DT n 
2 5  DC n 
2 6  DA n 
3 1  DT n 
3 2  DC n 
3 3  DT n 
3 4  DG n 
3 5  DA n 
3 6  DG n 
3 7  DT n 
3 8  DT n 
4 1  DG n 
4 2  DG n 
4 3  DA n 
4 4  DA n 
4 5  DT n 
4 6  DT n 
4 7  DC n 
# 
loop_
_pdbx_entity_src_syn.entity_id 
_pdbx_entity_src_syn.pdbx_src_id 
_pdbx_entity_src_syn.pdbx_alt_source_flag 
_pdbx_entity_src_syn.pdbx_beg_seq_num 
_pdbx_entity_src_syn.pdbx_end_seq_num 
_pdbx_entity_src_syn.organism_scientific 
_pdbx_entity_src_syn.organism_common_name 
_pdbx_entity_src_syn.ncbi_taxonomy_id 
_pdbx_entity_src_syn.details 
1 1 sample 1 21 'synthetic construct' ? 32630 ? 
2 1 sample 1 6  'synthetic construct' ? 32630 ? 
3 1 sample 1 8  'synthetic construct' ? 32630 ? 
4 1 sample 1 7  'synthetic construct' ? 32630 ? 
# 
loop_
_struct_ref.id 
_struct_ref.db_name 
_struct_ref.db_code 
_struct_ref.pdbx_db_accession 
_struct_ref.pdbx_db_isoform 
_struct_ref.entity_id 
_struct_ref.pdbx_seq_one_letter_code 
_struct_ref.pdbx_align_begin 
1 PDB 8TA9 8TA9 ? 1 ? 1 
2 PDB 8TA9 8TA9 ? 2 ? 1 
3 PDB 8TA9 8TA9 ? 3 ? 1 
4 PDB 8TA9 8TA9 ? 4 ? 1 
# 
loop_
_struct_ref_seq.align_id 
_struct_ref_seq.ref_id 
_struct_ref_seq.pdbx_PDB_id_code 
_struct_ref_seq.pdbx_strand_id 
_struct_ref_seq.seq_align_beg 
_struct_ref_seq.pdbx_seq_align_beg_ins_code 
_struct_ref_seq.seq_align_end 
_struct_ref_seq.pdbx_seq_align_end_ins_code 
_struct_ref_seq.pdbx_db_accession 
_struct_ref_seq.db_align_beg 
_struct_ref_seq.pdbx_db_align_beg_ins_code 
_struct_ref_seq.db_align_end 
_struct_ref_seq.pdbx_db_align_end_ins_code 
_struct_ref_seq.pdbx_auth_seq_align_beg 
_struct_ref_seq.pdbx_auth_seq_align_end 
1 1 8TA9 A 1 ? 21 ? 8TA9 1  ? 21 ? 1  21 
2 2 8TA9 B 1 ? 6  ? 8TA9 0  ? 5  ? 0  5  
3 3 8TA9 C 1 ? 8  ? 8TA9 1  ? 8  ? 1  8  
4 4 8TA9 D 1 ? 7  ? 8TA9 10 ? 16 ? 10 16 
# 
loop_
_chem_comp.id 
_chem_comp.type 
_chem_comp.mon_nstd_flag 
_chem_comp.name 
_chem_comp.pdbx_synonyms 
_chem_comp.formula 
_chem_comp.formula_weight 
CO  non-polymer   . 'COBALT (II) ION'                      ? 'Co 2'            58.933  
DA  'DNA linking' y "2'-DEOXYADENOSINE-5'-MONOPHOSPHATE"   ? 'C10 H14 N5 O6 P' 331.222 
DAP non-polymer   . '6-AMIDINE-2-(4-AMIDINO-PHENYL)INDOLE' ? 'C16 H15 N5'      277.324 
DC  'DNA linking' y "2'-DEOXYCYTIDINE-5'-MONOPHOSPHATE"    ? 'C9 H14 N3 O7 P'  307.197 
DG  'DNA linking' y "2'-DEOXYGUANOSINE-5'-MONOPHOSPHATE"   ? 'C10 H14 N5 O7 P' 347.221 
DT  'DNA linking' y "THYMIDINE-5'-MONOPHOSPHATE"           ? 'C10 H15 N2 O8 P' 322.208 
# 
_exptl.absorpt_coefficient_mu     ? 
_exptl.absorpt_correction_T_max   ? 
_exptl.absorpt_correction_T_min   ? 
_exptl.absorpt_correction_type    ? 
_exptl.absorpt_process_details    ? 
_exptl.entry_id                   8TA9 
_exptl.crystals_number            1 
_exptl.details                    ? 
_exptl.method                     'X-RAY DIFFRACTION' 
_exptl.method_details             ? 
# 
_exptl_crystal.colour                       ? 
_exptl_crystal.density_diffrn               ? 
_exptl_crystal.density_Matthews             6.14 
_exptl_crystal.density_method               ? 
_exptl_crystal.density_percent_sol          79.95 
_exptl_crystal.description                  ? 
_exptl_crystal.F_000                        ? 
_exptl_crystal.id                           1 
_exptl_crystal.preparation                  ? 
_exptl_crystal.size_max                     ? 
_exptl_crystal.size_mid                     ? 
_exptl_crystal.size_min                     ? 
_exptl_crystal.size_rad                     ? 
_exptl_crystal.colour_lustre                ? 
_exptl_crystal.colour_modifier              ? 
_exptl_crystal.colour_primary               ? 
_exptl_crystal.density_meas                 ? 
_exptl_crystal.density_meas_esd             ? 
_exptl_crystal.density_meas_gt              ? 
_exptl_crystal.density_meas_lt              ? 
_exptl_crystal.density_meas_temp            ? 
_exptl_crystal.density_meas_temp_esd        ? 
_exptl_crystal.density_meas_temp_gt         ? 
_exptl_crystal.density_meas_temp_lt         ? 
_exptl_crystal.pdbx_crystal_image_url       ? 
_exptl_crystal.pdbx_crystal_image_format    ? 
_exptl_crystal.pdbx_mosaicity               ? 
_exptl_crystal.pdbx_mosaicity_esd           ? 
_exptl_crystal.pdbx_mosaic_method           ? 
_exptl_crystal.pdbx_mosaic_block_size       ? 
_exptl_crystal.pdbx_mosaic_block_size_esd   ? 
# 
_exptl_crystal_grow.apparatus       ? 
_exptl_crystal_grow.atmosphere      ? 
_exptl_crystal_grow.crystal_id      1 
_exptl_crystal_grow.details         ? 
_exptl_crystal_grow.method          'VAPOR DIFFUSION, SITTING DROP' 
_exptl_crystal_grow.method_ref      ? 
_exptl_crystal_grow.pH              ? 
_exptl_crystal_grow.pressure        ? 
_exptl_crystal_grow.pressure_esd    ? 
_exptl_crystal_grow.seeding         ? 
_exptl_crystal_grow.seeding_ref     ? 
_exptl_crystal_grow.temp_details    'temperature gradient generated from 60 to 25 C at 0.3 degrees per hour' 
_exptl_crystal_grow.temp_esd        ? 
_exptl_crystal_grow.time            ? 
_exptl_crystal_grow.pdbx_details    
;0.5 mL of 0.05 M Na cacodylate pH 6.5 with 1.0 mM spermine, 2.0 mM CoH18N6, 30 mM CaCl2, and 2.0 M LiCl was added to the reservoir with 2 uL added to the drop containing 4 uL of DNA stock.
;
_exptl_crystal_grow.pdbx_pH_range   ? 
_exptl_crystal_grow.temp            298 
# 
_diffrn.ambient_environment              ? 
_diffrn.ambient_temp                     100 
_diffrn.ambient_temp_details             ? 
_diffrn.ambient_temp_esd                 ? 
_diffrn.crystal_id                       1 
_diffrn.crystal_support                  ? 
_diffrn.crystal_treatment                ? 
_diffrn.details                          ? 
_diffrn.id                               1 
_diffrn.ambient_pressure                 ? 
_diffrn.ambient_pressure_esd             ? 
_diffrn.ambient_pressure_gt              ? 
_diffrn.ambient_pressure_lt              ? 
_diffrn.ambient_temp_gt                  ? 
_diffrn.ambient_temp_lt                  ? 
_diffrn.pdbx_serial_crystal_experiment   N 
# 
_diffrn_detector.details                      ? 
_diffrn_detector.detector                     PIXEL 
_diffrn_detector.diffrn_id                    1 
_diffrn_detector.type                         'DECTRIS PILATUS3 6M' 
_diffrn_detector.area_resol_mean              ? 
_diffrn_detector.dtime                        ? 
_diffrn_detector.pdbx_frames_total            ? 
_diffrn_detector.pdbx_collection_time_total   ? 
_diffrn_detector.pdbx_collection_date         2022-09-17 
_diffrn_detector.pdbx_frequency               ? 
_diffrn_detector.id                           ? 
_diffrn_detector.number_of_axes               ? 
# 
_diffrn_radiation.collimation                      ? 
_diffrn_radiation.diffrn_id                        1 
_diffrn_radiation.filter_edge                      ? 
_diffrn_radiation.inhomogeneity                    ? 
_diffrn_radiation.monochromator                    ? 
_diffrn_radiation.polarisn_norm                    ? 
_diffrn_radiation.polarisn_ratio                   ? 
_diffrn_radiation.probe                            ? 
_diffrn_radiation.type                             ? 
_diffrn_radiation.xray_symbol                      ? 
_diffrn_radiation.wavelength_id                    1 
_diffrn_radiation.pdbx_monochromatic_or_laue_m_l   M 
_diffrn_radiation.pdbx_wavelength_list             ? 
_diffrn_radiation.pdbx_wavelength                  ? 
_diffrn_radiation.pdbx_diffrn_protocol             'SINGLE WAVELENGTH' 
_diffrn_radiation.pdbx_analyzer                    ? 
_diffrn_radiation.pdbx_scattering_type             x-ray 
# 
_diffrn_radiation_wavelength.id           1 
_diffrn_radiation_wavelength.wavelength   0.92 
_diffrn_radiation_wavelength.wt           1.0 
# 
_diffrn_source.current                     ? 
_diffrn_source.details                     ? 
_diffrn_source.diffrn_id                   1 
_diffrn_source.power                       ? 
_diffrn_source.size                        ? 
_diffrn_source.source                      SYNCHROTRON 
_diffrn_source.target                      ? 
_diffrn_source.type                        'APS BEAMLINE 19-ID' 
_diffrn_source.voltage                     ? 
_diffrn_source.take-off_angle              ? 
_diffrn_source.pdbx_wavelength_list        0.92 
_diffrn_source.pdbx_wavelength             ? 
_diffrn_source.pdbx_synchrotron_beamline   19-ID 
_diffrn_source.pdbx_synchrotron_site       APS 
# 
_reflns.B_iso_Wilson_estimate                          ? 
_reflns.entry_id                                       8TA9 
_reflns.data_reduction_details                         ? 
_reflns.data_reduction_method                          ? 
_reflns.d_resolution_high                              2.80 
_reflns.d_resolution_low                               50.00 
_reflns.details                                        ? 
_reflns.limit_h_max                                    ? 
_reflns.limit_h_min                                    ? 
_reflns.limit_k_max                                    ? 
_reflns.limit_k_min                                    ? 
_reflns.limit_l_max                                    ? 
_reflns.limit_l_min                                    ? 
_reflns.number_all                                     ? 
_reflns.number_obs                                     7272 
_reflns.observed_criterion                             ? 
_reflns.observed_criterion_F_max                       ? 
_reflns.observed_criterion_F_min                       ? 
_reflns.observed_criterion_I_max                       ? 
_reflns.observed_criterion_I_min                       ? 
_reflns.observed_criterion_sigma_F                     ? 
_reflns.observed_criterion_sigma_I                     ? 
_reflns.percent_possible_obs                           97.2 
_reflns.R_free_details                                 ? 
_reflns.Rmerge_F_all                                   ? 
_reflns.Rmerge_F_obs                                   ? 
_reflns.Friedel_coverage                               ? 
_reflns.number_gt                                      ? 
_reflns.threshold_expression                           ? 
_reflns.pdbx_redundancy                                9.7 
_reflns.pdbx_netI_over_av_sigmaI                       ? 
_reflns.pdbx_netI_over_sigmaI                          6.9 
_reflns.pdbx_res_netI_over_av_sigmaI_2                 ? 
_reflns.pdbx_res_netI_over_sigmaI_2                    ? 
_reflns.pdbx_chi_squared                               4.085 
_reflns.pdbx_scaling_rejects                           ? 
_reflns.pdbx_d_res_high_opt                            ? 
_reflns.pdbx_d_res_low_opt                             ? 
_reflns.pdbx_d_res_opt_method                          ? 
_reflns.phase_calculation_details                      ? 
_reflns.pdbx_Rrim_I_all                                0.124 
_reflns.pdbx_Rpim_I_all                                0.038 
_reflns.pdbx_d_opt                                     ? 
_reflns.pdbx_number_measured_all                       ? 
_reflns.pdbx_diffrn_id                                 1 
_reflns.pdbx_ordinal                                   1 
_reflns.pdbx_CC_half                                   1.0 
_reflns.pdbx_CC_star                                   ? 
_reflns.pdbx_R_split                                   ? 
_reflns.pdbx_Rmerge_I_obs                              0.118 
_reflns.pdbx_Rmerge_I_all                              ? 
_reflns.pdbx_Rsym_value                                ? 
_reflns.pdbx_CC_split_method                           ? 
_reflns.pdbx_aniso_diffraction_limit_axis_1_ortho[1]   ? 
_reflns.pdbx_aniso_diffraction_limit_axis_1_ortho[2]   ? 
_reflns.pdbx_aniso_diffraction_limit_axis_1_ortho[3]   ? 
_reflns.pdbx_aniso_diffraction_limit_axis_2_ortho[1]   ? 
_reflns.pdbx_aniso_diffraction_limit_axis_2_ortho[2]   ? 
_reflns.pdbx_aniso_diffraction_limit_axis_2_ortho[3]   ? 
_reflns.pdbx_aniso_diffraction_limit_axis_3_ortho[1]   ? 
_reflns.pdbx_aniso_diffraction_limit_axis_3_ortho[2]   ? 
_reflns.pdbx_aniso_diffraction_limit_axis_3_ortho[3]   ? 
_reflns.pdbx_aniso_diffraction_limit_1                 ? 
_reflns.pdbx_aniso_diffraction_limit_2                 ? 
_reflns.pdbx_aniso_diffraction_limit_3                 ? 
_reflns.pdbx_aniso_B_tensor_eigenvector_1_ortho[1]     ? 
_reflns.pdbx_aniso_B_tensor_eigenvector_1_ortho[2]     ? 
_reflns.pdbx_aniso_B_tensor_eigenvector_1_ortho[3]     ? 
_reflns.pdbx_aniso_B_tensor_eigenvector_2_ortho[1]     ? 
_reflns.pdbx_aniso_B_tensor_eigenvector_2_ortho[2]     ? 
_reflns.pdbx_aniso_B_tensor_eigenvector_2_ortho[3]     ? 
_reflns.pdbx_aniso_B_tensor_eigenvector_3_ortho[1]     ? 
_reflns.pdbx_aniso_B_tensor_eigenvector_3_ortho[2]     ? 
_reflns.pdbx_aniso_B_tensor_eigenvector_3_ortho[3]     ? 
_reflns.pdbx_aniso_B_tensor_eigenvalue_1               ? 
_reflns.pdbx_aniso_B_tensor_eigenvalue_2               ? 
_reflns.pdbx_aniso_B_tensor_eigenvalue_3               ? 
_reflns.pdbx_orthogonalization_convention              ? 
_reflns.pdbx_percent_possible_ellipsoidal              ? 
_reflns.pdbx_percent_possible_spherical                ? 
_reflns.pdbx_percent_possible_ellipsoidal_anomalous    ? 
_reflns.pdbx_percent_possible_spherical_anomalous      ? 
_reflns.pdbx_redundancy_anomalous                      ? 
_reflns.pdbx_CC_half_anomalous                         ? 
_reflns.pdbx_absDiff_over_sigma_anomalous              ? 
_reflns.pdbx_percent_possible_anomalous                ? 
_reflns.pdbx_observed_signal_threshold                 ? 
_reflns.pdbx_signal_type                               ? 
_reflns.pdbx_signal_details                            ? 
_reflns.pdbx_signal_software_id                        ? 
# 
loop_
_reflns_shell.d_res_high 
_reflns_shell.d_res_low 
_reflns_shell.meanI_over_sigI_all 
_reflns_shell.meanI_over_sigI_obs 
_reflns_shell.number_measured_all 
_reflns_shell.number_measured_obs 
_reflns_shell.number_possible 
_reflns_shell.number_unique_all 
_reflns_shell.number_unique_obs 
_reflns_shell.percent_possible_obs 
_reflns_shell.Rmerge_F_all 
_reflns_shell.Rmerge_F_obs 
_reflns_shell.meanI_over_sigI_gt 
_reflns_shell.meanI_over_uI_all 
_reflns_shell.meanI_over_uI_gt 
_reflns_shell.number_measured_gt 
_reflns_shell.number_unique_gt 
_reflns_shell.percent_possible_gt 
_reflns_shell.Rmerge_F_gt 
_reflns_shell.Rmerge_I_gt 
_reflns_shell.pdbx_redundancy 
_reflns_shell.pdbx_chi_squared 
_reflns_shell.pdbx_netI_over_sigmaI_all 
_reflns_shell.pdbx_netI_over_sigmaI_obs 
_reflns_shell.pdbx_Rrim_I_all 
_reflns_shell.pdbx_Rpim_I_all 
_reflns_shell.pdbx_rejects 
_reflns_shell.pdbx_ordinal 
_reflns_shell.pdbx_diffrn_id 
_reflns_shell.pdbx_CC_half 
_reflns_shell.pdbx_CC_star 
_reflns_shell.pdbx_R_split 
_reflns_shell.percent_possible_all 
_reflns_shell.Rmerge_I_all 
_reflns_shell.Rmerge_I_obs 
_reflns_shell.pdbx_Rsym_value 
_reflns_shell.pdbx_percent_possible_ellipsoidal 
_reflns_shell.pdbx_percent_possible_spherical 
_reflns_shell.pdbx_percent_possible_ellipsoidal_anomalous 
_reflns_shell.pdbx_percent_possible_spherical_anomalous 
_reflns_shell.pdbx_redundancy_anomalous 
_reflns_shell.pdbx_CC_half_anomalous 
_reflns_shell.pdbx_absDiff_over_sigma_anomalous 
_reflns_shell.pdbx_percent_possible_anomalous 
2.80 2.85  ? ? ? ? ? ? 279 ? ? ? ? ? ? ? ? ? ? ? 7.8  0.435  ? ? 1.156 0.382 ? 1  1 0.730 0.919 ? 76.9  ? 1.088 ? ? ? ? ? ? ? ? ? 
2.85 2.90  ? ? ? ? ? ? 299 ? ? ? ? ? ? ? ? ? ? ? 7.4  0.442  ? ? 1.122 0.382 ? 2  1 0.786 0.938 ? 81.9  ? 1.052 ? ? ? ? ? ? ? ? ? 
2.90 2.96  ? ? ? ? ? ? 338 ? ? ? ? ? ? ? ? ? ? ? 7.6  0.449  ? ? 0.733 0.244 ? 3  1 0.918 0.978 ? 89.7  ? 0.689 ? ? ? ? ? ? ? ? ? 
2.96 3.02  ? ? ? ? ? ? 358 ? ? ? ? ? ? ? ? ? ? ? 8.0  0.473  ? ? 0.601 0.198 ? 4  1 0.946 0.986 ? 95.5  ? 0.566 ? ? ? ? ? ? ? ? ? 
3.02 3.08  ? ? ? ? ? ? 366 ? ? ? ? ? ? ? ? ? ? ? 8.4  0.499  ? ? 0.442 0.143 ? 5  1 0.980 0.995 ? 99.2  ? 0.417 ? ? ? ? ? ? ? ? ? 
3.08 3.15  ? ? ? ? ? ? 360 ? ? ? ? ? ? ? ? ? ? ? 9.0  0.732  ? ? 0.199 0.063 ? 6  1 0.995 0.999 ? 100.0 ? 0.188 ? ? ? ? ? ? ? ? ? 
3.15 3.23  ? ? ? ? ? ? 411 ? ? ? ? ? ? ? ? ? ? ? 8.9  0.989  ? ? 0.112 0.036 ? 7  1 0.998 0.999 ? 100.0 ? 0.106 ? ? ? ? ? ? ? ? ? 
3.23 3.32  ? ? ? ? ? ? 359 ? ? ? ? ? ? ? ? ? ? ? 9.6  1.048  ? ? 0.117 0.038 ? 8  1 0.997 0.999 ? 100.0 ? 0.110 ? ? ? ? ? ? ? ? ? 
3.32 3.42  ? ? ? ? ? ? 384 ? ? ? ? ? ? ? ? ? ? ? 10.7 1.343  ? ? 0.111 0.033 ? 9  1 0.998 0.999 ? 100.0 ? 0.106 ? ? ? ? ? ? ? ? ? 
3.42 3.53  ? ? ? ? ? ? 369 ? ? ? ? ? ? ? ? ? ? ? 10.6 1.516  ? ? 0.122 0.037 ? 10 1 0.997 0.999 ? 100.0 ? 0.116 ? ? ? ? ? ? ? ? ? 
3.53 3.65  ? ? ? ? ? ? 367 ? ? ? ? ? ? ? ? ? ? ? 10.7 1.409  ? ? 0.126 0.038 ? 11 1 0.997 0.999 ? 100.0 ? 0.120 ? ? ? ? ? ? ? ? ? 
3.65 3.80  ? ? ? ? ? ? 372 ? ? ? ? ? ? ? ? ? ? ? 10.6 1.743  ? ? 0.139 0.042 ? 12 1 0.993 0.998 ? 100.0 ? 0.133 ? ? ? ? ? ? ? ? ? 
3.80 3.97  ? ? ? ? ? ? 386 ? ? ? ? ? ? ? ? ? ? ? 10.0 1.770  ? ? 0.141 0.045 ? 13 1 0.994 0.998 ? 100.0 ? 0.134 ? ? ? ? ? ? ? ? ? 
3.97 4.18  ? ? ? ? ? ? 363 ? ? ? ? ? ? ? ? ? ? ? 10.1 3.241  ? ? 0.123 0.038 ? 14 1 0.992 0.998 ? 100.0 ? 0.117 ? ? ? ? ? ? ? ? ? 
4.18 4.44  ? ? ? ? ? ? 376 ? ? ? ? ? ? ? ? ? ? ? 10.9 3.855  ? ? 0.123 0.037 ? 15 1 0.991 0.998 ? 100.0 ? 0.118 ? ? ? ? ? ? ? ? ? 
4.44 4.79  ? ? ? ? ? ? 376 ? ? ? ? ? ? ? ? ? ? ? 10.7 4.549  ? ? 0.127 0.039 ? 16 1 0.979 0.995 ? 100.0 ? 0.121 ? ? ? ? ? ? ? ? ? 
4.79 5.27  ? ? ? ? ? ? 389 ? ? ? ? ? ? ? ? ? ? ? 10.0 4.524  ? ? 0.105 0.033 ? 17 1 0.990 0.997 ? 100.0 ? 0.100 ? ? ? ? ? ? ? ? ? 
5.27 6.03  ? ? ? ? ? ? 367 ? ? ? ? ? ? ? ? ? ? ? 10.8 7.441  ? ? 0.094 0.029 ? 18 1 0.988 0.997 ? 100.0 ? 0.090 ? ? ? ? ? ? ? ? ? 
6.03 7.59  ? ? ? ? ? ? 381 ? ? ? ? ? ? ? ? ? ? ? 10.6 6.609  ? ? 0.081 0.025 ? 19 1 0.996 0.999 ? 100.0 ? 0.077 ? ? ? ? ? ? ? ? ? 
7.59 50.00 ? ? ? ? ? ? 372 ? ? ? ? ? ? ? ? ? ? ? 10.4 30.942 ? ? 0.133 0.041 ? 20 1 0.994 0.999 ? 100.0 ? 0.126 ? ? ? ? ? ? ? ? ? 
# 
_refine.aniso_B[1][1]                            -0.03 
_refine.aniso_B[1][2]                            -0.01 
_refine.aniso_B[1][3]                            0.00 
_refine.aniso_B[2][2]                            -0.03 
_refine.aniso_B[2][3]                            0.00 
_refine.aniso_B[3][3]                            0.09 
_refine.B_iso_max                                ? 
_refine.B_iso_mean                               83.909 
_refine.B_iso_min                                ? 
_refine.correlation_coeff_Fo_to_Fc               0.976 
_refine.correlation_coeff_Fo_to_Fc_free          0.960 
_refine.details                                  'HYDROGENS HAVE BEEN ADDED IN THE RIDING POSITIONS' 
_refine.diff_density_max                         ? 
_refine.diff_density_max_esd                     ? 
_refine.diff_density_min                         ? 
_refine.diff_density_min_esd                     ? 
_refine.diff_density_rms                         ? 
_refine.diff_density_rms_esd                     ? 
_refine.entry_id                                 8TA9 
_refine.pdbx_refine_id                           'X-RAY DIFFRACTION' 
_refine.ls_abs_structure_details                 ? 
_refine.ls_abs_structure_Flack                   ? 
_refine.ls_abs_structure_Flack_esd               ? 
_refine.ls_abs_structure_Rogers                  ? 
_refine.ls_abs_structure_Rogers_esd              ? 
_refine.ls_d_res_high                            2.80 
_refine.ls_d_res_low                             41.52 
_refine.ls_extinction_coef                       ? 
_refine.ls_extinction_coef_esd                   ? 
_refine.ls_extinction_expression                 ? 
_refine.ls_extinction_method                     ? 
_refine.ls_goodness_of_fit_all                   ? 
_refine.ls_goodness_of_fit_all_esd               ? 
_refine.ls_goodness_of_fit_obs                   ? 
_refine.ls_goodness_of_fit_obs_esd               ? 
_refine.ls_hydrogen_treatment                    ? 
_refine.ls_matrix_type                           ? 
_refine.ls_number_constraints                    ? 
_refine.ls_number_parameters                     ? 
_refine.ls_number_reflns_all                     ? 
_refine.ls_number_reflns_obs                     6763 
_refine.ls_number_reflns_R_free                  364 
_refine.ls_number_reflns_R_work                  ? 
_refine.ls_number_restraints                     ? 
_refine.ls_percent_reflns_obs                    95.42 
_refine.ls_percent_reflns_R_free                 5.1 
_refine.ls_R_factor_all                          ? 
_refine.ls_R_factor_obs                          0.19491 
_refine.ls_R_factor_R_free                       0.24397 
_refine.ls_R_factor_R_free_error                 ? 
_refine.ls_R_factor_R_free_error_details         ? 
_refine.ls_R_factor_R_work                       0.19245 
_refine.ls_R_Fsqd_factor_obs                     ? 
_refine.ls_R_I_factor_obs                        ? 
_refine.ls_redundancy_reflns_all                 ? 
_refine.ls_redundancy_reflns_obs                 ? 
_refine.ls_restrained_S_all                      ? 
_refine.ls_restrained_S_obs                      ? 
_refine.ls_shift_over_esd_max                    ? 
_refine.ls_shift_over_esd_mean                   ? 
_refine.ls_structure_factor_coef                 ? 
_refine.ls_weighting_details                     ? 
_refine.ls_weighting_scheme                      ? 
_refine.ls_wR_factor_all                         ? 
_refine.ls_wR_factor_obs                         ? 
_refine.ls_wR_factor_R_free                      ? 
_refine.ls_wR_factor_R_work                      ? 
_refine.occupancy_max                            ? 
_refine.occupancy_min                            ? 
_refine.solvent_model_details                    MASK 
_refine.solvent_model_param_bsol                 ? 
_refine.solvent_model_param_ksol                 ? 
_refine.pdbx_R_complete                          ? 
_refine.ls_R_factor_gt                           ? 
_refine.ls_goodness_of_fit_gt                    ? 
_refine.ls_goodness_of_fit_ref                   ? 
_refine.ls_shift_over_su_max                     ? 
_refine.ls_shift_over_su_max_lt                  ? 
_refine.ls_shift_over_su_mean                    ? 
_refine.ls_shift_over_su_mean_lt                 ? 
_refine.pdbx_ls_sigma_I                          ? 
_refine.pdbx_ls_sigma_F                          ? 
_refine.pdbx_ls_sigma_Fsqd                       ? 
_refine.pdbx_data_cutoff_high_absF               ? 
_refine.pdbx_data_cutoff_high_rms_absF           ? 
_refine.pdbx_data_cutoff_low_absF                ? 
_refine.pdbx_isotropic_thermal_model             ? 
_refine.pdbx_ls_cross_valid_method               THROUGHOUT 
_refine.pdbx_method_to_determine_struct          'MOLECULAR REPLACEMENT' 
_refine.pdbx_starting_model                      ? 
_refine.pdbx_stereochemistry_target_values       'MAXIMUM LIKELIHOOD' 
_refine.pdbx_R_Free_selection_details            RANDOM 
_refine.pdbx_stereochem_target_val_spec_case     ? 
_refine.pdbx_overall_ESU_R                       0.290 
_refine.pdbx_overall_ESU_R_Free                  0.255 
_refine.pdbx_solvent_vdw_probe_radii             1.20 
_refine.pdbx_solvent_ion_probe_radii             0.80 
_refine.pdbx_solvent_shrinkage_radii             0.80 
_refine.pdbx_real_space_R                        ? 
_refine.pdbx_density_correlation                 ? 
_refine.pdbx_pd_number_of_powder_patterns        ? 
_refine.pdbx_pd_number_of_points                 ? 
_refine.pdbx_pd_meas_number_of_points            ? 
_refine.pdbx_pd_proc_ls_prof_R_factor            ? 
_refine.pdbx_pd_proc_ls_prof_wR_factor           ? 
_refine.pdbx_pd_Marquardt_correlation_coeff      ? 
_refine.pdbx_pd_Fsqrd_R_factor                   ? 
_refine.pdbx_pd_ls_matrix_band_width             ? 
_refine.pdbx_overall_phase_error                 ? 
_refine.pdbx_overall_SU_R_free_Cruickshank_DPI   ? 
_refine.pdbx_overall_SU_R_free_Blow_DPI          ? 
_refine.pdbx_overall_SU_R_Blow_DPI               ? 
_refine.pdbx_TLS_residual_ADP_flag               ? 
_refine.pdbx_diffrn_id                           1 
_refine.overall_SU_B                             12.132 
_refine.overall_SU_ML                            0.223 
_refine.overall_SU_R_Cruickshank_DPI             ? 
_refine.overall_SU_R_free                        ? 
_refine.overall_FOM_free_R_set                   ? 
_refine.overall_FOM_work_R_set                   ? 
_refine.pdbx_average_fsc_overall                 ? 
_refine.pdbx_average_fsc_work                    ? 
_refine.pdbx_average_fsc_free                    ? 
# 
_refine_hist.pdbx_refine_id                   'X-RAY DIFFRACTION' 
_refine_hist.cycle_id                         1 
_refine_hist.details                          ? 
_refine_hist.d_res_high                       2.80 
_refine_hist.d_res_low                        41.52 
_refine_hist.number_atoms_solvent             0 
_refine_hist.number_atoms_total               878 
_refine_hist.number_reflns_all                ? 
_refine_hist.number_reflns_obs                ? 
_refine_hist.number_reflns_R_free             ? 
_refine_hist.number_reflns_R_work             ? 
_refine_hist.R_factor_all                     ? 
_refine_hist.R_factor_obs                     ? 
_refine_hist.R_factor_R_free                  ? 
_refine_hist.R_factor_R_work                  ? 
_refine_hist.pdbx_number_residues_total       ? 
_refine_hist.pdbx_B_iso_mean_ligand           ? 
_refine_hist.pdbx_B_iso_mean_solvent          ? 
_refine_hist.pdbx_number_atoms_protein        0 
_refine_hist.pdbx_number_atoms_nucleic_acid   855 
_refine_hist.pdbx_number_atoms_ligand         23 
_refine_hist.pdbx_number_atoms_lipid          ? 
_refine_hist.pdbx_number_atoms_carb           ? 
_refine_hist.pdbx_pseudo_atom_details         ? 
# 
loop_
_refine_ls_restr.pdbx_refine_id 
_refine_ls_restr.criterion 
_refine_ls_restr.dev_ideal 
_refine_ls_restr.dev_ideal_target 
_refine_ls_restr.number 
_refine_ls_restr.rejects 
_refine_ls_restr.type 
_refine_ls_restr.weight 
_refine_ls_restr.pdbx_restraint_function 
'X-RAY DIFFRACTION' ? 0.007  0.011  979  ? r_bond_refined_d             ? ? 
'X-RAY DIFFRACTION' ? 0.007  0.017  485  ? r_bond_other_d               ? ? 
'X-RAY DIFFRACTION' ? 2.329  1.791  1500 ? r_angle_refined_deg          ? ? 
'X-RAY DIFFRACTION' ? 0.492  1.544  1147 ? r_angle_other_deg            ? ? 
'X-RAY DIFFRACTION' ? ?      ?      ?    ? r_dihedral_angle_1_deg       ? ? 
'X-RAY DIFFRACTION' ? ?      ?      ?    ? r_dihedral_angle_2_deg       ? ? 
'X-RAY DIFFRACTION' ? ?      ?      ?    ? r_dihedral_angle_3_deg       ? ? 
'X-RAY DIFFRACTION' ? ?      ?      ?    ? r_dihedral_angle_4_deg       ? ? 
'X-RAY DIFFRACTION' ? 0.155  0.200  164  ? r_chiral_restr               ? ? 
'X-RAY DIFFRACTION' ? 0.013  0.020  532  ? r_gen_planes_refined         ? ? 
'X-RAY DIFFRACTION' ? 0.001  0.020  157  ? r_gen_planes_other           ? ? 
'X-RAY DIFFRACTION' ? ?      ?      ?    ? r_nbd_refined                ? ? 
'X-RAY DIFFRACTION' ? ?      ?      ?    ? r_nbd_other                  ? ? 
'X-RAY DIFFRACTION' ? ?      ?      ?    ? r_nbtor_refined              ? ? 
'X-RAY DIFFRACTION' ? ?      ?      ?    ? r_nbtor_other                ? ? 
'X-RAY DIFFRACTION' ? ?      ?      ?    ? r_xyhbond_nbd_refined        ? ? 
'X-RAY DIFFRACTION' ? ?      ?      ?    ? r_xyhbond_nbd_other          ? ? 
'X-RAY DIFFRACTION' ? ?      ?      ?    ? r_metal_ion_refined          ? ? 
'X-RAY DIFFRACTION' ? ?      ?      ?    ? r_metal_ion_other            ? ? 
'X-RAY DIFFRACTION' ? ?      ?      ?    ? r_symmetry_vdw_refined       ? ? 
'X-RAY DIFFRACTION' ? ?      ?      ?    ? r_symmetry_vdw_other         ? ? 
'X-RAY DIFFRACTION' ? ?      ?      ?    ? r_symmetry_hbond_refined     ? ? 
'X-RAY DIFFRACTION' ? ?      ?      ?    ? r_symmetry_hbond_other       ? ? 
'X-RAY DIFFRACTION' ? ?      ?      ?    ? r_symmetry_metal_ion_refined ? ? 
'X-RAY DIFFRACTION' ? ?      ?      ?    ? r_symmetry_metal_ion_other   ? ? 
'X-RAY DIFFRACTION' ? ?      ?      ?    ? r_mcbond_it                  ? ? 
'X-RAY DIFFRACTION' ? ?      ?      ?    ? r_mcbond_other               ? ? 
'X-RAY DIFFRACTION' ? ?      ?      ?    ? r_mcangle_it                 ? ? 
'X-RAY DIFFRACTION' ? ?      ?      ?    ? r_mcangle_other              ? ? 
'X-RAY DIFFRACTION' ? 9.089  8.484  979  ? r_scbond_it                  ? ? 
'X-RAY DIFFRACTION' ? 9.085  8.484  980  ? r_scbond_other               ? ? 
'X-RAY DIFFRACTION' ? ?      ?      ?    ? r_scangle_it                 ? ? 
'X-RAY DIFFRACTION' ? 12.514 12.698 1501 ? r_scangle_other              ? ? 
'X-RAY DIFFRACTION' ? 14.889 ?      1452 ? r_long_range_B_refined       ? ? 
'X-RAY DIFFRACTION' ? 14.884 ?      1453 ? r_long_range_B_other         ? ? 
'X-RAY DIFFRACTION' ? ?      ?      ?    ? r_rigid_bond_restr           ? ? 
'X-RAY DIFFRACTION' ? ?      ?      ?    ? r_sphericity_free            ? ? 
'X-RAY DIFFRACTION' ? ?      ?      ?    ? r_sphericity_bonded          ? ? 
# 
_refine_ls_shell.pdbx_refine_id                   'X-RAY DIFFRACTION' 
_refine_ls_shell.d_res_high                       2.801 
_refine_ls_shell.d_res_low                        2.874 
_refine_ls_shell.number_reflns_all                ? 
_refine_ls_shell.number_reflns_obs                ? 
_refine_ls_shell.number_reflns_R_free             19 
_refine_ls_shell.number_reflns_R_work             422 
_refine_ls_shell.percent_reflns_obs               79.03 
_refine_ls_shell.percent_reflns_R_free            ? 
_refine_ls_shell.R_factor_all                     ? 
_refine_ls_shell.R_factor_obs                     ? 
_refine_ls_shell.R_factor_R_free_error            ? 
_refine_ls_shell.R_factor_R_work                  0.706 
_refine_ls_shell.redundancy_reflns_all            ? 
_refine_ls_shell.redundancy_reflns_obs            ? 
_refine_ls_shell.wR_factor_all                    ? 
_refine_ls_shell.wR_factor_obs                    ? 
_refine_ls_shell.wR_factor_R_free                 ? 
_refine_ls_shell.wR_factor_R_work                 ? 
_refine_ls_shell.pdbx_R_complete                  ? 
_refine_ls_shell.pdbx_total_number_of_bins_used   20 
_refine_ls_shell.pdbx_phase_error                 ? 
_refine_ls_shell.pdbx_fsc_work                    ? 
_refine_ls_shell.pdbx_fsc_free                    ? 
_refine_ls_shell.R_factor_R_free                  0.634 
# 
_struct.entry_id                     8TA9 
_struct.title                        
;Sequence specific (AATT) orientation of DAPI molecules at a unique minor groove binding site (position1) within a self-assembled 3D DNA lattice (4x6)
;
_struct.pdbx_model_details           ? 
_struct.pdbx_formula_weight          ? 
_struct.pdbx_formula_weight_method   ? 
_struct.pdbx_model_type_details      ? 
_struct.pdbx_CASP_flag               N 
# 
_struct_keywords.entry_id        8TA9 
_struct_keywords.text            
;Self-Assembly, DNA Nanotechnology, DNA Scaffold, Crystal Lattice, DNA, Minor Groove Binders, Netropsin, DAPI, Hoechst, ImPyPy, polyamide, host-guest
;
_struct_keywords.pdbx_keywords   DNA 
# 
loop_
_struct_asym.id 
_struct_asym.pdbx_blank_PDB_chainid_flag 
_struct_asym.pdbx_modified 
_struct_asym.entity_id 
_struct_asym.details 
A N N 1 ? 
B N N 2 ? 
C N N 3 ? 
D N N 4 ? 
E N N 5 ? 
F N N 6 ? 
G N N 5 ? 
# 
loop_
_struct_conn.id 
_struct_conn.conn_type_id 
_struct_conn.pdbx_leaving_atom_flag 
_struct_conn.pdbx_PDB_id 
_struct_conn.ptnr1_label_asym_id 
_struct_conn.ptnr1_label_comp_id 
_struct_conn.ptnr1_label_seq_id 
_struct_conn.ptnr1_label_atom_id 
_struct_conn.pdbx_ptnr1_label_alt_id 
_struct_conn.pdbx_ptnr1_PDB_ins_code 
_struct_conn.pdbx_ptnr1_standard_comp_id 
_struct_conn.ptnr1_symmetry 
_struct_conn.ptnr2_label_asym_id 
_struct_conn.ptnr2_label_comp_id 
_struct_conn.ptnr2_label_seq_id 
_struct_conn.ptnr2_label_atom_id 
_struct_conn.pdbx_ptnr2_label_alt_id 
_struct_conn.pdbx_ptnr2_PDB_ins_code 
_struct_conn.ptnr1_auth_asym_id 
_struct_conn.ptnr1_auth_comp_id 
_struct_conn.ptnr1_auth_seq_id 
_struct_conn.ptnr2_auth_asym_id 
_struct_conn.ptnr2_auth_comp_id 
_struct_conn.ptnr2_auth_seq_id 
_struct_conn.ptnr2_symmetry 
_struct_conn.pdbx_ptnr3_label_atom_id 
_struct_conn.pdbx_ptnr3_label_seq_id 
_struct_conn.pdbx_ptnr3_label_comp_id 
_struct_conn.pdbx_ptnr3_label_asym_id 
_struct_conn.pdbx_ptnr3_label_alt_id 
_struct_conn.pdbx_ptnr3_PDB_ins_code 
_struct_conn.details 
_struct_conn.pdbx_dist_value 
_struct_conn.pdbx_value_order 
_struct_conn.pdbx_role 
metalc1  metalc ? ? D DG 1  N7 ? ? ? 1_555 G CO . CO ? ? D DG 10 D CO 102 1_555 ? ? ? ? ? ? ?            2.523 ? ? 
hydrog1  hydrog ? ? A DG 3  N1 ? ? ? 1_555 D DC 7 N3 ? ? A DG 3  D DC 16  1_555 ? ? ? ? ? ? WATSON-CRICK ?     ? ? 
hydrog2  hydrog ? ? A DG 3  N2 ? ? ? 1_555 D DC 7 O2 ? ? A DG 3  D DC 16  1_555 ? ? ? ? ? ? WATSON-CRICK ?     ? ? 
hydrog3  hydrog ? ? A DG 3  O6 ? ? ? 1_555 D DC 7 N4 ? ? A DG 3  D DC 16  1_555 ? ? ? ? ? ? WATSON-CRICK ?     ? ? 
hydrog4  hydrog ? ? A DA 4  N1 ? ? ? 1_555 D DT 6 N3 ? ? A DA 4  D DT 15  1_555 ? ? ? ? ? ? WATSON-CRICK ?     ? ? 
hydrog5  hydrog ? ? A DA 4  N6 ? ? ? 1_555 D DT 6 O4 ? ? A DA 4  D DT 15  1_555 ? ? ? ? ? ? WATSON-CRICK ?     ? ? 
hydrog6  hydrog ? ? A DA 5  N1 ? ? ? 1_555 D DT 5 N3 ? ? A DA 5  D DT 14  1_555 ? ? ? ? ? ? WATSON-CRICK ?     ? ? 
hydrog7  hydrog ? ? A DA 5  N6 ? ? ? 1_555 D DT 5 O4 ? ? A DA 5  D DT 14  1_555 ? ? ? ? ? ? WATSON-CRICK ?     ? ? 
hydrog8  hydrog ? ? A DT 6  N3 ? ? ? 1_555 D DA 4 N1 ? ? A DT 6  D DA 13  1_555 ? ? ? ? ? ? WATSON-CRICK ?     ? ? 
hydrog9  hydrog ? ? A DT 6  O4 ? ? ? 1_555 D DA 4 N6 ? ? A DT 6  D DA 13  1_555 ? ? ? ? ? ? WATSON-CRICK ?     ? ? 
hydrog10 hydrog ? ? A DT 7  N3 ? ? ? 1_555 D DA 3 N1 ? ? A DT 7  D DA 12  1_555 ? ? ? ? ? ? WATSON-CRICK ?     ? ? 
hydrog11 hydrog ? ? A DT 7  O4 ? ? ? 1_555 D DA 3 N6 ? ? A DT 7  D DA 12  1_555 ? ? ? ? ? ? WATSON-CRICK ?     ? ? 
hydrog12 hydrog ? ? A DC 8  N3 ? ? ? 1_555 D DG 2 N1 ? ? A DC 8  D DG 11  1_555 ? ? ? ? ? ? WATSON-CRICK ?     ? ? 
hydrog13 hydrog ? ? A DC 8  N4 ? ? ? 1_555 D DG 2 O6 ? ? A DC 8  D DG 11  1_555 ? ? ? ? ? ? WATSON-CRICK ?     ? ? 
hydrog14 hydrog ? ? A DC 8  O2 ? ? ? 1_555 D DG 2 N2 ? ? A DC 8  D DG 11  1_555 ? ? ? ? ? ? WATSON-CRICK ?     ? ? 
hydrog15 hydrog ? ? A DC 9  N3 ? ? ? 1_555 D DG 1 N1 ? ? A DC 9  D DG 10  1_555 ? ? ? ? ? ? WATSON-CRICK ?     ? ? 
hydrog16 hydrog ? ? A DC 9  N4 ? ? ? 1_555 D DG 1 O6 ? ? A DC 9  D DG 10  1_555 ? ? ? ? ? ? WATSON-CRICK ?     ? ? 
hydrog17 hydrog ? ? A DC 9  O2 ? ? ? 1_555 D DG 1 N2 ? ? A DC 9  D DG 10  1_555 ? ? ? ? ? ? WATSON-CRICK ?     ? ? 
hydrog18 hydrog ? ? A DT 10 N3 ? ? ? 1_555 B DA 6 N1 ? ? A DT 10 B DA 5   1_555 ? ? ? ? ? ? WATSON-CRICK ?     ? ? 
hydrog19 hydrog ? ? A DT 10 O4 ? ? ? 1_555 B DA 6 N6 ? ? A DT 10 B DA 5   1_555 ? ? ? ? ? ? WATSON-CRICK ?     ? ? 
hydrog20 hydrog ? ? A DG 11 N1 ? ? ? 1_555 B DC 5 N3 ? ? A DG 11 B DC 4   1_555 ? ? ? ? ? ? WATSON-CRICK ?     ? ? 
hydrog21 hydrog ? ? A DG 11 N2 ? ? ? 1_555 B DC 5 O2 ? ? A DG 11 B DC 4   1_555 ? ? ? ? ? ? WATSON-CRICK ?     ? ? 
hydrog22 hydrog ? ? A DG 11 O6 ? ? ? 1_555 B DC 5 N4 ? ? A DG 11 B DC 4   1_555 ? ? ? ? ? ? WATSON-CRICK ?     ? ? 
hydrog23 hydrog ? ? A DA 12 N1 ? ? ? 1_555 B DT 4 N3 ? ? A DA 12 B DT 3   1_555 ? ? ? ? ? ? WATSON-CRICK ?     ? ? 
hydrog24 hydrog ? ? A DA 12 N6 ? ? ? 1_555 B DT 4 O4 ? ? A DA 12 B DT 3   1_555 ? ? ? ? ? ? WATSON-CRICK ?     ? ? 
hydrog25 hydrog ? ? A DC 13 N3 ? ? ? 1_555 B DG 3 N1 ? ? A DC 13 B DG 2   1_555 ? ? ? ? ? ? WATSON-CRICK ?     ? ? 
hydrog26 hydrog ? ? A DC 13 N4 ? ? ? 1_555 B DG 3 O6 ? ? A DC 13 B DG 2   1_555 ? ? ? ? ? ? WATSON-CRICK ?     ? ? 
hydrog27 hydrog ? ? A DC 13 O2 ? ? ? 1_555 B DG 3 N2 ? ? A DC 13 B DG 2   1_555 ? ? ? ? ? ? WATSON-CRICK ?     ? ? 
hydrog28 hydrog ? ? A DG 14 N1 ? ? ? 1_555 B DC 2 N3 ? ? A DG 14 B DC 1   1_555 ? ? ? ? ? ? WATSON-CRICK ?     ? ? 
hydrog29 hydrog ? ? A DG 14 N2 ? ? ? 1_555 B DC 2 O2 ? ? A DG 14 B DC 1   1_555 ? ? ? ? ? ? WATSON-CRICK ?     ? ? 
hydrog30 hydrog ? ? A DG 14 O6 ? ? ? 1_555 B DC 2 N4 ? ? A DG 14 B DC 1   1_555 ? ? ? ? ? ? WATSON-CRICK ?     ? ? 
hydrog31 hydrog ? ? A DG 15 N1 ? ? ? 1_555 B DC 1 N3 ? ? A DG 15 B DC 0   1_555 ? ? ? ? ? ? WATSON-CRICK ?     ? ? 
hydrog32 hydrog ? ? A DG 15 N2 ? ? ? 1_555 B DC 1 O2 ? ? A DG 15 B DC 0   1_555 ? ? ? ? ? ? WATSON-CRICK ?     ? ? 
hydrog33 hydrog ? ? A DG 15 O6 ? ? ? 1_555 B DC 1 N4 ? ? A DG 15 B DC 0   1_555 ? ? ? ? ? ? WATSON-CRICK ?     ? ? 
hydrog34 hydrog ? ? A DA 16 N1 ? ? ? 1_555 C DT 8 N3 ? ? A DA 16 C DT 8   1_555 ? ? ? ? ? ? WATSON-CRICK ?     ? ? 
hydrog35 hydrog ? ? A DA 16 N6 ? ? ? 1_555 C DT 8 O4 ? ? A DA 16 C DT 8   1_555 ? ? ? ? ? ? WATSON-CRICK ?     ? ? 
hydrog36 hydrog ? ? A DA 17 N1 ? ? ? 1_555 C DT 7 N3 ? ? A DA 17 C DT 7   1_555 ? ? ? ? ? ? WATSON-CRICK ?     ? ? 
hydrog37 hydrog ? ? A DA 17 N6 ? ? ? 1_555 C DT 7 O4 ? ? A DA 17 C DT 7   1_555 ? ? ? ? ? ? WATSON-CRICK ?     ? ? 
hydrog38 hydrog ? ? A DC 18 N3 ? ? ? 1_555 C DG 6 N1 ? ? A DC 18 C DG 6   1_555 ? ? ? ? ? ? WATSON-CRICK ?     ? ? 
hydrog39 hydrog ? ? A DC 18 N4 ? ? ? 1_555 C DG 6 O6 ? ? A DC 18 C DG 6   1_555 ? ? ? ? ? ? WATSON-CRICK ?     ? ? 
hydrog40 hydrog ? ? A DC 18 O2 ? ? ? 1_555 C DG 6 N2 ? ? A DC 18 C DG 6   1_555 ? ? ? ? ? ? WATSON-CRICK ?     ? ? 
hydrog41 hydrog ? ? A DT 19 N3 ? ? ? 1_555 C DA 5 N1 ? ? A DT 19 C DA 5   1_555 ? ? ? ? ? ? WATSON-CRICK ?     ? ? 
hydrog42 hydrog ? ? A DT 19 O4 ? ? ? 1_555 C DA 5 N6 ? ? A DT 19 C DA 5   1_555 ? ? ? ? ? ? WATSON-CRICK ?     ? ? 
hydrog43 hydrog ? ? A DC 20 N3 ? ? ? 1_555 C DG 4 N1 ? ? A DC 20 C DG 4   1_555 ? ? ? ? ? ? WATSON-CRICK ?     ? ? 
hydrog44 hydrog ? ? A DC 20 N4 ? ? ? 1_555 C DG 4 O6 ? ? A DC 20 C DG 4   1_555 ? ? ? ? ? ? WATSON-CRICK ?     ? ? 
hydrog45 hydrog ? ? A DC 20 O2 ? ? ? 1_555 C DG 4 N2 ? ? A DC 20 C DG 4   1_555 ? ? ? ? ? ? WATSON-CRICK ?     ? ? 
hydrog46 hydrog ? ? A DA 21 N1 ? ? ? 1_555 C DT 3 N3 ? ? A DA 21 C DT 3   1_555 ? ? ? ? ? ? WATSON-CRICK ?     ? ? 
hydrog47 hydrog ? ? A DA 21 N6 ? ? ? 1_555 C DT 3 O4 ? ? A DA 21 C DT 3   1_555 ? ? ? ? ? ? WATSON-CRICK ?     ? ? 
# 
loop_
_struct_conn_type.id 
_struct_conn_type.criteria 
_struct_conn_type.reference 
metalc ? ? 
hydrog ? ? 
# 
_atom_sites.entry_id                    8TA9 
_atom_sites.Cartn_transf_matrix[1][1]   ? 
_atom_sites.Cartn_transf_matrix[1][2]   ? 
_atom_sites.Cartn_transf_matrix[1][3]   ? 
_atom_sites.Cartn_transf_matrix[2][1]   ? 
_atom_sites.Cartn_transf_matrix[2][2]   ? 
_atom_sites.Cartn_transf_matrix[2][3]   ? 
_atom_sites.Cartn_transf_matrix[3][1]   ? 
_atom_sites.Cartn_transf_matrix[3][2]   ? 
_atom_sites.Cartn_transf_matrix[3][3]   ? 
_atom_sites.Cartn_transf_vector[1]      ? 
_atom_sites.Cartn_transf_vector[2]      ? 
_atom_sites.Cartn_transf_vector[3]      ? 
_atom_sites.fract_transf_matrix[1][1]   0.01461853 
_atom_sites.fract_transf_matrix[1][2]   -0.00403768 
_atom_sites.fract_transf_matrix[1][3]   0.00741755 
_atom_sites.fract_transf_matrix[2][1]   0.00155059 
_atom_sites.fract_transf_matrix[2][2]   -0.01470203 
_atom_sites.fract_transf_matrix[2][3]   0.00815363 
_atom_sites.fract_transf_matrix[3][1]   0.00530536 
_atom_sites.fract_transf_matrix[3][2]   -0.00750477 
_atom_sites.fract_transf_matrix[3][3]   -0.01454099 
_atom_sites.fract_transf_vector[1]      0.199065 
_atom_sites.fract_transf_vector[2]      -0.441896 
_atom_sites.fract_transf_vector[3]      0.028964 
_atom_sites.solution_primary            ? 
_atom_sites.solution_secondary          ? 
_atom_sites.solution_hydrogens          ? 
_atom_sites.special_details             ? 
# 
loop_
_atom_type.symbol 
C  
CO 
N  
O  
P  
# 
loop_
_atom_site.group_PDB 
_atom_site.id 
_atom_site.type_symbol 
_atom_site.label_atom_id 
_atom_site.label_alt_id 
_atom_site.label_comp_id 
_atom_site.label_asym_id 
_atom_site.label_entity_id 
_atom_site.label_seq_id 
_atom_site.pdbx_PDB_ins_code 
_atom_site.Cartn_x 
_atom_site.Cartn_y 
_atom_site.Cartn_z 
_atom_site.occupancy 
_atom_site.B_iso_or_equiv 
_atom_site.pdbx_formal_charge 
_atom_site.auth_seq_id 
_atom_site.auth_comp_id 
_atom_site.auth_asym_id 
_atom_site.auth_atom_id 
_atom_site.pdbx_PDB_model_num 
ATOM   1   O  "O5'" . DG  A 1 1  ? 21.685  24.941  -10.748 1.00 141.46 ? 1   DG  A "O5'" 1 
ATOM   2   C  "C5'" . DG  A 1 1  ? 20.647  25.941  -10.744 1.00 126.57 ? 1   DG  A "C5'" 1 
ATOM   3   C  "C4'" . DG  A 1 1  ? 20.906  26.927  -9.629  1.00 130.29 ? 1   DG  A "C4'" 1 
ATOM   4   O  "O4'" . DG  A 1 1  ? 20.636  28.262  -10.094 1.00 138.53 ? 1   DG  A "O4'" 1 
ATOM   5   C  "C3'" . DG  A 1 1  ? 20.058  26.736  -8.371  1.00 140.81 ? 1   DG  A "C3'" 1 
ATOM   6   O  "O3'" . DG  A 1 1  ? 20.947  26.677  -7.262  1.00 146.80 ? 1   DG  A "O3'" 1 
ATOM   7   C  "C2'" . DG  A 1 1  ? 19.158  27.971  -8.288  1.00 132.92 ? 1   DG  A "C2'" 1 
ATOM   8   C  "C1'" . DG  A 1 1  ? 19.353  28.660  -9.624  1.00 121.70 ? 1   DG  A "C1'" 1 
ATOM   9   N  N9    . DG  A 1 1  ? 18.365  28.363  -10.667 1.00 107.09 ? 1   DG  A N9    1 
ATOM   10  C  C8    . DG  A 1 1  ? 18.425  27.589  -11.810 1.00 98.61  ? 1   DG  A C8    1 
ATOM   11  N  N7    . DG  A 1 1  ? 17.336  27.641  -12.541 1.00 88.52  ? 1   DG  A N7    1 
ATOM   12  C  C5    . DG  A 1 1  ? 16.519  28.523  -11.846 1.00 81.00  ? 1   DG  A C5    1 
ATOM   13  C  C6    . DG  A 1 1  ? 15.217  28.965  -12.157 1.00 85.69  ? 1   DG  A C6    1 
ATOM   14  O  O6    . DG  A 1 1  ? 14.540  28.650  -13.151 1.00 83.36  ? 1   DG  A O6    1 
ATOM   15  N  N1    . DG  A 1 1  ? 14.739  29.857  -11.183 1.00 83.67  ? 1   DG  A N1    1 
ATOM   16  C  C2    . DG  A 1 1  ? 15.430  30.264  -10.058 1.00 85.95  ? 1   DG  A C2    1 
ATOM   17  N  N2    . DG  A 1 1  ? 14.804  31.117  -9.231  1.00 82.00  ? 1   DG  A N2    1 
ATOM   18  N  N3    . DG  A 1 1  ? 16.660  29.837  -9.755  1.00 75.19  ? 1   DG  A N3    1 
ATOM   19  C  C4    . DG  A 1 1  ? 17.137  28.982  -10.697 1.00 87.39  ? 1   DG  A C4    1 
ATOM   20  P  P     . DA  A 1 2  ? 20.394  25.740  -6.080  1.00 146.02 ? 2   DA  A P     1 
ATOM   21  O  OP1   . DA  A 1 2  ? 21.406  25.744  -4.965  1.00 139.26 ? 2   DA  A OP1   1 
ATOM   22  O  OP2   . DA  A 1 2  ? 19.917  24.415  -6.617  1.00 129.77 ? 2   DA  A OP2   1 
ATOM   23  O  "O5'" . DA  A 1 2  ? 19.102  26.594  -5.665  1.00 123.57 ? 2   DA  A "O5'" 1 
ATOM   24  C  "C5'" . DA  A 1 2  ? 19.319  27.750  -4.839  1.00 116.55 ? 2   DA  A "C5'" 1 
ATOM   25  C  "C4'" . DA  A 1 2  ? 17.980  28.378  -4.603  1.00 112.34 ? 2   DA  A "C4'" 1 
ATOM   26  O  "O4'" . DA  A 1 2  ? 17.287  28.425  -5.864  1.00 97.58  ? 2   DA  A "O4'" 1 
ATOM   27  C  "C3'" . DA  A 1 2  ? 17.089  27.593  -3.645  1.00 119.57 ? 2   DA  A "C3'" 1 
ATOM   28  O  "O3'" . DA  A 1 2  ? 16.312  28.519  -2.880  1.00 123.71 ? 2   DA  A "O3'" 1 
ATOM   29  C  "C2'" . DA  A 1 2  ? 16.249  26.769  -4.616  1.00 112.99 ? 2   DA  A "C2'" 1 
ATOM   30  C  "C1'" . DA  A 1 2  ? 16.020  27.806  -5.690  1.00 94.66  ? 2   DA  A "C1'" 1 
ATOM   31  N  N9    . DA  A 1 2  ? 15.594  27.302  -6.984  1.00 89.09  ? 2   DA  A N9    1 
ATOM   32  C  C8    . DA  A 1 2  ? 16.204  26.409  -7.837  1.00 87.40  ? 2   DA  A C8    1 
ATOM   33  N  N7    . DA  A 1 2  ? 15.530  26.213  -8.950  1.00 79.94  ? 2   DA  A N7    1 
ATOM   34  C  C5    . DA  A 1 2  ? 14.416  27.038  -8.826  1.00 76.12  ? 2   DA  A C5    1 
ATOM   35  C  C6    . DA  A 1 2  ? 13.313  27.281  -9.674  1.00 74.35  ? 2   DA  A C6    1 
ATOM   36  N  N6    . DA  A 1 2  ? 13.162  26.688  -10.854 1.00 72.57  ? 2   DA  A N6    1 
ATOM   37  N  N1    . DA  A 1 2  ? 12.357  28.154  -9.246  1.00 74.88  ? 2   DA  A N1    1 
ATOM   38  C  C2    . DA  A 1 2  ? 12.516  28.726  -8.038  1.00 87.51  ? 2   DA  A C2    1 
ATOM   39  N  N3    . DA  A 1 2  ? 13.507  28.574  -7.154  1.00 85.44  ? 2   DA  A N3    1 
ATOM   40  C  C4    . DA  A 1 2  ? 14.440  27.713  -7.614  1.00 83.00  ? 2   DA  A C4    1 
ATOM   41  P  P     . DG  A 1 3  ? 15.362  27.780  -1.818  1.00 124.78 ? 3   DG  A P     1 
ATOM   42  O  OP1   . DG  A 1 3  ? 15.148  28.641  -0.607  1.00 120.69 ? 3   DG  A OP1   1 
ATOM   43  O  OP2   . DG  A 1 3  ? 15.908  26.398  -1.594  1.00 126.01 ? 3   DG  A OP2   1 
ATOM   44  O  "O5'" . DG  A 1 3  ? 14.026  27.700  -2.707  1.00 114.20 ? 3   DG  A "O5'" 1 
ATOM   45  C  "C5'" . DG  A 1 3  ? 13.574  28.899  -3.368  1.00 112.67 ? 3   DG  A "C5'" 1 
ATOM   46  C  "C4'" . DG  A 1 3  ? 12.069  28.910  -3.370  1.00 126.01 ? 3   DG  A "C4'" 1 
ATOM   47  O  "O4'" . DG  A 1 3  ? 11.605  28.442  -4.655  1.00 118.87 ? 3   DG  A "O4'" 1 
ATOM   48  C  "C3'" . DG  A 1 3  ? 11.409  28.015  -2.315  1.00 133.58 ? 3   DG  A "C3'" 1 
ATOM   49  O  "O3'" . DG  A 1 3  ? 10.150  28.599  -1.931  1.00 146.81 ? 3   DG  A "O3'" 1 
ATOM   50  C  "C2'" . DG  A 1 3  ? 11.269  26.698  -3.076  1.00 124.71 ? 3   DG  A "C2'" 1 
ATOM   51  C  "C1'" . DG  A 1 3  ? 10.980  27.170  -4.494  1.00 108.97 ? 3   DG  A "C1'" 1 
ATOM   52  N  N9    . DG  A 1 3  ? 11.495  26.294  -5.537  1.00 84.99  ? 3   DG  A N9    1 
ATOM   53  C  C8    . DG  A 1 3  ? 12.668  25.576  -5.609  1.00 83.01  ? 3   DG  A C8    1 
ATOM   54  N  N7    . DG  A 1 3  ? 12.794  24.905  -6.733  1.00 73.58  ? 3   DG  A N7    1 
ATOM   55  C  C5    . DG  A 1 3  ? 11.631  25.206  -7.438  1.00 67.17  ? 3   DG  A C5    1 
ATOM   56  C  C6    . DG  A 1 3  ? 11.207  24.771  -8.722  1.00 69.93  ? 3   DG  A C6    1 
ATOM   57  O  O6    . DG  A 1 3  ? 11.792  24.000  -9.498  1.00 80.49  ? 3   DG  A O6    1 
ATOM   58  N  N1    . DG  A 1 3  ? 9.963   25.314  -9.068  1.00 64.99  ? 3   DG  A N1    1 
ATOM   59  C  C2    . DG  A 1 3  ? 9.228   26.168  -8.271  1.00 83.41  ? 3   DG  A C2    1 
ATOM   60  N  N2    . DG  A 1 3  ? 8.054   26.588  -8.776  1.00 90.30  ? 3   DG  A N2    1 
ATOM   61  N  N3    . DG  A 1 3  ? 9.625   26.589  -7.058  1.00 71.03  ? 3   DG  A N3    1 
ATOM   62  C  C4    . DG  A 1 3  ? 10.829  26.066  -6.713  1.00 69.76  ? 3   DG  A C4    1 
ATOM   63  P  P     . DA  A 1 4  ? 9.135   27.804  -0.964  1.00 131.35 ? 4   DA  A P     1 
ATOM   64  O  OP1   . DA  A 1 4  ? 8.272   28.749  -0.170  1.00 117.29 ? 4   DA  A OP1   1 
ATOM   65  O  OP2   . DA  A 1 4  ? 9.958   26.804  -0.199  1.00 121.92 ? 4   DA  A OP2   1 
ATOM   66  O  "O5'" . DA  A 1 4  ? 8.198   27.161  -2.103  1.00 112.46 ? 4   DA  A "O5'" 1 
ATOM   67  C  "C5'" . DA  A 1 4  ? 7.453   28.095  -2.919  1.00 107.54 ? 4   DA  A "C5'" 1 
ATOM   68  C  "C4'" . DA  A 1 4  ? 6.370   27.375  -3.679  1.00 117.36 ? 4   DA  A "C4'" 1 
ATOM   69  O  "O4'" . DA  A 1 4  ? 6.955   26.641  -4.777  1.00 125.09 ? 4   DA  A "O4'" 1 
ATOM   70  C  "C3'" . DA  A 1 4  ? 5.552   26.374  -2.865  1.00 119.14 ? 4   DA  A "C3'" 1 
ATOM   71  O  "O3'" . DA  A 1 4  ? 4.205   26.566  -3.274  1.00 133.44 ? 4   DA  A "O3'" 1 
ATOM   72  C  "C2'" . DA  A 1 4  ? 6.118   25.028  -3.307  1.00 117.91 ? 4   DA  A "C2'" 1 
ATOM   73  C  "C1'" . DA  A 1 4  ? 6.455   25.307  -4.763  1.00 114.28 ? 4   DA  A "C1'" 1 
ATOM   74  N  N9    . DA  A 1 4  ? 7.476   24.424  -5.332  1.00 96.85  ? 4   DA  A N9    1 
ATOM   75  C  C8    . DA  A 1 4  ? 8.654   24.022  -4.741  1.00 88.01  ? 4   DA  A C8    1 
ATOM   76  N  N7    . DA  A 1 4  ? 9.380   23.233  -5.497  1.00 70.20  ? 4   DA  A N7    1 
ATOM   77  C  C5    . DA  A 1 4  ? 8.626   23.091  -6.652  1.00 66.81  ? 4   DA  A C5    1 
ATOM   78  C  C6    . DA  A 1 4  ? 8.866   22.367  -7.835  1.00 66.94  ? 4   DA  A C6    1 
ATOM   79  N  N6    . DA  A 1 4  ? 9.965   21.641  -8.017  1.00 62.86  ? 4   DA  A N6    1 
ATOM   80  N  N1    . DA  A 1 4  ? 7.934   22.443  -8.823  1.00 74.69  ? 4   DA  A N1    1 
ATOM   81  C  C2    . DA  A 1 4  ? 6.837   23.197  -8.607  1.00 90.85  ? 4   DA  A C2    1 
ATOM   82  N  N3    . DA  A 1 4  ? 6.503   23.924  -7.532  1.00 85.60  ? 4   DA  A N3    1 
ATOM   83  C  C4    . DA  A 1 4  ? 7.453   23.826  -6.575  1.00 78.27  ? 4   DA  A C4    1 
ATOM   84  P  P     . DA  A 1 5  ? 3.138   25.587  -2.588  1.00 137.48 ? 5   DA  A P     1 
ATOM   85  O  OP1   . DA  A 1 5  ? 1.839   26.313  -2.335  1.00 110.46 ? 5   DA  A OP1   1 
ATOM   86  O  OP2   . DA  A 1 5  ? 3.883   24.943  -1.450  1.00 138.19 ? 5   DA  A OP2   1 
ATOM   87  O  "O5'" . DA  A 1 5  ? 2.910   24.626  -3.854  1.00 103.63 ? 5   DA  A "O5'" 1 
ATOM   88  C  "C5'" . DA  A 1 5  ? 1.956   25.083  -4.835  1.00 100.35 ? 5   DA  A "C5'" 1 
ATOM   89  C  "C4'" . DA  A 1 5  ? 1.966   24.128  -5.996  1.00 115.24 ? 5   DA  A "C4'" 1 
ATOM   90  O  "O4'" . DA  A 1 5  ? 3.317   23.665  -6.240  1.00 113.90 ? 5   DA  A "O4'" 1 
ATOM   91  C  "C3'" . DA  A 1 5  ? 1.122   22.877  -5.757  1.00 120.76 ? 5   DA  A "C3'" 1 
ATOM   92  O  "O3'" . DA  A 1 5  ? 0.503   22.465  -6.975  1.00 125.78 ? 5   DA  A "O3'" 1 
ATOM   93  C  "C2'" . DA  A 1 5  ? 2.189   21.883  -5.323  1.00 110.09 ? 5   DA  A "C2'" 1 
ATOM   94  C  "C1'" . DA  A 1 5  ? 3.262   22.245  -6.326  1.00 99.38  ? 5   DA  A "C1'" 1 
ATOM   95  N  N9    . DA  A 1 5  ? 4.560   21.652  -6.037  1.00 82.51  ? 5   DA  A N9    1 
ATOM   96  C  C8    . DA  A 1 5  ? 5.283   21.692  -4.866  1.00 93.05  ? 5   DA  A C8    1 
ATOM   97  N  N7    . DA  A 1 5  ? 6.412   21.020  -4.918  1.00 71.49  ? 5   DA  A N7    1 
ATOM   98  C  C5    . DA  A 1 5  ? 6.418   20.478  -6.194  1.00 66.40  ? 5   DA  A C5    1 
ATOM   99  C  C6    . DA  A 1 5  ? 7.353   19.662  -6.861  1.00 69.19  ? 5   DA  A C6    1 
ATOM   100 N  N6    . DA  A 1 5  ? 8.486   19.245  -6.309  1.00 73.26  ? 5   DA  A N6    1 
ATOM   101 N  N1    . DA  A 1 5  ? 7.077   19.291  -8.132  1.00 68.50  ? 5   DA  A N1    1 
ATOM   102 C  C2    . DA  A 1 5  ? 5.926   19.729  -8.671  1.00 89.96  ? 5   DA  A C2    1 
ATOM   103 N  N3    . DA  A 1 5  ? 4.972   20.512  -8.152  1.00 76.09  ? 5   DA  A N3    1 
ATOM   104 C  C4    . DA  A 1 5  ? 5.277   20.849  -6.889  1.00 68.56  ? 5   DA  A C4    1 
ATOM   105 P  P     . DT  A 1 6  ? -0.651  21.408  -6.610  1.00 119.29 ? 6   DT  A P     1 
ATOM   106 O  OP1   . DT  A 1 6  ? -1.750  22.149  -5.889  1.00 92.34  ? 6   DT  A OP1   1 
ATOM   107 O  OP2   . DT  A 1 6  ? 0.034   20.207  -6.015  1.00 124.40 ? 6   DT  A OP2   1 
ATOM   108 O  "O5'" . DT  A 1 6  ? -1.145  20.853  -8.033  1.00 91.91  ? 6   DT  A "O5'" 1 
ATOM   109 C  "C5'" . DT  A 1 6  ? -0.197  20.802  -9.112  1.00 110.14 ? 6   DT  A "C5'" 1 
ATOM   110 C  "C4'" . DT  A 1 6  ? 0.370   19.412  -9.284  1.00 119.81 ? 6   DT  A "C4'" 1 
ATOM   111 O  "O4'" . DT  A 1 6  ? 1.572   19.233  -8.506  1.00 121.44 ? 6   DT  A "O4'" 1 
ATOM   112 C  "C3'" . DT  A 1 6  ? -0.525  18.227  -8.913  1.00 121.35 ? 6   DT  A "C3'" 1 
ATOM   113 O  "O3'" . DT  A 1 6  ? -0.852  17.654  -10.179 1.00 128.22 ? 6   DT  A "O3'" 1 
ATOM   114 C  "C2'" . DT  A 1 6  ? 0.369   17.347  -8.033  1.00 118.16 ? 6   DT  A "C2'" 1 
ATOM   115 C  "C1'" . DT  A 1 6  ? 1.756   17.831  -8.413  1.00 104.82 ? 6   DT  A "C1'" 1 
ATOM   116 N  N1    . DT  A 1 6  ? 2.856   17.594  -7.450  1.00 90.60  ? 6   DT  A N1    1 
ATOM   117 C  C2    . DT  A 1 6  ? 3.928   16.827  -7.861  1.00 90.14  ? 6   DT  A C2    1 
ATOM   118 O  O2    . DT  A 1 6  ? 3.983   16.296  -8.960  1.00 110.99 ? 6   DT  A O2    1 
ATOM   119 N  N3    . DT  A 1 6  ? 4.932   16.684  -6.936  1.00 78.35  ? 6   DT  A N3    1 
ATOM   120 C  C4    . DT  A 1 6  ? 4.980   17.238  -5.672  1.00 76.11  ? 6   DT  A C4    1 
ATOM   121 O  O4    . DT  A 1 6  ? 5.956   17.033  -4.937  1.00 75.94  ? 6   DT  A O4    1 
ATOM   122 C  C5    . DT  A 1 6  ? 3.831   18.026  -5.304  1.00 70.42  ? 6   DT  A C5    1 
ATOM   123 C  C7    . DT  A 1 6  ? 3.824   18.643  -3.938  1.00 73.82  ? 6   DT  A C7    1 
ATOM   124 C  C6    . DT  A 1 6  ? 2.843   18.184  -6.201  1.00 74.75  ? 6   DT  A C6    1 
ATOM   125 P  P     . DT  A 1 7  ? -1.491  16.185  -10.142 1.00 121.69 ? 7   DT  A P     1 
ATOM   126 O  OP1   . DT  A 1 7  ? -2.128  15.837  -11.460 1.00 111.84 ? 7   DT  A OP1   1 
ATOM   127 O  OP2   . DT  A 1 7  ? -2.263  16.167  -8.846  1.00 111.80 ? 7   DT  A OP2   1 
ATOM   128 O  "O5'" . DT  A 1 7  ? -0.139  15.326  -10.159 1.00 98.94  ? 7   DT  A "O5'" 1 
ATOM   129 C  "C5'" . DT  A 1 7  ? 0.285   14.830  -11.440 1.00 97.50  ? 7   DT  A "C5'" 1 
ATOM   130 C  "C4'" . DT  A 1 7  ? 1.254   13.704  -11.202 1.00 109.04 ? 7   DT  A "C4'" 1 
ATOM   131 O  "O4'" . DT  A 1 7  ? 2.094   13.991  -10.059 1.00 109.32 ? 7   DT  A "O4'" 1 
ATOM   132 C  "C3'" . DT  A 1 7  ? 0.602   12.357  -10.915 1.00 94.92  ? 7   DT  A "C3'" 1 
ATOM   133 O  "O3'" . DT  A 1 7  ? 1.196   11.445  -11.825 1.00 97.20  ? 7   DT  A "O3'" 1 
ATOM   134 C  "C2'" . DT  A 1 7  ? 0.996   12.058  -9.473  1.00 97.13  ? 7   DT  A "C2'" 1 
ATOM   135 C  "C1'" . DT  A 1 7  ? 2.337   12.766  -9.383  1.00 94.28  ? 7   DT  A "C1'" 1 
ATOM   136 N  N1    . DT  A 1 7  ? 2.852   13.116  -8.031  1.00 80.84  ? 7   DT  A N1    1 
ATOM   137 C  C2    . DT  A 1 7  ? 4.159   12.780  -7.723  1.00 78.15  ? 7   DT  A C2    1 
ATOM   138 O  O2    . DT  A 1 7  ? 4.889   12.153  -8.483  1.00 83.97  ? 7   DT  A O2    1 
ATOM   139 N  N3    . DT  A 1 7  ? 4.597   13.211  -6.493  1.00 72.47  ? 7   DT  A N3    1 
ATOM   140 C  C4    . DT  A 1 7  ? 3.872   13.909  -5.545  1.00 75.64  ? 7   DT  A C4    1 
ATOM   141 O  O4    . DT  A 1 7  ? 4.367   14.200  -4.442  1.00 78.17  ? 7   DT  A O4    1 
ATOM   142 C  C5    . DT  A 1 7  ? 2.517   14.221  -5.926  1.00 65.83  ? 7   DT  A C5    1 
ATOM   143 C  C7    . DT  A 1 7  ? 1.690   14.973  -4.925  1.00 63.11  ? 7   DT  A C7    1 
ATOM   144 C  C6    . DT  A 1 7  ? 2.080   13.840  -7.143  1.00 67.74  ? 7   DT  A C6    1 
ATOM   145 P  P     . DC  A 1 8  ? 0.285   10.143  -12.058 1.00 115.07 ? 8   DC  A P     1 
ATOM   146 O  OP1   . DC  A 1 8  ? 0.313   9.638   -13.476 1.00 102.81 ? 8   DC  A OP1   1 
ATOM   147 O  OP2   . DC  A 1 8  ? -1.024  10.360  -11.340 1.00 93.48  ? 8   DC  A OP2   1 
ATOM   148 O  "O5'" . DC  A 1 8  ? 1.268   9.136   -11.296 1.00 106.21 ? 8   DC  A "O5'" 1 
ATOM   149 C  "C5'" . DC  A 1 8  ? 2.473   8.793   -11.992 1.00 100.53 ? 8   DC  A "C5'" 1 
ATOM   150 C  "C4'" . DC  A 1 8  ? 3.479   8.320   -10.984 1.00 106.26 ? 8   DC  A "C4'" 1 
ATOM   151 O  "O4'" . DC  A 1 8  ? 3.470   9.166   -9.816  1.00 110.92 ? 8   DC  A "O4'" 1 
ATOM   152 C  "C3'" . DC  A 1 8  ? 3.236   6.910   -10.460 1.00 99.69  ? 8   DC  A "C3'" 1 
ATOM   153 O  "O3'" . DC  A 1 8  ? 4.318   6.090   -10.867 1.00 95.22  ? 8   DC  A "O3'" 1 
ATOM   154 C  "C2'" . DC  A 1 8  ? 3.233   7.067   -8.944  1.00 105.11 ? 8   DC  A "C2'" 1 
ATOM   155 C  "C1'" . DC  A 1 8  ? 3.980   8.370   -8.769  1.00 96.67  ? 8   DC  A "C1'" 1 
ATOM   156 N  N1    . DC  A 1 8  ? 3.769   9.088   -7.492  1.00 82.12  ? 8   DC  A N1    1 
ATOM   157 C  C2    . DC  A 1 8  ? 4.815   9.141   -6.559  1.00 82.68  ? 8   DC  A C2    1 
ATOM   158 O  O2    . DC  A 1 8  ? 5.870   8.530   -6.789  1.00 91.65  ? 8   DC  A O2    1 
ATOM   159 N  N3    . DC  A 1 8  ? 4.641   9.839   -5.416  1.00 70.79  ? 8   DC  A N3    1 
ATOM   160 C  C4    . DC  A 1 8  ? 3.482   10.467  -5.195  1.00 73.49  ? 8   DC  A C4    1 
ATOM   161 N  N4    . DC  A 1 8  ? 3.356   11.122  -4.060  1.00 75.14  ? 8   DC  A N4    1 
ATOM   162 C  C5    . DC  A 1 8  ? 2.416   10.440  -6.132  1.00 69.01  ? 8   DC  A C5    1 
ATOM   163 C  C6    . DC  A 1 8  ? 2.607   9.750   -7.265  1.00 72.74  ? 8   DC  A C6    1 
ATOM   164 P  P     . DC  A 1 9  ? 3.915   4.538   -10.735 1.00 119.83 ? 9   DC  A P     1 
ATOM   165 O  OP1   . DC  A 1 9  ? 4.540   3.771   -11.867 1.00 103.12 ? 9   DC  A OP1   1 
ATOM   166 O  OP2   . DC  A 1 9  ? 2.446   4.394   -10.401 1.00 91.01  ? 9   DC  A OP2   1 
ATOM   167 O  "O5'" . DC  A 1 9  ? 4.813   4.198   -9.450  1.00 105.76 ? 9   DC  A "O5'" 1 
ATOM   168 C  "C5'" . DC  A 1 9  ? 6.179   4.665   -9.480  1.00 100.44 ? 9   DC  A "C5'" 1 
ATOM   169 C  "C4'" . DC  A 1 9  ? 6.864   4.262   -8.204  1.00 99.85  ? 9   DC  A "C4'" 1 
ATOM   170 O  "O4'" . DC  A 1 9  ? 6.554   5.227   -7.171  1.00 92.87  ? 9   DC  A "O4'" 1 
ATOM   171 C  "C3'" . DC  A 1 9  ? 6.451   2.904   -7.639  1.00 90.16  ? 9   DC  A "C3'" 1 
ATOM   172 O  "O3'" . DC  A 1 9  ? 7.569   2.416   -6.921  1.00 94.86  ? 9   DC  A "O3'" 1 
ATOM   173 C  "C2'" . DC  A 1 9  ? 5.361   3.311   -6.670  1.00 89.62  ? 9   DC  A "C2'" 1 
ATOM   174 C  "C1'" . DC  A 1 9  ? 6.051   4.519   -6.057  1.00 94.96  ? 9   DC  A "C1'" 1 
ATOM   175 N  N1    . DC  A 1 9  ? 5.192   5.430   -5.268  1.00 85.28  ? 9   DC  A N1    1 
ATOM   176 C  C2    . DC  A 1 9  ? 5.653   5.901   -4.031  1.00 79.96  ? 9   DC  A C2    1 
ATOM   177 O  O2    . DC  A 1 9  ? 6.766   5.541   -3.614  1.00 90.33  ? 9   DC  A O2    1 
ATOM   178 N  N3    . DC  A 1 9  ? 4.864   6.735   -3.320  1.00 69.27  ? 9   DC  A N3    1 
ATOM   179 C  C4    . DC  A 1 9  ? 3.656   7.075   -3.793  1.00 78.51  ? 9   DC  A C4    1 
ATOM   180 N  N4    . DC  A 1 9  ? 2.916   7.884   -3.061  1.00 76.36  ? 9   DC  A N4    1 
ATOM   181 C  C5    . DC  A 1 9  ? 3.173   6.610   -5.046  1.00 73.39  ? 9   DC  A C5    1 
ATOM   182 C  C6    . DC  A 1 9  ? 3.972   5.797   -5.746  1.00 77.74  ? 9   DC  A C6    1 
ATOM   183 P  P     . DT  A 1 10 ? 7.567   0.861   -6.539  1.00 100.34 ? 10  DT  A P     1 
ATOM   184 O  OP1   . DT  A 1 10 ? 7.954   0.213   -7.834  1.00 100.36 ? 10  DT  A OP1   1 
ATOM   185 O  OP2   . DT  A 1 10 ? 6.357   0.451   -5.733  1.00 96.31  ? 10  DT  A OP2   1 
ATOM   186 O  "O5'" . DT  A 1 10 ? 8.816   0.819   -5.532  1.00 99.06  ? 10  DT  A "O5'" 1 
ATOM   187 C  "C5'" . DT  A 1 10 ? 9.124   2.003   -4.763  1.00 111.21 ? 10  DT  A "C5'" 1 
ATOM   188 C  "C4'" . DT  A 1 10 ? 9.181   1.668   -3.295  1.00 104.37 ? 10  DT  A "C4'" 1 
ATOM   189 O  "O4'" . DT  A 1 10 ? 8.347   2.592   -2.554  1.00 104.48 ? 10  DT  A "O4'" 1 
ATOM   190 C  "C3'" . DT  A 1 10 ? 8.688   0.273   -2.941  1.00 100.56 ? 10  DT  A "C3'" 1 
ATOM   191 O  "O3'" . DT  A 1 10 ? 9.485   -0.247  -1.900  1.00 102.99 ? 10  DT  A "O3'" 1 
ATOM   192 C  "C2'" . DT  A 1 10 ? 7.290   0.535   -2.418  1.00 105.04 ? 10  DT  A "C2'" 1 
ATOM   193 C  "C1'" . DT  A 1 10 ? 7.502   1.851   -1.688  1.00 98.87  ? 10  DT  A "C1'" 1 
ATOM   194 N  N1    . DT  A 1 10 ? 6.271   2.642   -1.452  1.00 86.19  ? 10  DT  A N1    1 
ATOM   195 C  C2    . DT  A 1 10 ? 6.160   3.357   -0.278  1.00 74.99  ? 10  DT  A C2    1 
ATOM   196 O  O2    . DT  A 1 10 ? 7.032   3.390   0.568   1.00 75.78  ? 10  DT  A O2    1 
ATOM   197 N  N3    . DT  A 1 10 ? 4.993   4.057   -0.133  1.00 75.33  ? 10  DT  A N3    1 
ATOM   198 C  C4    . DT  A 1 10 ? 3.934   4.099   -1.018  1.00 78.45  ? 10  DT  A C4    1 
ATOM   199 O  O4    . DT  A 1 10 ? 2.950   4.785   -0.777  1.00 67.78  ? 10  DT  A O4    1 
ATOM   200 C  C5    . DT  A 1 10 ? 4.101   3.316   -2.216  1.00 79.39  ? 10  DT  A C5    1 
ATOM   201 C  C7    . DT  A 1 10 ? 2.992   3.335   -3.221  1.00 77.74  ? 10  DT  A C7    1 
ATOM   202 C  C6    . DT  A 1 10 ? 5.249   2.640   -2.381  1.00 81.72  ? 10  DT  A C6    1 
ATOM   203 P  P     . DG  A 1 11 ? 9.293   -1.841  -1.797  1.00 108.27 ? 11  DG  A P     1 
ATOM   204 O  OP1   . DG  A 1 11 ? 10.548  -2.488  -2.320  1.00 91.13  ? 11  DG  A OP1   1 
ATOM   205 O  OP2   . DG  A 1 11 ? 7.912   -2.241  -2.256  1.00 94.18  ? 11  DG  A OP2   1 
ATOM   206 O  "O5'" . DG  A 1 11 ? 9.246   -2.048  -0.208  1.00 75.53  ? 11  DG  A "O5'" 1 
ATOM   207 C  "C5'" . DG  A 1 11 ? 10.292  -1.472  0.590   1.00 71.54  ? 11  DG  A "C5'" 1 
ATOM   208 C  "C4'" . DG  A 1 11 ? 9.791   -1.325  2.002   1.00 74.65  ? 11  DG  A "C4'" 1 
ATOM   209 O  "O4'" . DG  A 1 11 ? 8.619   -0.481  2.042   1.00 83.43  ? 11  DG  A "O4'" 1 
ATOM   210 C  "C3'" . DG  A 1 11 ? 9.345   -2.626  2.642   1.00 83.41  ? 11  DG  A "C3'" 1 
ATOM   211 O  "O3'" . DG  A 1 11 ? 9.537   -2.450  4.023   1.00 90.15  ? 11  DG  A "O3'" 1 
ATOM   212 C  "C2'" . DG  A 1 11 ? 7.864   -2.677  2.291   1.00 84.57  ? 11  DG  A "C2'" 1 
ATOM   213 C  "C1'" . DG  A 1 11 ? 7.494   -1.225  2.518   1.00 77.65  ? 11  DG  A "C1'" 1 
ATOM   214 N  N9    . DG  A 1 11 ? 6.320   -0.743  1.792   1.00 69.17  ? 11  DG  A N9    1 
ATOM   215 C  C8    . DG  A 1 11 ? 5.914   -1.083  0.527   1.00 73.87  ? 11  DG  A C8    1 
ATOM   216 N  N7    . DG  A 1 11 ? 4.833   -0.445  0.144   1.00 76.49  ? 11  DG  A N7    1 
ATOM   217 C  C5    . DG  A 1 11 ? 4.545   0.401   1.207   1.00 64.33  ? 11  DG  A C5    1 
ATOM   218 C  C6    . DG  A 1 11 ? 3.501   1.351   1.354   1.00 73.17  ? 11  DG  A C6    1 
ATOM   219 O  O6    . DG  A 1 11 ? 2.608   1.639   0.548   1.00 77.10  ? 11  DG  A O6    1 
ATOM   220 N  N1    . DG  A 1 11 ? 3.554   1.990   2.587   1.00 62.56  ? 11  DG  A N1    1 
ATOM   221 C  C2    . DG  A 1 11 ? 4.506   1.753   3.539   1.00 59.34  ? 11  DG  A C2    1 
ATOM   222 N  N2    . DG  A 1 11 ? 4.387   2.471   4.650   1.00 60.10  ? 11  DG  A N2    1 
ATOM   223 N  N3    . DG  A 1 11 ? 5.491   0.866   3.420   1.00 61.66  ? 11  DG  A N3    1 
ATOM   224 C  C4    . DG  A 1 11 ? 5.446   0.223   2.229   1.00 60.82  ? 11  DG  A C4    1 
ATOM   225 P  P     . DA  A 1 12 ? 9.537   -3.916  4.653   1.00 94.21  ? 12  DA  A P     1 
ATOM   226 O  OP1   . DA  A 1 12 ? 10.799  -4.129  5.419   1.00 86.17  ? 12  DA  A OP1   1 
ATOM   227 O  OP2   . DA  A 1 12 ? 9.047   -4.956  3.679   1.00 101.44 ? 12  DA  A OP2   1 
ATOM   228 O  "O5'" . DA  A 1 12 ? 8.438   -3.602  5.772   1.00 87.44  ? 12  DA  A "O5'" 1 
ATOM   229 C  "C5'" . DA  A 1 12 ? 8.858   -2.765  6.849   1.00 76.29  ? 12  DA  A "C5'" 1 
ATOM   230 C  "C4'" . DA  A 1 12 ? 7.602   -2.245  7.469   1.00 78.68  ? 12  DA  A "C4'" 1 
ATOM   231 O  "O4'" . DA  A 1 12 ? 6.769   -1.830  6.379   1.00 82.99  ? 12  DA  A "O4'" 1 
ATOM   232 C  "C3'" . DA  A 1 12 ? 6.807   -3.267  8.282   1.00 71.65  ? 12  DA  A "C3'" 1 
ATOM   233 O  "O3'" . DA  A 1 12 ? 6.521   -2.705  9.562   1.00 76.71  ? 12  DA  A "O3'" 1 
ATOM   234 C  "C2'" . DA  A 1 12 ? 5.540   -3.469  7.457   1.00 75.08  ? 12  DA  A "C2'" 1 
ATOM   235 C  "C1'" . DA  A 1 12 ? 5.431   -2.160  6.709   1.00 73.63  ? 12  DA  A "C1'" 1 
ATOM   236 N  N9    . DA  A 1 12 ? 4.691   -2.212  5.452   1.00 71.07  ? 12  DA  A N9    1 
ATOM   237 C  C8    . DA  A 1 12 ? 4.967   -2.910  4.300   1.00 75.96  ? 12  DA  A C8    1 
ATOM   238 N  N7    . DA  A 1 12 ? 4.105   -2.692  3.333   1.00 63.23  ? 12  DA  A N7    1 
ATOM   239 C  C5    . DA  A 1 12 ? 3.223   -1.774  3.880   1.00 55.36  ? 12  DA  A C5    1 
ATOM   240 C  C6    . DA  A 1 12 ? 2.081   -1.150  3.359   1.00 62.65  ? 12  DA  A C6    1 
ATOM   241 N  N6    . DA  A 1 12 ? 1.613   -1.364  2.133   1.00 67.72  ? 12  DA  A N6    1 
ATOM   242 N  N1    . DA  A 1 12 ? 1.428   -0.285  4.160   1.00 61.30  ? 12  DA  A N1    1 
ATOM   243 C  C2    . DA  A 1 12 ? 1.897   -0.086  5.398   1.00 68.65  ? 12  DA  A C2    1 
ATOM   244 N  N3    . DA  A 1 12 ? 2.962   -0.611  5.997   1.00 61.43  ? 12  DA  A N3    1 
ATOM   245 C  C4    . DA  A 1 12 ? 3.582   -1.459  5.172   1.00 57.83  ? 12  DA  A C4    1 
ATOM   246 P  P     . DC  A 1 13 ? 5.929   -3.793  10.590  1.00 92.79  ? 13  DC  A P     1 
ATOM   247 O  OP1   . DC  A 1 13 ? 6.010   -3.385  12.044  1.00 76.22  ? 13  DC  A OP1   1 
ATOM   248 O  OP2   . DC  A 1 13 ? 6.303   -5.155  10.058  1.00 72.69  ? 13  DC  A OP2   1 
ATOM   249 O  "O5'" . DC  A 1 13 ? 4.378   -3.572  10.281  1.00 87.39  ? 13  DC  A "O5'" 1 
ATOM   250 C  "C5'" . DC  A 1 13 ? 3.844   -2.266  10.516  1.00 83.63  ? 13  DC  A "C5'" 1 
ATOM   251 C  "C4'" . DC  A 1 13 ? 2.410   -2.297  10.077  1.00 81.04  ? 13  DC  A "C4'" 1 
ATOM   252 O  "O4'" . DC  A 1 13 ? 2.333   -2.464  8.649   1.00 73.77  ? 13  DC  A "O4'" 1 
ATOM   253 C  "C3'" . DC  A 1 13 ? 1.614   -3.456  10.669  1.00 81.82  ? 13  DC  A "C3'" 1 
ATOM   254 O  "O3'" . DC  A 1 13 ? 0.635   -2.888  11.533  1.00 93.77  ? 13  DC  A "O3'" 1 
ATOM   255 C  "C2'" . DC  A 1 13 ? 1.019   -4.146  9.445   1.00 80.25  ? 13  DC  A "C2'" 1 
ATOM   256 C  "C1'" . DC  A 1 13 ? 1.069   -3.033  8.420   1.00 68.62  ? 13  DC  A "C1'" 1 
ATOM   257 N  N1    . DC  A 1 13 ? 0.981   -3.421  6.995   1.00 60.48  ? 13  DC  A N1    1 
ATOM   258 C  C2    . DC  A 1 13 ? -0.047  -2.863  6.225   1.00 62.07  ? 13  DC  A C2    1 
ATOM   259 O  O2    . DC  A 1 13 ? -0.858  -2.106  6.770   1.00 69.82  ? 13  DC  A O2    1 
ATOM   260 N  N3    . DC  A 1 13 ? -0.146  -3.175  4.920   1.00 57.52  ? 13  DC  A N3    1 
ATOM   261 C  C4    . DC  A 1 13 ? 0.775   -3.961  4.368   1.00 52.21  ? 13  DC  A C4    1 
ATOM   262 N  N4    . DC  A 1 13 ? 0.639   -4.197  3.090   1.00 54.53  ? 13  DC  A N4    1 
ATOM   263 C  C5    . DC  A 1 13 ? 1.840   -4.527  5.111   1.00 49.12  ? 13  DC  A C5    1 
ATOM   264 C  C6    . DC  A 1 13 ? 1.907   -4.232  6.419   1.00 55.69  ? 13  DC  A C6    1 
ATOM   265 P  P     . DG  A 1 14 ? -0.123  -4.036  12.363  1.00 95.34  ? 14  DG  A P     1 
ATOM   266 O  OP1   . DG  A 1 14 ? -0.388  -3.469  13.730  1.00 101.35 ? 14  DG  A OP1   1 
ATOM   267 O  OP2   . DG  A 1 14 ? 0.565   -5.356  12.142  1.00 74.24  ? 14  DG  A OP2   1 
ATOM   268 O  "O5'" . DG  A 1 14 ? -1.502  -3.994  11.548  1.00 88.15  ? 14  DG  A "O5'" 1 
ATOM   269 C  "C5'" . DG  A 1 14 ? -2.127  -2.697  11.376  1.00 92.07  ? 14  DG  A "C5'" 1 
ATOM   270 C  "C4'" . DG  A 1 14 ? -3.516  -2.903  10.840  1.00 89.27  ? 14  DG  A "C4'" 1 
ATOM   271 O  "O4'" . DG  A 1 14 ? -3.448  -3.162  9.422   1.00 88.58  ? 14  DG  A "O4'" 1 
ATOM   272 C  "C3'" . DG  A 1 14 ? -4.230  -4.114  11.417  1.00 92.86  ? 14  DG  A "C3'" 1 
ATOM   273 O  "O3'" . DG  A 1 14 ? -5.611  -3.879  11.234  1.00 101.59 ? 14  DG  A "O3'" 1 
ATOM   274 C  "C2'" . DG  A 1 14 ? -3.718  -5.221  10.505  1.00 85.11  ? 14  DG  A "C2'" 1 
ATOM   275 C  "C1'" . DG  A 1 14 ? -3.854  -4.509  9.177   1.00 80.05  ? 14  DG  A "C1'" 1 
ATOM   276 N  N9    . DG  A 1 14 ? -3.060  -5.087  8.103   1.00 63.87  ? 14  DG  A N9    1 
ATOM   277 C  C8    . DG  A 1 14 ? -1.939  -5.864  8.204   1.00 69.53  ? 14  DG  A C8    1 
ATOM   278 N  N7    . DG  A 1 14 ? -1.471  -6.254  7.041   1.00 69.66  ? 14  DG  A N7    1 
ATOM   279 C  C5    . DG  A 1 14 ? -2.372  -5.733  6.133   1.00 61.85  ? 14  DG  A C5    1 
ATOM   280 C  C6    . DG  A 1 14 ? -2.368  -5.832  4.729   1.00 70.58  ? 14  DG  A C6    1 
ATOM   281 O  O6    . DG  A 1 14 ? -1.541  -6.420  4.033   1.00 68.56  ? 14  DG  A O6    1 
ATOM   282 N  N1    . DG  A 1 14 ? -3.447  -5.167  4.156   1.00 71.32  ? 14  DG  A N1    1 
ATOM   283 C  C2    . DG  A 1 14 ? -4.402  -4.484  4.866   1.00 79.31  ? 14  DG  A C2    1 
ATOM   284 N  N2    . DG  A 1 14 ? -5.350  -3.896  4.130   1.00 86.08  ? 14  DG  A N2    1 
ATOM   285 N  N3    . DG  A 1 14 ? -4.413  -4.370  6.201   1.00 65.01  ? 14  DG  A N3    1 
ATOM   286 C  C4    . DG  A 1 14 ? -3.357  -5.011  6.764   1.00 60.93  ? 14  DG  A C4    1 
ATOM   287 P  P     . DG  A 1 15 ? -6.587  -4.915  11.970  1.00 99.77  ? 15  DG  A P     1 
ATOM   288 O  OP1   . DG  A 1 15 ? -7.344  -4.011  12.899  1.00 94.05  ? 15  DG  A OP1   1 
ATOM   289 O  OP2   . DG  A 1 15 ? -5.856  -6.173  12.364  1.00 90.48  ? 15  DG  A OP2   1 
ATOM   290 O  "O5'" . DG  A 1 15 ? -7.551  -5.232  10.728  1.00 90.45  ? 15  DG  A "O5'" 1 
ATOM   291 C  "C5'" . DG  A 1 15 ? -8.289  -4.112  10.191  1.00 84.27  ? 15  DG  A "C5'" 1 
ATOM   292 C  "C4'" . DG  A 1 15 ? -8.846  -4.503  8.852   1.00 85.27  ? 15  DG  A "C4'" 1 
ATOM   293 O  "O4'" . DG  A 1 15 ? -7.794  -4.855  7.925   1.00 96.11  ? 15  DG  A "O4'" 1 
ATOM   294 C  "C3'" . DG  A 1 15 ? -9.747  -5.711  8.935   1.00 93.88  ? 15  DG  A "C3'" 1 
ATOM   295 O  "O3'" . DG  A 1 15 ? -10.787 -5.411  8.030   1.00 102.25 ? 15  DG  A "O3'" 1 
ATOM   296 C  "C2'" . DG  A 1 15 ? -8.836  -6.848  8.487   1.00 91.00  ? 15  DG  A "C2'" 1 
ATOM   297 C  "C1'" . DG  A 1 15 ? -8.047  -6.152  7.398   1.00 82.53  ? 15  DG  A "C1'" 1 
ATOM   298 N  N9    . DG  A 1 15 ? -6.780  -6.796  7.059   1.00 73.47  ? 15  DG  A N9    1 
ATOM   299 C  C8    . DG  A 1 15 ? -5.749  -7.173  7.887   1.00 76.60  ? 15  DG  A C8    1 
ATOM   300 N  N7    . DG  A 1 15 ? -4.746  -7.752  7.258   1.00 63.89  ? 15  DG  A N7    1 
ATOM   301 C  C5    . DG  A 1 15 ? -5.150  -7.747  5.932   1.00 61.71  ? 15  DG  A C5    1 
ATOM   302 C  C6    . DG  A 1 15 ? -4.487  -8.248  4.789   1.00 64.06  ? 15  DG  A C6    1 
ATOM   303 O  O6    . DG  A 1 15 ? -3.390  -8.807  4.736   1.00 68.19  ? 15  DG  A O6    1 
ATOM   304 N  N1    . DG  A 1 15 ? -5.245  -8.080  3.632   1.00 65.76  ? 15  DG  A N1    1 
ATOM   305 C  C2    . DG  A 1 15 ? -6.495  -7.509  3.591   1.00 68.25  ? 15  DG  A C2    1 
ATOM   306 N  N2    . DG  A 1 15 ? -7.075  -7.442  2.386   1.00 64.58  ? 15  DG  A N2    1 
ATOM   307 N  N3    . DG  A 1 15 ? -7.125  -7.020  4.665   1.00 65.63  ? 15  DG  A N3    1 
ATOM   308 C  C4    . DG  A 1 15 ? -6.398  -7.178  5.796   1.00 63.38  ? 15  DG  A C4    1 
ATOM   309 P  P     . DA  A 1 16 ? -12.045 -6.305  8.448   1.00 104.50 ? 16  DA  A P     1 
ATOM   310 O  OP1   . DA  A 1 16 ? -13.177 -5.331  8.630   1.00 93.93  ? 16  DA  A OP1   1 
ATOM   311 O  OP2   . DA  A 1 16 ? -11.605 -7.340  9.456   1.00 83.50  ? 16  DA  A OP2   1 
ATOM   312 O  "O5'" . DA  A 1 16 ? -12.240 -6.956  7.003   1.00 82.39  ? 16  DA  A "O5'" 1 
ATOM   313 C  "C5'" . DA  A 1 16 ? -12.765 -6.078  6.002   1.00 79.45  ? 16  DA  A "C5'" 1 
ATOM   314 C  "C4'" . DA  A 1 16 ? -12.677 -6.779  4.674   1.00 86.83  ? 16  DA  A "C4'" 1 
ATOM   315 O  "O4'" . DA  A 1 16 ? -11.354 -7.315  4.458   1.00 84.06  ? 16  DA  A "O4'" 1 
ATOM   316 C  "C3'" . DA  A 1 16 ? -13.627 -7.950  4.558   1.00 89.84  ? 16  DA  A "C3'" 1 
ATOM   317 O  "O3'" . DA  A 1 16 ? -14.123 -7.887  3.234   1.00 90.26  ? 16  DA  A "O3'" 1 
ATOM   318 C  "C2'" . DA  A 1 16 ? -12.726 -9.155  4.822   1.00 87.33  ? 16  DA  A "C2'" 1 
ATOM   319 C  "C1'" . DA  A 1 16 ? -11.436 -8.704  4.169   1.00 74.70  ? 16  DA  A "C1'" 1 
ATOM   320 N  N9    . DA  A 1 16 ? -10.195 -9.293  4.661   1.00 69.14  ? 16  DA  A N9    1 
ATOM   321 C  C8    . DA  A 1 16 ? -9.665  -9.307  5.928   1.00 76.48  ? 16  DA  A C8    1 
ATOM   322 N  N7    . DA  A 1 16 ? -8.478  -9.868  5.997   1.00 62.76  ? 16  DA  A N7    1 
ATOM   323 C  C5    . DA  A 1 16 ? -8.208  -10.218 4.683   1.00 56.94  ? 16  DA  A C5    1 
ATOM   324 C  C6    . DA  A 1 16 ? -7.097  -10.824 4.078   1.00 63.40  ? 16  DA  A C6    1 
ATOM   325 N  N6    . DA  A 1 16 ? -6.024  -11.223 4.751   1.00 58.52  ? 16  DA  A N6    1 
ATOM   326 N  N1    . DA  A 1 16 ? -7.132  -11.024 2.741   1.00 62.80  ? 16  DA  A N1    1 
ATOM   327 C  C2    . DA  A 1 16 ? -8.211  -10.620 2.071   1.00 59.30  ? 16  DA  A C2    1 
ATOM   328 N  N3    . DA  A 1 16 ? -9.304  -10.027 2.531   1.00 63.89  ? 16  DA  A N3    1 
ATOM   329 C  C4    . DA  A 1 16 ? -9.244  -9.860  3.855   1.00 56.23  ? 16  DA  A C4    1 
ATOM   330 P  P     . DA  A 1 17 ? -15.463 -8.764  3.249   1.00 110.51 ? 17  DA  A P     1 
ATOM   331 O  OP1   . DA  A 1 17 ? -16.361 -7.959  2.354   1.00 88.44  ? 17  DA  A OP1   1 
ATOM   332 O  OP2   . DA  A 1 17 ? -15.845 -9.211  4.645   1.00 88.94  ? 17  DA  A OP2   1 
ATOM   333 O  "O5'" . DA  A 1 17 ? -14.890 -10.041 2.464   1.00 93.82  ? 17  DA  A "O5'" 1 
ATOM   334 C  "C5'" . DA  A 1 17 ? -14.515 -9.868  1.077   1.00 85.74  ? 17  DA  A "C5'" 1 
ATOM   335 C  "C4'" . DA  A 1 17 ? -13.797 -11.112 0.616   1.00 91.03  ? 17  DA  A "C4'" 1 
ATOM   336 O  "O4'" . DA  A 1 17 ? -12.660 -11.375 1.473   1.00 91.92  ? 17  DA  A "O4'" 1 
ATOM   337 C  "C3'" . DA  A 1 17 ? -14.637 -12.384 0.642   1.00 83.50  ? 17  DA  A "C3'" 1 
ATOM   338 O  "O3'" . DA  A 1 17 ? -14.403 -13.066 -0.590  1.00 86.49  ? 17  DA  A "O3'" 1 
ATOM   339 C  "C2'" . DA  A 1 17 ? -14.088 -13.115 1.870   1.00 78.11  ? 17  DA  A "C2'" 1 
ATOM   340 C  "C1'" . DA  A 1 17 ? -12.627 -12.767 1.756   1.00 70.13  ? 17  DA  A "C1'" 1 
ATOM   341 N  N9    . DA  A 1 17 ? -11.777 -12.920 2.923   1.00 65.28  ? 17  DA  A N9    1 
ATOM   342 C  C8    . DA  A 1 17 ? -11.945 -12.473 4.208   1.00 74.99  ? 17  DA  A C8    1 
ATOM   343 N  N7    . DA  A 1 17 ? -10.902 -12.674 4.983   1.00 66.40  ? 17  DA  A N7    1 
ATOM   344 C  C5    . DA  A 1 17 ? -9.976  -13.256 4.138   1.00 63.36  ? 17  DA  A C5    1 
ATOM   345 C  C6    . DA  A 1 17 ? -8.663  -13.699 4.357   1.00 65.59  ? 17  DA  A C6    1 
ATOM   346 N  N6    . DA  A 1 17 ? -8.080  -13.662 5.547   1.00 64.40  ? 17  DA  A N6    1 
ATOM   347 N  N1    . DA  A 1 17 ? -7.983  -14.206 3.301   1.00 65.54  ? 17  DA  A N1    1 
ATOM   348 C  C2    . DA  A 1 17 ? -8.612  -14.271 2.115   1.00 71.39  ? 17  DA  A C2    1 
ATOM   349 N  N3    . DA  A 1 17 ? -9.851  -13.897 1.793   1.00 65.97  ? 17  DA  A N3    1 
ATOM   350 C  C4    . DA  A 1 17 ? -10.491 -13.397 2.864   1.00 66.07  ? 17  DA  A C4    1 
ATOM   351 P  P     . DC  A 1 18 ? -15.447 -14.269 -0.769  1.00 95.47  ? 18  DC  A P     1 
ATOM   352 O  OP1   . DC  A 1 18 ? -15.313 -14.886 -2.132  1.00 93.22  ? 18  DC  A OP1   1 
ATOM   353 O  OP2   . DC  A 1 18 ? -16.779 -13.803 -0.258  1.00 84.57  ? 18  DC  A OP2   1 
ATOM   354 O  "O5'" . DC  A 1 18 ? -14.892 -15.302 0.322   1.00 89.27  ? 18  DC  A "O5'" 1 
ATOM   355 C  "C5'" . DC  A 1 18 ? -14.631 -16.637 -0.114  1.00 94.03  ? 18  DC  A "C5'" 1 
ATOM   356 C  "C4'" . DC  A 1 18 ? -13.262 -16.685 -0.740  1.00 81.75  ? 18  DC  A "C4'" 1 
ATOM   357 O  "O4'" . DC  A 1 18 ? -12.331 -16.009 0.126   1.00 72.68  ? 18  DC  A "O4'" 1 
ATOM   358 C  "C3'" . DC  A 1 18 ? -12.757 -18.115 -0.897  1.00 92.66  ? 18  DC  A "C3'" 1 
ATOM   359 O  "O3'" . DC  A 1 18 ? -12.054 -18.341 -2.104  1.00 91.32  ? 18  DC  A "O3'" 1 
ATOM   360 C  "C2'" . DC  A 1 18 ? -11.787 -18.311 0.257   1.00 78.44  ? 18  DC  A "C2'" 1 
ATOM   361 C  "C1'" . DC  A 1 18 ? -11.324 -16.908 0.566   1.00 69.73  ? 18  DC  A "C1'" 1 
ATOM   362 N  N1    . DC  A 1 18 ? -11.074 -16.741 2.016   1.00 64.35  ? 18  DC  A N1    1 
ATOM   363 C  C2    . DC  A 1 18 ? -9.903  -17.289 2.550   1.00 61.32  ? 18  DC  A C2    1 
ATOM   364 O  O2    . DC  A 1 18 ? -9.118  -17.874 1.799   1.00 62.07  ? 18  DC  A O2    1 
ATOM   365 N  N3    . DC  A 1 18 ? -9.641  -17.157 3.865   1.00 58.43  ? 18  DC  A N3    1 
ATOM   366 C  C4    . DC  A 1 18 ? -10.514 -16.523 4.653   1.00 61.96  ? 18  DC  A C4    1 
ATOM   367 N  N4    . DC  A 1 18 ? -10.215 -16.436 5.937   1.00 66.93  ? 18  DC  A N4    1 
ATOM   368 C  C5    . DC  A 1 18 ? -11.708 -15.955 4.135   1.00 60.61  ? 18  DC  A C5    1 
ATOM   369 C  C6    . DC  A 1 18 ? -11.965 -16.117 2.829   1.00 66.05  ? 18  DC  A C6    1 
ATOM   370 P  P     . DT  A 1 19 ? -12.053 -19.934 -2.348  1.00 110.25 ? 19  DT  A P     1 
ATOM   371 O  OP1   . DT  A 1 19 ? -11.431 -20.062 -3.719  1.00 85.65  ? 19  DT  A OP1   1 
ATOM   372 O  OP2   . DT  A 1 19 ? -13.371 -20.538 -1.926  1.00 96.79  ? 19  DT  A OP2   1 
ATOM   373 O  "O5'" . DT  A 1 19 ? -11.039 -20.559 -1.271  1.00 87.41  ? 19  DT  A "O5'" 1 
ATOM   374 C  "C5'" . DT  A 1 19 ? -9.679  -20.711 -1.707  1.00 85.86  ? 19  DT  A "C5'" 1 
ATOM   375 C  "C4'" . DT  A 1 19 ? -8.939  -21.518 -0.689  1.00 79.44  ? 19  DT  A "C4'" 1 
ATOM   376 O  "O4'" . DT  A 1 19 ? -9.112  -20.929 0.613   1.00 82.30  ? 19  DT  A "O4'" 1 
ATOM   377 C  "C3'" . DT  A 1 19 ? -9.428  -22.949 -0.562  1.00 82.92  ? 19  DT  A "C3'" 1 
ATOM   378 O  "O3'" . DT  A 1 19 ? -8.268  -23.746 -0.619  1.00 86.44  ? 19  DT  A "O3'" 1 
ATOM   379 C  "C2'" . DT  A 1 19 ? -10.068 -22.981 0.819   1.00 88.12  ? 19  DT  A "C2'" 1 
ATOM   380 C  "C1'" . DT  A 1 19 ? -9.209  -21.976 1.559   1.00 72.93  ? 19  DT  A "C1'" 1 
ATOM   381 N  N1    . DT  A 1 19 ? -9.753  -21.374 2.803   1.00 60.62  ? 19  DT  A N1    1 
ATOM   382 C  C2    . DT  A 1 19 ? -8.973  -21.416 3.947   1.00 59.57  ? 19  DT  A C2    1 
ATOM   383 O  O2    . DT  A 1 19 ? -7.877  -21.972 3.993   1.00 66.58  ? 19  DT  A O2    1 
ATOM   384 N  N3    . DT  A 1 19 ? -9.523  -20.806 5.047   1.00 50.20  ? 19  DT  A N3    1 
ATOM   385 C  C4    . DT  A 1 19 ? -10.739 -20.157 5.119   1.00 59.00  ? 19  DT  A C4    1 
ATOM   386 O  O4    . DT  A 1 19 ? -11.096 -19.634 6.194   1.00 61.97  ? 19  DT  A O4    1 
ATOM   387 C  C5    . DT  A 1 19 ? -11.511 -20.167 3.887   1.00 57.89  ? 19  DT  A C5    1 
ATOM   388 C  C7    . DT  A 1 19 ? -12.847 -19.484 3.876   1.00 59.24  ? 19  DT  A C7    1 
ATOM   389 C  C6    . DT  A 1 19 ? -10.988 -20.758 2.800   1.00 53.86  ? 19  DT  A C6    1 
ATOM   390 P  P     . DC  A 1 20 ? -8.420  -25.175 -1.329  1.00 97.92  ? 20  DC  A P     1 
ATOM   391 O  OP1   . DC  A 1 20 ? -7.340  -25.442 -2.347  1.00 83.73  ? 20  DC  A OP1   1 
ATOM   392 O  OP2   . DC  A 1 20 ? -9.871  -25.444 -1.637  1.00 85.78  ? 20  DC  A OP2   1 
ATOM   393 O  "O5'" . DC  A 1 20 ? -7.923  -25.930 -0.003  1.00 101.78 ? 20  DC  A "O5'" 1 
ATOM   394 C  "C5'" . DC  A 1 20 ? -6.547  -25.706 0.391   1.00 97.97  ? 20  DC  A "C5'" 1 
ATOM   395 C  "C4'" . DC  A 1 20 ? -6.387  -26.058 1.846   1.00 107.09 ? 20  DC  A "C4'" 1 
ATOM   396 O  "O4'" . DC  A 1 20 ? -7.249  -25.237 2.665   1.00 100.99 ? 20  DC  A "O4'" 1 
ATOM   397 C  "C3'" . DC  A 1 20 ? -6.747  -27.504 2.172   1.00 119.57 ? 20  DC  A "C3'" 1 
ATOM   398 O  "O3'" . DC  A 1 20 ? -5.614  -28.092 2.799   1.00 116.34 ? 20  DC  A "O3'" 1 
ATOM   399 C  "C2'" . DC  A 1 20 ? -7.950  -27.377 3.103   1.00 113.89 ? 20  DC  A "C2'" 1 
ATOM   400 C  "C1'" . DC  A 1 20 ? -7.693  -26.025 3.743   1.00 96.55  ? 20  DC  A "C1'" 1 
ATOM   401 N  N1    . DC  A 1 20 ? -8.853  -25.319 4.334   1.00 80.20  ? 20  DC  A N1    1 
ATOM   402 C  C2    . DC  A 1 20 ? -8.735  -24.808 5.631   1.00 75.17  ? 20  DC  A C2    1 
ATOM   403 O  O2    . DC  A 1 20 ? -7.687  -25.025 6.255   1.00 77.68  ? 20  DC  A O2    1 
ATOM   404 N  N3    . DC  A 1 20 ? -9.773  -24.116 6.166   1.00 67.28  ? 20  DC  A N3    1 
ATOM   405 C  C4    . DC  A 1 20 ? -10.892 -23.924 5.444   1.00 72.42  ? 20  DC  A C4    1 
ATOM   406 N  N4    . DC  A 1 20 ? -11.884 -23.243 5.997   1.00 70.58  ? 20  DC  A N4    1 
ATOM   407 C  C5    . DC  A 1 20 ? -11.029 -24.438 4.123   1.00 65.25  ? 20  DC  A C5    1 
ATOM   408 C  C6    . DC  A 1 20 ? -9.987  -25.114 3.610   1.00 72.31  ? 20  DC  A C6    1 
ATOM   409 P  P     . DA  A 1 21 ? -5.604  -29.647 2.413   1.00 123.99 ? 21  DA  A P     1 
ATOM   410 O  OP1   . DA  A 1 21 ? -4.613  -29.829 1.295   1.00 117.05 ? 21  DA  A OP1   1 
ATOM   411 O  OP2   . DA  A 1 21 ? -7.033  -30.097 2.218   1.00 106.12 ? 21  DA  A OP2   1 
ATOM   412 O  "O5'" . DA  A 1 21 ? -5.055  -30.241 3.807   1.00 122.63 ? 21  DA  A "O5'" 1 
ATOM   413 C  "C5'" . DA  A 1 21 ? -3.816  -29.734 4.389   1.00 114.58 ? 21  DA  A "C5'" 1 
ATOM   414 C  "C4'" . DA  A 1 21 ? -4.007  -29.411 5.857   1.00 113.08 ? 21  DA  A "C4'" 1 
ATOM   415 O  "O4'" . DA  A 1 21 ? -5.268  -28.737 6.081   1.00 108.03 ? 21  DA  A "O4'" 1 
ATOM   416 C  "C3'" . DA  A 1 21 ? -4.051  -30.609 6.798   1.00 119.19 ? 21  DA  A "C3'" 1 
ATOM   417 O  "O3'" . DA  A 1 21 ? -3.619  -30.180 8.088   1.00 108.56 ? 21  DA  A "O3'" 1 
ATOM   418 C  "C2'" . DA  A 1 21 ? -5.540  -30.937 6.782   1.00 115.49 ? 21  DA  A "C2'" 1 
ATOM   419 C  "C1'" . DA  A 1 21 ? -6.081  -29.533 6.952   1.00 108.41 ? 21  DA  A "C1'" 1 
ATOM   420 N  N9    . DA  A 1 21 ? -7.486  -29.281 6.615   1.00 98.76  ? 21  DA  A N9    1 
ATOM   421 C  C8    . DA  A 1 21 ? -8.280  -29.618 5.540   1.00 90.65  ? 21  DA  A C8    1 
ATOM   422 N  N7    . DA  A 1 21 ? -9.484  -29.093 5.598   1.00 77.72  ? 21  DA  A N7    1 
ATOM   423 C  C5    . DA  A 1 21 ? -9.477  -28.354 6.775   1.00 66.36  ? 21  DA  A C5    1 
ATOM   424 C  C6    . DA  A 1 21 ? -10.449 -27.548 7.398   1.00 77.49  ? 21  DA  A C6    1 
ATOM   425 N  N6    . DA  A 1 21 ? -11.661 -27.350 6.891   1.00 78.53  ? 21  DA  A N6    1 
ATOM   426 N  N1    . DA  A 1 21 ? -10.134 -26.952 8.578   1.00 76.96  ? 21  DA  A N1    1 
ATOM   427 C  C2    . DA  A 1 21 ? -8.904  -27.145 9.070   1.00 84.72  ? 21  DA  A C2    1 
ATOM   428 N  N3    . DA  A 1 21 ? -7.901  -27.864 8.566   1.00 83.58  ? 21  DA  A N3    1 
ATOM   429 C  C4    . DA  A 1 21 ? -8.257  -28.455 7.408   1.00 78.60  ? 21  DA  A C4    1 
ATOM   430 P  P     . DC  B 2 1  ? -1.036  -10.513 -5.155  1.00 65.03  ? 0   DC  B P     1 
ATOM   431 O  OP1   . DC  B 2 1  ? -1.387  -10.476 -6.669  1.00 50.76  ? 0   DC  B OP1   1 
ATOM   432 O  OP2   . DC  B 2 1  ? -0.375  -9.287  -4.606  1.00 66.92  ? 0   DC  B OP2   1 
ATOM   433 O  "O5'" . DC  B 2 1  ? -2.472  -10.477 -4.467  1.00 65.37  ? 0   DC  B "O5'" 1 
ATOM   434 C  "C5'" . DC  B 2 1  ? -3.645  -10.558 -5.319  1.00 59.47  ? 0   DC  B "C5'" 1 
ATOM   435 C  "C4'" . DC  B 2 1  ? -4.844  -10.206 -4.488  1.00 52.94  ? 0   DC  B "C4'" 1 
ATOM   436 O  "O4'" . DC  B 2 1  ? -4.722  -10.780 -3.171  1.00 54.02  ? 0   DC  B "O4'" 1 
ATOM   437 C  "C3'" . DC  B 2 1  ? -4.941  -8.732  -4.200  1.00 56.39  ? 0   DC  B "C3'" 1 
ATOM   438 O  "O3'" . DC  B 2 1  ? -5.585  -8.119  -5.278  1.00 68.07  ? 0   DC  B "O3'" 1 
ATOM   439 C  "C2'" . DC  B 2 1  ? -5.779  -8.679  -2.934  1.00 50.00  ? 0   DC  B "C2'" 1 
ATOM   440 C  "C1'" . DC  B 2 1  ? -5.414  -9.971  -2.238  1.00 46.24  ? 0   DC  B "C1'" 1 
ATOM   441 N  N1    . DC  B 2 1  ? -4.550  -9.807  -1.062  1.00 43.77  ? 0   DC  B N1    1 
ATOM   442 C  C2    . DC  B 2 1  ? -5.060  -9.120  0.041   1.00 50.26  ? 0   DC  B C2    1 
ATOM   443 O  O2    . DC  B 2 1  ? -6.192  -8.614  -0.058  1.00 53.13  ? 0   DC  B O2    1 
ATOM   444 N  N3    . DC  B 2 1  ? -4.287  -9.016  1.161   1.00 44.95  ? 0   DC  B N3    1 
ATOM   445 C  C4    . DC  B 2 1  ? -3.071  -9.588  1.184   1.00 48.50  ? 0   DC  B C4    1 
ATOM   446 N  N4    . DC  B 2 1  ? -2.360  -9.483  2.284   1.00 55.38  ? 0   DC  B N4    1 
ATOM   447 C  C5    . DC  B 2 1  ? -2.569  -10.350 0.098   1.00 42.20  ? 0   DC  B C5    1 
ATOM   448 C  C6    . DC  B 2 1  ? -3.330  -10.407 -1.006  1.00 45.21  ? 0   DC  B C6    1 
ATOM   449 P  P     . DC  B 2 2  ? -4.950  -6.667  -5.537  1.00 69.67  ? 1   DC  B P     1 
ATOM   450 O  OP1   . DC  B 2 2  ? -5.600  -6.413  -6.869  1.00 58.80  ? 1   DC  B OP1   1 
ATOM   451 O  OP2   . DC  B 2 2  ? -3.481  -6.629  -5.213  1.00 72.17  ? 1   DC  B OP2   1 
ATOM   452 O  "O5'" . DC  B 2 2  ? -5.603  -5.702  -4.432  1.00 57.51  ? 1   DC  B "O5'" 1 
ATOM   453 C  "C5'" . DC  B 2 2  ? -6.998  -5.462  -4.590  1.00 62.15  ? 1   DC  B "C5'" 1 
ATOM   454 C  "C4'" . DC  B 2 2  ? -7.445  -4.793  -3.334  1.00 65.97  ? 1   DC  B "C4'" 1 
ATOM   455 O  "O4'" . DC  B 2 2  ? -6.904  -5.513  -2.219  1.00 63.47  ? 1   DC  B "O4'" 1 
ATOM   456 C  "C3'" . DC  B 2 2  ? -6.935  -3.376  -3.212  1.00 71.24  ? 1   DC  B "C3'" 1 
ATOM   457 O  "O3'" . DC  B 2 2  ? -7.967  -2.501  -3.644  1.00 78.33  ? 1   DC  B "O3'" 1 
ATOM   458 C  "C2'" . DC  B 2 2  ? -6.659  -3.207  -1.727  1.00 69.92  ? 1   DC  B "C2'" 1 
ATOM   459 C  "C1'" . DC  B 2 2  ? -6.679  -4.616  -1.160  1.00 63.18  ? 1   DC  B "C1'" 1 
ATOM   460 N  N1    . DC  B 2 2  ? -5.418  -5.037  -0.524  1.00 52.39  ? 1   DC  B N1    1 
ATOM   461 C  C2    . DC  B 2 2  ? -5.208  -4.707  0.819   1.00 56.49  ? 1   DC  B C2    1 
ATOM   462 O  O2    . DC  B 2 2  ? -6.097  -4.073  1.419   1.00 68.12  ? 1   DC  B O2    1 
ATOM   463 N  N3    . DC  B 2 2  ? -4.049  -5.071  1.410   1.00 46.00  ? 1   DC  B N3    1 
ATOM   464 C  C4    . DC  B 2 2  ? -3.161  -5.793  0.712   1.00 49.80  ? 1   DC  B C4    1 
ATOM   465 N  N4    . DC  B 2 2  ? -2.077  -6.225  1.340   1.00 43.99  ? 1   DC  B N4    1 
ATOM   466 C  C5    . DC  B 2 2  ? -3.366  -6.126  -0.657  1.00 48.09  ? 1   DC  B C5    1 
ATOM   467 C  C6    . DC  B 2 2  ? -4.492  -5.710  -1.238  1.00 45.65  ? 1   DC  B C6    1 
ATOM   468 P  P     . DG  B 2 3  ? -7.288  -1.072  -3.908  1.00 87.16  ? 2   DG  B P     1 
ATOM   469 O  OP1   . DG  B 2 3  ? -8.441  -0.337  -4.522  1.00 80.65  ? 2   DG  B OP1   1 
ATOM   470 O  OP2   . DG  B 2 3  ? -5.958  -1.186  -4.621  1.00 78.59  ? 2   DG  B OP2   1 
ATOM   471 O  "O5'" . DG  B 2 3  ? -7.084  -0.509  -2.419  1.00 59.74  ? 2   DG  B "O5'" 1 
ATOM   472 C  "C5'" . DG  B 2 3  ? -8.327  -0.195  -1.764  1.00 64.43  ? 2   DG  B "C5'" 1 
ATOM   473 C  "C4'" . DG  B 2 3  ? -8.065  0.230   -0.349  1.00 70.37  ? 2   DG  B "C4'" 1 
ATOM   474 O  "O4'" . DG  B 2 3  ? -7.118  -0.669  0.267   1.00 74.18  ? 2   DG  B "O4'" 1 
ATOM   475 C  "C3'" . DG  B 2 3  ? -7.473  1.625   -0.237  1.00 73.52  ? 2   DG  B "C3'" 1 
ATOM   476 O  "O3'" . DG  B 2 3  ? -7.958  2.218   0.956   1.00 88.52  ? 2   DG  B "O3'" 1 
ATOM   477 C  "C2'" . DG  B 2 3  ? -5.987  1.327   -0.121  1.00 77.45  ? 2   DG  B "C2'" 1 
ATOM   478 C  "C1'" . DG  B 2 3  ? -6.012  0.086   0.743   1.00 66.41  ? 2   DG  B "C1'" 1 
ATOM   479 N  N9    . DG  B 2 3  ? -4.813  -0.713  0.592   1.00 55.79  ? 2   DG  B N9    1 
ATOM   480 C  C8    . DG  B 2 3  ? -4.328  -1.213  -0.589  1.00 55.95  ? 2   DG  B C8    1 
ATOM   481 N  N7    . DG  B 2 3  ? -3.219  -1.902  -0.428  1.00 57.30  ? 2   DG  B N7    1 
ATOM   482 C  C5    . DG  B 2 3  ? -2.955  -1.820  0.933   1.00 51.37  ? 2   DG  B C5    1 
ATOM   483 C  C6    . DG  B 2 3  ? -1.876  -2.352  1.682   1.00 62.70  ? 2   DG  B C6    1 
ATOM   484 O  O6    . DG  B 2 3  ? -0.902  -3.004  1.277   1.00 62.04  ? 2   DG  B O6    1 
ATOM   485 N  N1    . DG  B 2 3  ? -2.001  -2.052  3.033   1.00 61.83  ? 2   DG  B N1    1 
ATOM   486 C  C2    . DG  B 2 3  ? -3.023  -1.322  3.573   1.00 63.40  ? 2   DG  B C2    1 
ATOM   487 N  N2    . DG  B 2 3  ? -2.986  -1.165  4.893   1.00 73.71  ? 2   DG  B N2    1 
ATOM   488 N  N3    . DG  B 2 3  ? -4.025  -0.796  2.878   1.00 57.32  ? 2   DG  B N3    1 
ATOM   489 C  C4    . DG  B 2 3  ? -3.919  -1.076  1.566   1.00 49.48  ? 2   DG  B C4    1 
ATOM   490 P  P     . DT  B 2 4  ? -7.604  3.782   1.056   1.00 101.58 ? 3   DT  B P     1 
ATOM   491 O  OP1   . DT  B 2 4  ? -8.810  4.509   1.592   1.00 97.22  ? 3   DT  B OP1   1 
ATOM   492 O  OP2   . DT  B 2 4  ? -6.900  4.245   -0.203  1.00 90.75  ? 3   DT  B OP2   1 
ATOM   493 O  "O5'" . DT  B 2 4  ? -6.558  3.747   2.272   1.00 83.83  ? 3   DT  B "O5'" 1 
ATOM   494 C  "C5'" . DT  B 2 4  ? -7.118  3.596   3.580   1.00 75.16  ? 3   DT  B "C5'" 1 
ATOM   495 C  "C4'" . DT  B 2 4  ? -5.999  3.544   4.579   1.00 72.84  ? 3   DT  B "C4'" 1 
ATOM   496 O  "O4'" . DT  B 2 4  ? -4.958  2.651   4.125   1.00 80.55  ? 3   DT  B "O4'" 1 
ATOM   497 C  "C3'" . DT  B 2 4  ? -5.324  4.877   4.845   1.00 62.21  ? 3   DT  B "C3'" 1 
ATOM   498 O  "O3'" . DT  B 2 4  ? -5.299  4.898   6.253   1.00 66.44  ? 3   DT  B "O3'" 1 
ATOM   499 C  "C2'" . DT  B 2 4  ? -3.965  4.713   4.179   1.00 66.12  ? 3   DT  B "C2'" 1 
ATOM   500 C  "C1'" . DT  B 2 4  ? -3.700  3.238   4.404   1.00 64.15  ? 3   DT  B "C1'" 1 
ATOM   501 N  N1    . DT  B 2 4  ? -2.735  2.560   3.517   1.00 59.20  ? 3   DT  B N1    1 
ATOM   502 C  C2    . DT  B 2 4  ? -1.676  1.883   4.093   1.00 65.87  ? 3   DT  B C2    1 
ATOM   503 O  O2    . DT  B 2 4  ? -1.435  1.891   5.296   1.00 68.04  ? 3   DT  B O2    1 
ATOM   504 N  N3    . DT  B 2 4  ? -0.872  1.208   3.208   1.00 66.07  ? 3   DT  B N3    1 
ATOM   505 C  C4    . DT  B 2 4  ? -1.029  1.124   1.838   1.00 68.80  ? 3   DT  B C4    1 
ATOM   506 O  O4    . DT  B 2 4  ? -0.214  0.500   1.146   1.00 66.21  ? 3   DT  B O4    1 
ATOM   507 C  C5    . DT  B 2 4  ? -2.170  1.831   1.308   1.00 64.84  ? 3   DT  B C5    1 
ATOM   508 C  C7    . DT  B 2 4  ? -2.384  1.760   -0.178  1.00 62.39  ? 3   DT  B C7    1 
ATOM   509 C  C6    . DT  B 2 4  ? -2.981  2.479   2.162   1.00 55.62  ? 3   DT  B C6    1 
ATOM   510 P  P     . DC  B 2 5  ? -4.967  6.314   6.916   1.00 70.69  ? 4   DC  B P     1 
ATOM   511 O  OP1   . DC  B 2 5  ? -5.859  6.689   8.071   1.00 82.10  ? 4   DC  B OP1   1 
ATOM   512 O  OP2   . DC  B 2 5  ? -4.613  7.205   5.757   1.00 67.16  ? 4   DC  B OP2   1 
ATOM   513 O  "O5'" . DC  B 2 5  ? -3.693  5.911   7.804   1.00 68.16  ? 4   DC  B "O5'" 1 
ATOM   514 C  "C5'" . DC  B 2 5  ? -2.757  5.007   7.228   1.00 55.09  ? 4   DC  B "C5'" 1 
ATOM   515 C  "C4'" . DC  B 2 5  ? -1.482  5.018   8.021   1.00 53.42  ? 4   DC  B "C4'" 1 
ATOM   516 O  "O4'" . DC  B 2 5  ? -0.487  4.342   7.218   1.00 65.69  ? 4   DC  B "O4'" 1 
ATOM   517 C  "C3'" . DC  B 2 5  ? -0.861  6.354   8.390   1.00 46.79  ? 4   DC  B "C3'" 1 
ATOM   518 O  "O3'" . DC  B 2 5  ? -0.165  6.129   9.602   1.00 49.25  ? 4   DC  B "O3'" 1 
ATOM   519 C  "C2'" . DC  B 2 5  ? 0.052   6.624   7.195   1.00 51.83  ? 4   DC  B "C2'" 1 
ATOM   520 C  "C1'" . DC  B 2 5  ? 0.493   5.242   6.739   1.00 58.01  ? 4   DC  B "C1'" 1 
ATOM   521 N  N1    . DC  B 2 5  ? 0.565   4.977   5.280   1.00 54.36  ? 4   DC  B N1    1 
ATOM   522 C  C2    . DC  B 2 5  ? 1.606   4.185   4.762   1.00 60.54  ? 4   DC  B C2    1 
ATOM   523 O  O2    . DC  B 2 5  ? 2.515   3.787   5.502   1.00 62.71  ? 4   DC  B O2    1 
ATOM   524 N  N3    . DC  B 2 5  ? 1.616   3.875   3.454   1.00 59.01  ? 4   DC  B N3    1 
ATOM   525 C  C4    . DC  B 2 5  ? 0.611   4.285   2.680   1.00 62.99  ? 4   DC  B C4    1 
ATOM   526 N  N4    . DC  B 2 5  ? 0.648   3.968   1.404   1.00 75.00  ? 4   DC  B N4    1 
ATOM   527 C  C5    . DC  B 2 5  ? -0.465  5.037   3.188   1.00 54.03  ? 4   DC  B C5    1 
ATOM   528 C  C6    . DC  B 2 5  ? -0.460  5.338   4.487   1.00 50.86  ? 4   DC  B C6    1 
ATOM   529 P  P     . DA  B 2 6  ? 0.577   7.340   10.365  1.00 63.99  ? 5   DA  B P     1 
ATOM   530 O  OP1   . DA  B 2 6  ? 1.266   6.939   11.646  1.00 61.13  ? 5   DA  B OP1   1 
ATOM   531 O  OP2   . DA  B 2 6  ? -0.370  8.503   10.503  1.00 51.70  ? 5   DA  B OP2   1 
ATOM   532 O  "O5'" . DA  B 2 6  ? 1.776   7.577   9.329   1.00 60.67  ? 5   DA  B "O5'" 1 
ATOM   533 C  "C5'" . DA  B 2 6  ? 3.111   7.331   9.823   1.00 61.82  ? 5   DA  B "C5'" 1 
ATOM   534 C  "C4'" . DA  B 2 6  ? 4.114   7.556   8.722   1.00 59.49  ? 5   DA  B "C4'" 1 
ATOM   535 O  "O4'" . DA  B 2 6  ? 3.567   7.158   7.440   1.00 61.33  ? 5   DA  B "O4'" 1 
ATOM   536 C  "C3'" . DA  B 2 6  ? 4.544   9.010   8.572   1.00 55.32  ? 5   DA  B "C3'" 1 
ATOM   537 O  "O3'" . DA  B 2 6  ? 5.965   9.050   8.592   1.00 52.26  ? 5   DA  B "O3'" 1 
ATOM   538 C  "C2'" . DA  B 2 6  ? 4.000   9.372   7.195   1.00 59.14  ? 5   DA  B "C2'" 1 
ATOM   539 C  "C1'" . DA  B 2 6  ? 4.137   8.042   6.489   1.00 53.31  ? 5   DA  B "C1'" 1 
ATOM   540 N  N9    . DA  B 2 6  ? 3.436   7.916   5.228   1.00 58.88  ? 5   DA  B N9    1 
ATOM   541 C  C8    . DA  B 2 6  ? 2.258   8.496   4.811   1.00 63.99  ? 5   DA  B C8    1 
ATOM   542 N  N7    . DA  B 2 6  ? 1.918   8.151   3.591   1.00 59.56  ? 5   DA  B N7    1 
ATOM   543 C  C5    . DA  B 2 6  ? 2.920   7.289   3.189   1.00 53.74  ? 5   DA  B C5    1 
ATOM   544 C  C6    . DA  B 2 6  ? 3.137   6.607   1.989   1.00 50.97  ? 5   DA  B C6    1 
ATOM   545 N  N6    . DA  B 2 6  ? 2.313   6.670   0.965   1.00 52.60  ? 5   DA  B N6    1 
ATOM   546 N  N1    . DA  B 2 6  ? 4.247   5.849   1.885   1.00 59.64  ? 5   DA  B N1    1 
ATOM   547 C  C2    . DA  B 2 6  ? 5.056   5.776   2.954   1.00 69.19  ? 5   DA  B C2    1 
ATOM   548 N  N3    . DA  B 2 6  ? 4.966   6.389   4.137   1.00 59.20  ? 5   DA  B N3    1 
ATOM   549 C  C4    . DA  B 2 6  ? 3.871   7.149   4.181   1.00 56.78  ? 5   DA  B C4    1 
ATOM   550 O  "O5'" . DT  C 3 1  ? -22.277 -30.305 6.743   1.00 123.70 ? 1   DT  C "O5'" 1 
ATOM   551 C  "C5'" . DT  C 3 1  ? -22.479 -28.916 7.106   1.00 124.70 ? 1   DT  C "C5'" 1 
ATOM   552 C  "C4'" . DT  C 3 1  ? -22.208 -28.755 8.582   1.00 120.55 ? 1   DT  C "C4'" 1 
ATOM   553 O  "O4'" . DT  C 3 1  ? -21.595 -29.966 9.074   1.00 118.79 ? 1   DT  C "O4'" 1 
ATOM   554 C  "C3'" . DT  C 3 1  ? -21.255 -27.616 8.942   1.00 123.33 ? 1   DT  C "C3'" 1 
ATOM   555 O  "O3'" . DT  C 3 1  ? -21.990 -26.411 9.191   1.00 127.89 ? 1   DT  C "O3'" 1 
ATOM   556 C  "C2'" . DT  C 3 1  ? -20.521 -28.142 10.168  1.00 117.78 ? 1   DT  C "C2'" 1 
ATOM   557 C  "C1'" . DT  C 3 1  ? -20.555 -29.652 9.993   1.00 120.13 ? 1   DT  C "C1'" 1 
ATOM   558 N  N1    . DT  C 3 1  ? -19.283 -30.240 9.509   1.00 108.14 ? 1   DT  C N1    1 
ATOM   559 C  C2    . DT  C 3 1  ? -18.195 -30.162 10.360  1.00 106.42 ? 1   DT  C C2    1 
ATOM   560 O  O2    . DT  C 3 1  ? -18.243 -29.606 11.456  1.00 109.15 ? 1   DT  C O2    1 
ATOM   561 N  N3    . DT  C 3 1  ? -17.049 -30.760 9.889   1.00 95.31  ? 1   DT  C N3    1 
ATOM   562 C  C4    . DT  C 3 1  ? -16.887 -31.413 8.679   1.00 95.33  ? 1   DT  C C4    1 
ATOM   563 O  O4    . DT  C 3 1  ? -15.804 -31.930 8.382   1.00 85.44  ? 1   DT  C O4    1 
ATOM   564 C  C5    . DT  C 3 1  ? -18.058 -31.445 7.832   1.00 91.42  ? 1   DT  C C5    1 
ATOM   565 C  C7    . DT  C 3 1  ? -17.927 -32.150 6.513   1.00 81.12  ? 1   DT  C C7    1 
ATOM   566 C  C6    . DT  C 3 1  ? -19.194 -30.874 8.280   1.00 92.06  ? 1   DT  C C6    1 
ATOM   567 P  P     . DC  C 3 2  ? -22.302 -26.058 10.729  1.00 136.43 ? 2   DC  C P     1 
ATOM   568 O  OP1   . DC  C 3 2  ? -23.036 -27.230 11.316  1.00 158.16 ? 2   DC  C OP1   1 
ATOM   569 O  OP2   . DC  C 3 2  ? -22.881 -24.675 10.905  1.00 126.59 ? 2   DC  C OP2   1 
ATOM   570 O  "O5'" . DC  C 3 2  ? -20.853 -25.947 11.400  1.00 111.94 ? 2   DC  C "O5'" 1 
ATOM   571 C  "C5'" . DC  C 3 2  ? -20.798 -25.335 12.700  1.00 115.87 ? 2   DC  C "C5'" 1 
ATOM   572 C  "C4'" . DC  C 3 2  ? -19.473 -25.676 13.330  1.00 122.97 ? 2   DC  C "C4'" 1 
ATOM   573 O  "O4'" . DC  C 3 2  ? -18.717 -26.581 12.489  1.00 108.90 ? 2   DC  C "O4'" 1 
ATOM   574 C  "C3'" . DC  C 3 2  ? -18.575 -24.469 13.567  1.00 117.28 ? 2   DC  C "C3'" 1 
ATOM   575 O  "O3'" . DC  C 3 2  ? -18.038 -24.561 14.876  1.00 118.81 ? 2   DC  C "O3'" 1 
ATOM   576 C  "C2'" . DC  C 3 2  ? -17.481 -24.639 12.525  1.00 117.27 ? 2   DC  C "C2'" 1 
ATOM   577 C  "C1'" . DC  C 3 2  ? -17.375 -26.148 12.512  1.00 107.89 ? 2   DC  C "C1'" 1 
ATOM   578 N  N1    . DC  C 3 2  ? -16.687 -26.721 11.341  1.00 99.76  ? 2   DC  C N1    1 
ATOM   579 C  C2    . DC  C 3 2  ? -15.397 -27.238 11.512  1.00 98.95  ? 2   DC  C C2    1 
ATOM   580 O  O2    . DC  C 3 2  ? -14.868 -27.184 12.636  1.00 107.23 ? 2   DC  C O2    1 
ATOM   581 N  N3    . DC  C 3 2  ? -14.765 -27.788 10.451  1.00 84.94  ? 2   DC  C N3    1 
ATOM   582 C  C4    . DC  C 3 2  ? -15.380 -27.840 9.261   1.00 94.18  ? 2   DC  C C4    1 
ATOM   583 N  N4    . DC  C 3 2  ? -14.725 -28.415 8.262   1.00 90.12  ? 2   DC  C N4    1 
ATOM   584 C  C5    . DC  C 3 2  ? -16.694 -27.317 9.068   1.00 89.67  ? 2   DC  C C5    1 
ATOM   585 C  C6    . DC  C 3 2  ? -17.306 -26.770 10.131  1.00 92.82  ? 2   DC  C C6    1 
ATOM   586 P  P     . DT  C 3 3  ? -17.519 -23.077 15.190  1.00 134.82 ? 3   DT  C P     1 
ATOM   587 O  OP1   . DT  C 3 3  ? -17.440 -22.820 16.670  1.00 123.25 ? 3   DT  C OP1   1 
ATOM   588 O  OP2   . DT  C 3 3  ? -18.319 -22.164 14.296  1.00 112.87 ? 3   DT  C OP2   1 
ATOM   589 O  "O5'" . DT  C 3 3  ? -16.005 -23.253 14.682  1.00 132.89 ? 3   DT  C "O5'" 1 
ATOM   590 C  "C5'" . DT  C 3 3  ? -15.163 -24.193 15.393  1.00 125.20 ? 3   DT  C "C5'" 1 
ATOM   591 C  "C4'" . DT  C 3 3  ? -13.714 -23.944 15.051  1.00 120.42 ? 3   DT  C "C4'" 1 
ATOM   592 O  "O4'" . DT  C 3 3  ? -13.393 -24.524 13.765  1.00 116.57 ? 3   DT  C "O4'" 1 
ATOM   593 C  "C3'" . DT  C 3 3  ? -13.290 -22.485 14.935  1.00 114.96 ? 3   DT  C "C3'" 1 
ATOM   594 O  "O3'" . DT  C 3 3  ? -11.969 -22.457 15.459  1.00 113.35 ? 3   DT  C "O3'" 1 
ATOM   595 C  "C2'" . DT  C 3 3  ? -13.317 -22.236 13.433  1.00 102.80 ? 3   DT  C "C2'" 1 
ATOM   596 C  "C1'" . DT  C 3 3  ? -12.732 -23.556 12.961  1.00 91.38  ? 3   DT  C "C1'" 1 
ATOM   597 N  N1    . DT  C 3 3  ? -12.973 -23.961 11.564  1.00 77.76  ? 3   DT  C N1    1 
ATOM   598 C  C2    . DT  C 3 3  ? -12.031 -24.790 10.965  1.00 78.04  ? 3   DT  C C2    1 
ATOM   599 O  O2    . DT  C 3 3  ? -10.994 -25.142 11.513  1.00 77.73  ? 3   DT  C O2    1 
ATOM   600 N  N3    . DT  C 3 3  ? -12.327 -25.196 9.686   1.00 67.41  ? 3   DT  C N3    1 
ATOM   601 C  C4    . DT  C 3 3  ? -13.461 -24.865 8.969   1.00 80.24  ? 3   DT  C C4    1 
ATOM   602 O  O4    . DT  C 3 3  ? -13.586 -25.292 7.821   1.00 76.20  ? 3   DT  C O4    1 
ATOM   603 C  C5    . DT  C 3 3  ? -14.423 -24.016 9.657   1.00 85.95  ? 3   DT  C C5    1 
ATOM   604 C  C7    . DT  C 3 3  ? -15.678 -23.618 8.928   1.00 84.97  ? 3   DT  C C7    1 
ATOM   605 C  C6    . DT  C 3 3  ? -14.147 -23.620 10.917  1.00 75.14  ? 3   DT  C C6    1 
ATOM   606 P  P     . DG  C 3 4  ? -11.684 -21.089 16.247  1.00 128.36 ? 4   DG  C P     1 
ATOM   607 O  OP1   . DG  C 3 4  ? -11.936 -21.243 17.721  1.00 129.47 ? 4   DG  C OP1   1 
ATOM   608 O  OP2   . DG  C 3 4  ? -12.362 -19.998 15.458  1.00 123.64 ? 4   DG  C OP2   1 
ATOM   609 O  "O5'" . DG  C 3 4  ? -10.089 -21.050 16.088  1.00 117.66 ? 4   DG  C "O5'" 1 
ATOM   610 C  "C5'" . DG  C 3 4  ? -9.356  -22.258 16.403  1.00 112.97 ? 4   DG  C "C5'" 1 
ATOM   611 C  "C4'" . DG  C 3 4  ? -8.119  -22.322 15.549  1.00 110.28 ? 4   DG  C "C4'" 1 
ATOM   612 O  "O4'" . DG  C 3 4  ? -8.463  -22.598 14.172  1.00 104.82 ? 4   DG  C "O4'" 1 
ATOM   613 C  "C3'" . DG  C 3 4  ? -7.306  -21.037 15.529  1.00 109.08 ? 4   DG  C "C3'" 1 
ATOM   614 O  "O3'" . DG  C 3 4  ? -5.960  -21.486 15.422  1.00 115.38 ? 4   DG  C "O3'" 1 
ATOM   615 C  "C2'" . DG  C 3 4  ? -7.856  -20.325 14.292  1.00 103.32 ? 4   DG  C "C2'" 1 
ATOM   616 C  "C1'" . DG  C 3 4  ? -8.078  -21.499 13.343  1.00 97.04  ? 4   DG  C "C1'" 1 
ATOM   617 N  N9    . DG  C 3 4  ? -9.128  -21.342 12.333  1.00 77.86  ? 4   DG  C N9    1 
ATOM   618 C  C8    . DG  C 3 4  ? -10.258 -20.560 12.355  1.00 79.52  ? 4   DG  C C8    1 
ATOM   619 N  N7    . DG  C 3 4  ? -11.016 -20.704 11.292  1.00 76.65  ? 4   DG  C N7    1 
ATOM   620 C  C5    . DG  C 3 4  ? -10.337 -21.639 10.522  1.00 67.80  ? 4   DG  C C5    1 
ATOM   621 C  C6    . DG  C 3 4  ? -10.680 -22.191 9.263   1.00 73.81  ? 4   DG  C C6    1 
ATOM   622 O  O6    . DG  C 3 4  ? -11.687 -21.961 8.579   1.00 74.32  ? 4   DG  C O6    1 
ATOM   623 N  N1    . DG  C 3 4  ? -9.720  -23.104 8.822   1.00 71.20  ? 4   DG  C N1    1 
ATOM   624 C  C2    . DG  C 3 4  ? -8.587  -23.447 9.523   1.00 74.86  ? 4   DG  C C2    1 
ATOM   625 N  N2    . DG  C 3 4  ? -7.792  -24.356 8.947   1.00 77.82  ? 4   DG  C N2    1 
ATOM   626 N  N3    . DG  C 3 4  ? -8.261  -22.935 10.715  1.00 71.13  ? 4   DG  C N3    1 
ATOM   627 C  C4    . DG  C 3 4  ? -9.174  -22.034 11.146  1.00 65.17  ? 4   DG  C C4    1 
ATOM   628 P  P     . DA  C 3 5  ? -4.868  -20.349 15.712  1.00 124.57 ? 5   DA  C P     1 
ATOM   629 O  OP1   . DA  C 3 5  ? -3.936  -20.776 16.814  1.00 112.86 ? 5   DA  C OP1   1 
ATOM   630 O  OP2   . DA  C 3 5  ? -5.607  -19.035 15.690  1.00 105.93 ? 5   DA  C OP2   1 
ATOM   631 O  "O5'" . DA  C 3 5  ? -3.951  -20.538 14.411  1.00 130.75 ? 5   DA  C "O5'" 1 
ATOM   632 C  "C5'" . DA  C 3 5  ? -3.431  -21.864 14.144  1.00 120.23 ? 5   DA  C "C5'" 1 
ATOM   633 C  "C4'" . DA  C 3 5  ? -3.268  -21.990 12.655  1.00 109.34 ? 5   DA  C "C4'" 1 
ATOM   634 O  "O4'" . DA  C 3 5  ? -4.537  -21.756 12.002  1.00 100.43 ? 5   DA  C "O4'" 1 
ATOM   635 C  "C3'" . DA  C 3 5  ? -2.288  -20.967 12.094  1.00 103.93 ? 5   DA  C "C3'" 1 
ATOM   636 O  "O3'" . DA  C 3 5  ? -1.413  -21.627 11.193  1.00 105.85 ? 5   DA  C "O3'" 1 
ATOM   637 C  "C2'" . DA  C 3 5  ? -3.206  -19.967 11.395  1.00 103.76 ? 5   DA  C "C2'" 1 
ATOM   638 C  "C1'" . DA  C 3 5  ? -4.299  -20.888 10.901  1.00 92.73  ? 5   DA  C "C1'" 1 
ATOM   639 N  N9    . DA  C 3 5  ? -5.545  -20.230 10.522  1.00 76.42  ? 5   DA  C N9    1 
ATOM   640 C  C8    . DA  C 3 5  ? -6.309  -19.302 11.187  1.00 82.75  ? 5   DA  C C8    1 
ATOM   641 N  N7    . DA  C 3 5  ? -7.395  -18.940 10.533  1.00 71.72  ? 5   DA  C N7    1 
ATOM   642 C  C5    . DA  C 3 5  ? -7.344  -19.685 9.372   1.00 57.57  ? 5   DA  C C5    1 
ATOM   643 C  C6    . DA  C 3 5  ? -8.211  -19.755 8.276   1.00 62.12  ? 5   DA  C C6    1 
ATOM   644 N  N6    . DA  C 3 5  ? -9.331  -19.047 8.192   1.00 65.68  ? 5   DA  C N6    1 
ATOM   645 N  N1    . DA  C 3 5  ? -7.861  -20.574 7.257   1.00 65.17  ? 5   DA  C N1    1 
ATOM   646 C  C2    . DA  C 3 5  ? -6.732  -21.290 7.370   1.00 75.42  ? 5   DA  C C2    1 
ATOM   647 N  N3    . DA  C 3 5  ? -5.851  -21.332 8.372   1.00 70.62  ? 5   DA  C N3    1 
ATOM   648 C  C4    . DA  C 3 5  ? -6.208  -20.475 9.343   1.00 66.90  ? 5   DA  C C4    1 
ATOM   649 P  P     . DG  C 3 6  ? -0.310  -20.594 10.644  1.00 106.58 ? 6   DG  C P     1 
ATOM   650 O  OP1   . DG  C 3 6  ? 1.011   -21.323 10.567  1.00 96.05  ? 6   DG  C OP1   1 
ATOM   651 O  OP2   . DG  C 3 6  ? -0.514  -19.241 11.288  1.00 87.59  ? 6   DG  C OP2   1 
ATOM   652 O  "O5'" . DG  C 3 6  ? -0.814  -20.501 9.134   1.00 72.80  ? 6   DG  C "O5'" 1 
ATOM   653 C  "C5'" . DG  C 3 6  ? -0.485  -21.624 8.305   1.00 68.46  ? 6   DG  C "C5'" 1 
ATOM   654 C  "C4'" . DG  C 3 6  ? -1.207  -21.453 6.996   1.00 77.16  ? 6   DG  C "C4'" 1 
ATOM   655 O  "O4'" . DG  C 3 6  ? -2.545  -20.942 7.208   1.00 67.21  ? 6   DG  C "O4'" 1 
ATOM   656 C  "C3'" . DG  C 3 6  ? -0.506  -20.469 6.062   1.00 81.43  ? 6   DG  C "C3'" 1 
ATOM   657 O  "O3'" . DG  C 3 6  ? -0.445  -21.105 4.792   1.00 88.38  ? 6   DG  C "O3'" 1 
ATOM   658 C  "C2'" . DG  C 3 6  ? -1.433  -19.254 6.073   1.00 73.75  ? 6   DG  C "C2'" 1 
ATOM   659 C  "C1'" . DG  C 3 6  ? -2.780  -19.920 6.249   1.00 60.67  ? 6   DG  C "C1'" 1 
ATOM   660 N  N9    . DG  C 3 6  ? -3.823  -19.044 6.747   1.00 51.93  ? 6   DG  C N9    1 
ATOM   661 C  C8    . DG  C 3 6  ? -3.938  -18.444 7.976   1.00 59.42  ? 6   DG  C C8    1 
ATOM   662 N  N7    . DG  C 3 6  ? -5.031  -17.719 8.097   1.00 57.44  ? 6   DG  C N7    1 
ATOM   663 C  C5    . DG  C 3 6  ? -5.678  -17.881 6.878   1.00 46.79  ? 6   DG  C C5    1 
ATOM   664 C  C6    . DG  C 3 6  ? -6.913  -17.350 6.433   1.00 52.02  ? 6   DG  C C6    1 
ATOM   665 O  O6    . DG  C 3 6  ? -7.696  -16.598 7.035   1.00 63.58  ? 6   DG  C O6    1 
ATOM   666 N  N1    . DG  C 3 6  ? -7.201  -17.746 5.132   1.00 49.93  ? 6   DG  C N1    1 
ATOM   667 C  C2    . DG  C 3 6  ? -6.395  -18.543 4.361   1.00 54.77  ? 6   DG  C C2    1 
ATOM   668 N  N2    . DG  C 3 6  ? -6.869  -18.784 3.140   1.00 55.93  ? 6   DG  C N2    1 
ATOM   669 N  N3    . DG  C 3 6  ? -5.243  -19.090 4.775   1.00 49.07  ? 6   DG  C N3    1 
ATOM   670 C  C4    . DG  C 3 6  ? -4.946  -18.695 6.037   1.00 48.27  ? 6   DG  C C4    1 
ATOM   671 P  P     . DT  C 3 7  ? 0.659   -20.450 3.833   1.00 74.04  ? 7   DT  C P     1 
ATOM   672 O  OP1   . DT  C 3 7  ? 1.643   -21.501 3.387   1.00 84.01  ? 7   DT  C OP1   1 
ATOM   673 O  OP2   . DT  C 3 7  ? 1.026   -19.192 4.573   1.00 66.21  ? 7   DT  C OP2   1 
ATOM   674 O  "O5'" . DT  C 3 7  ? -0.235  -20.255 2.518   1.00 67.12  ? 7   DT  C "O5'" 1 
ATOM   675 C  "C5'" . DT  C 3 7  ? -1.519  -19.685 2.719   1.00 57.37  ? 7   DT  C "C5'" 1 
ATOM   676 C  "C4'" . DT  C 3 7  ? -2.275  -19.685 1.427   1.00 55.54  ? 7   DT  C "C4'" 1 
ATOM   677 O  "O4'" . DT  C 3 7  ? -3.506  -19.001 1.721   1.00 61.74  ? 7   DT  C "O4'" 1 
ATOM   678 C  "C3'" . DT  C 3 7  ? -1.645  -18.898 0.284   1.00 57.05  ? 7   DT  C "C3'" 1 
ATOM   679 O  "O3'" . DT  C 3 7  ? -2.234  -19.201 -0.993  1.00 55.45  ? 7   DT  C "O3'" 1 
ATOM   680 C  "C2'" . DT  C 3 7  ? -1.987  -17.495 0.760   1.00 57.15  ? 7   DT  C "C2'" 1 
ATOM   681 C  "C1'" . DT  C 3 7  ? -3.425  -17.675 1.221   1.00 56.92  ? 7   DT  C "C1'" 1 
ATOM   682 N  N1    . DT  C 3 7  ? -3.903  -16.791 2.300   1.00 48.19  ? 7   DT  C N1    1 
ATOM   683 C  C2    . DT  C 3 7  ? -5.074  -16.071 2.088   1.00 58.50  ? 7   DT  C C2    1 
ATOM   684 O  O2    . DT  C 3 7  ? -5.727  -16.103 1.038   1.00 61.45  ? 7   DT  C O2    1 
ATOM   685 N  N3    . DT  C 3 7  ? -5.469  -15.294 3.150   1.00 56.80  ? 7   DT  C N3    1 
ATOM   686 C  C4    . DT  C 3 7  ? -4.828  -15.167 4.372   1.00 54.50  ? 7   DT  C C4    1 
ATOM   687 O  O4    . DT  C 3 7  ? -5.285  -14.449 5.267   1.00 56.59  ? 7   DT  C O4    1 
ATOM   688 C  C5    . DT  C 3 7  ? -3.625  -15.934 4.516   1.00 47.68  ? 7   DT  C C5    1 
ATOM   689 C  C7    . DT  C 3 7  ? -2.921  -15.809 5.832   1.00 49.80  ? 7   DT  C C7    1 
ATOM   690 C  C6    . DT  C 3 7  ? -3.221  -16.711 3.491   1.00 45.60  ? 7   DT  C C6    1 
ATOM   691 P  P     . DT  C 3 8  ? -1.546  -18.417 -2.220  1.00 72.90  ? 8   DT  C P     1 
ATOM   692 O  OP1   . DT  C 3 8  ? -1.658  -19.111 -3.563  1.00 58.19  ? 8   DT  C OP1   1 
ATOM   693 O  OP2   . DT  C 3 8  ? -0.141  -18.069 -1.792  1.00 58.04  ? 8   DT  C OP2   1 
ATOM   694 O  "O5'" . DT  C 3 8  ? -2.517  -17.131 -2.221  1.00 57.19  ? 8   DT  C "O5'" 1 
ATOM   695 C  "C5'" . DT  C 3 8  ? -3.804  -17.358 -2.784  1.00 55.03  ? 8   DT  C "C5'" 1 
ATOM   696 C  "C4'" . DT  C 3 8  ? -4.571  -16.075 -2.911  1.00 53.47  ? 8   DT  C "C4'" 1 
ATOM   697 O  "O4'" . DT  C 3 8  ? -4.777  -15.482 -1.615  1.00 57.19  ? 8   DT  C "O4'" 1 
ATOM   698 C  "C3'" . DT  C 3 8  ? -3.895  -15.030 -3.770  1.00 51.69  ? 8   DT  C "C3'" 1 
ATOM   699 O  "O3'" . DT  C 3 8  ? -4.774  -14.743 -4.848  1.00 44.62  ? 8   DT  C "O3'" 1 
ATOM   700 C  "C2'" . DT  C 3 8  ? -3.778  -13.808 -2.868  1.00 57.15  ? 8   DT  C "C2'" 1 
ATOM   701 C  "C1'" . DT  C 3 8  ? -4.789  -14.074 -1.765  1.00 49.96  ? 8   DT  C "C1'" 1 
ATOM   702 N  N1    . DT  C 3 8  ? -4.425  -13.553 -0.443  1.00 48.63  ? 8   DT  C N1    1 
ATOM   703 C  C2    . DT  C 3 8  ? -5.298  -12.716 0.211   1.00 54.70  ? 8   DT  C C2    1 
ATOM   704 O  O2    . DT  C 3 8  ? -6.348  -12.349 -0.286  1.00 67.07  ? 8   DT  C O2    1 
ATOM   705 N  N3    . DT  C 3 8  ? -4.894  -12.316 1.464   1.00 51.10  ? 8   DT  C N3    1 
ATOM   706 C  C4    . DT  C 3 8  ? -3.720  -12.667 2.104   1.00 52.06  ? 8   DT  C C4    1 
ATOM   707 O  O4    . DT  C 3 8  ? -3.453  -12.241 3.230   1.00 60.62  ? 8   DT  C O4    1 
ATOM   708 C  C5    . DT  C 3 8  ? -2.848  -13.520 1.349   1.00 49.08  ? 8   DT  C C5    1 
ATOM   709 C  C7    . DT  C 3 8  ? -1.574  -13.947 2.002   1.00 59.23  ? 8   DT  C C7    1 
ATOM   710 C  C6    . DT  C 3 8  ? -3.243  -13.944 0.145   1.00 49.32  ? 8   DT  C C6    1 
ATOM   711 P  P     . DG  D 4 1  ? 6.054   13.470  5.265   1.00 67.83  ? 10  DG  D P     1 
ATOM   712 O  OP1   . DG  D 4 1  ? 6.896   14.146  6.358   1.00 52.75  ? 10  DG  D OP1   1 
ATOM   713 O  OP2   . DG  D 4 1  ? 4.553   13.739  5.317   1.00 58.65  ? 10  DG  D OP2   1 
ATOM   714 O  "O5'" . DG  D 4 1  ? 6.114   11.899  5.567   1.00 58.33  ? 10  DG  D "O5'" 1 
ATOM   715 C  "C5'" . DG  D 4 1  ? 7.227   11.357  6.326   1.00 62.37  ? 10  DG  D "C5'" 1 
ATOM   716 C  "C4'" . DG  D 4 1  ? 7.806   10.212  5.537   1.00 62.14  ? 10  DG  D "C4'" 1 
ATOM   717 O  "O4'" . DG  D 4 1  ? 6.737   9.446   4.956   1.00 60.65  ? 10  DG  D "O4'" 1 
ATOM   718 C  "C3'" . DG  D 4 1  ? 8.633   10.631  4.340   1.00 63.28  ? 10  DG  D "C3'" 1 
ATOM   719 O  "O3'" . DG  D 4 1  ? 9.935   10.987  4.782   1.00 67.39  ? 10  DG  D "O3'" 1 
ATOM   720 C  "C2'" . DG  D 4 1  ? 8.608   9.353   3.512   1.00 62.03  ? 10  DG  D "C2'" 1 
ATOM   721 C  "C1'" . DG  D 4 1  ? 7.236   8.775   3.812   1.00 55.76  ? 10  DG  D "C1'" 1 
ATOM   722 N  N9    . DG  D 4 1  ? 6.257   9.005   2.780   1.00 50.37  ? 10  DG  D N9    1 
ATOM   723 C  C8    . DG  D 4 1  ? 5.162   9.808   2.916   1.00 50.65  ? 10  DG  D C8    1 
ATOM   724 N  N7    . DG  D 4 1  ? 4.422   9.847   1.837   1.00 48.68  ? 10  DG  D N7    1 
ATOM   725 C  C5    . DG  D 4 1  ? 5.109   9.062   0.937   1.00 46.00  ? 10  DG  D C5    1 
ATOM   726 C  C6    . DG  D 4 1  ? 4.757   8.737   -0.375  1.00 52.56  ? 10  DG  D C6    1 
ATOM   727 O  O6    . DG  D 4 1  ? 3.761   9.145   -0.982  1.00 50.07  ? 10  DG  D O6    1 
ATOM   728 N  N1    . DG  D 4 1  ? 5.665   7.852   -0.952  1.00 54.99  ? 10  DG  D N1    1 
ATOM   729 C  C2    . DG  D 4 1  ? 6.772   7.342   -0.316  1.00 71.80  ? 10  DG  D C2    1 
ATOM   730 N  N2    . DG  D 4 1  ? 7.528   6.493   -1.039  1.00 80.94  ? 10  DG  D N2    1 
ATOM   731 N  N3    . DG  D 4 1  ? 7.110   7.646   0.947   1.00 58.95  ? 10  DG  D N3    1 
ATOM   732 C  C4    . DG  D 4 1  ? 6.231   8.513   1.502   1.00 51.03  ? 10  DG  D C4    1 
ATOM   733 P  P     . DG  D 4 2  ? 10.741  11.994  3.823   1.00 74.23  ? 11  DG  D P     1 
ATOM   734 O  OP1   . DG  D 4 2  ? 12.012  12.146  4.609   1.00 64.51  ? 11  DG  D OP1   1 
ATOM   735 O  OP2   . DG  D 4 2  ? 9.868   13.141  3.382   1.00 83.05  ? 11  DG  D OP2   1 
ATOM   736 O  "O5'" . DG  D 4 2  ? 11.020  11.143  2.486   1.00 68.61  ? 11  DG  D "O5'" 1 
ATOM   737 C  "C5'" . DG  D 4 2  ? 11.979  10.060  2.596   1.00 65.94  ? 11  DG  D "C5'" 1 
ATOM   738 C  "C4'" . DG  D 4 2  ? 12.184  9.453   1.236   1.00 71.17  ? 11  DG  D "C4'" 1 
ATOM   739 O  "O4'" . DG  D 4 2  ? 10.900  9.048   0.716   1.00 77.02  ? 11  DG  D "O4'" 1 
ATOM   740 C  "C3'" . DG  D 4 2  ? 12.817  10.413  0.244   1.00 78.24  ? 11  DG  D "C3'" 1 
ATOM   741 O  "O3'" . DG  D 4 2  ? 13.993  9.810   -0.282  1.00 86.33  ? 11  DG  D "O3'" 1 
ATOM   742 C  "C2'" . DG  D 4 2  ? 11.751  10.627  -0.831  1.00 81.94  ? 11  DG  D "C2'" 1 
ATOM   743 C  "C1'" . DG  D 4 2  ? 10.670  9.588   -0.570  1.00 70.55  ? 11  DG  D "C1'" 1 
ATOM   744 N  N9    . DG  D 4 2  ? 9.358   10.214  -0.601  1.00 66.67  ? 11  DG  D N9    1 
ATOM   745 C  C8    . DG  D 4 2  ? 8.783   11.124  0.260   1.00 72.92  ? 11  DG  D C8    1 
ATOM   746 N  N7    . DG  D 4 2  ? 7.600   11.553  -0.146  1.00 72.20  ? 11  DG  D N7    1 
ATOM   747 C  C5    . DG  D 4 2  ? 7.415   10.895  -1.351  1.00 57.05  ? 11  DG  D C5    1 
ATOM   748 C  C6    . DG  D 4 2  ? 6.340   10.979  -2.245  1.00 63.28  ? 11  DG  D C6    1 
ATOM   749 O  O6    . DG  D 4 2  ? 5.327   11.670  -2.109  1.00 74.32  ? 11  DG  D O6    1 
ATOM   750 N  N1    . DG  D 4 2  ? 6.525   10.161  -3.365  1.00 63.94  ? 11  DG  D N1    1 
ATOM   751 C  C2    . DG  D 4 2  ? 7.628   9.364   -3.582  1.00 73.74  ? 11  DG  D C2    1 
ATOM   752 N  N2    . DG  D 4 2  ? 7.634   8.646   -4.714  1.00 76.47  ? 11  DG  D N2    1 
ATOM   753 N  N3    . DG  D 4 2  ? 8.666   9.291   -2.741  1.00 60.78  ? 11  DG  D N3    1 
ATOM   754 C  C4    . DG  D 4 2  ? 8.487   10.083  -1.656  1.00 60.61  ? 11  DG  D C4    1 
ATOM   755 P  P     . DA  D 4 3  ? 14.851  10.821  -1.190  1.00 96.24  ? 12  DA  D P     1 
ATOM   756 O  OP1   . DA  D 4 3  ? 16.258  10.334  -0.966  1.00 93.95  ? 12  DA  D OP1   1 
ATOM   757 O  OP2   . DA  D 4 3  ? 14.461  12.267  -0.996  1.00 86.54  ? 12  DA  D OP2   1 
ATOM   758 O  "O5'" . DA  D 4 3  ? 14.273  10.564  -2.668  1.00 79.49  ? 12  DA  D "O5'" 1 
ATOM   759 C  "C5'" . DA  D 4 3  ? 14.110  9.219   -3.151  1.00 84.27  ? 12  DA  D "C5'" 1 
ATOM   760 C  "C4'" . DA  D 4 3  ? 13.461  9.291   -4.509  1.00 99.68  ? 12  DA  D "C4'" 1 
ATOM   761 O  "O4'" . DA  D 4 3  ? 12.084  9.693   -4.342  1.00 113.19 ? 12  DA  D "O4'" 1 
ATOM   762 C  "C3'" . DA  D 4 3  ? 14.083  10.312  -5.465  1.00 111.21 ? 12  DA  D "C3'" 1 
ATOM   763 O  "O3'" . DA  D 4 3  ? 13.910  9.945   -6.832  1.00 127.52 ? 12  DA  D "O3'" 1 
ATOM   764 C  "C2'" . DA  D 4 3  ? 13.226  11.539  -5.200  1.00 104.62 ? 12  DA  D "C2'" 1 
ATOM   765 C  "C1'" . DA  D 4 3  ? 11.867  10.879  -5.096  1.00 97.52  ? 12  DA  D "C1'" 1 
ATOM   766 N  N9    . DA  D 4 3  ? 10.880  11.707  -4.427  1.00 86.38  ? 12  DA  D N9    1 
ATOM   767 C  C8    . DA  D 4 3  ? 10.967  12.460  -3.279  1.00 86.50  ? 12  DA  D C8    1 
ATOM   768 N  N7    . DA  D 4 3  ? 9.869   13.134  -3.017  1.00 76.15  ? 12  DA  D N7    1 
ATOM   769 C  C5    . DA  D 4 3  ? 9.017   12.809  -4.063  1.00 74.01  ? 12  DA  D C5    1 
ATOM   770 C  C6    . DA  D 4 3  ? 7.694   13.190  -4.356  1.00 75.47  ? 12  DA  D C6    1 
ATOM   771 N  N6    . DA  D 4 3  ? 7.003   14.038  -3.608  1.00 75.52  ? 12  DA  D N6    1 
ATOM   772 N  N1    . DA  D 4 3  ? 7.128   12.687  -5.482  1.00 73.02  ? 12  DA  D N1    1 
ATOM   773 C  C2    . DA  D 4 3  ? 7.857   11.851  -6.241  1.00 78.90  ? 12  DA  D C2    1 
ATOM   774 N  N3    . DA  D 4 3  ? 9.105   11.413  -6.061  1.00 72.50  ? 12  DA  D N3    1 
ATOM   775 C  C4    . DA  D 4 3  ? 9.633   11.939  -4.946  1.00 74.16  ? 12  DA  D C4    1 
ATOM   776 P  P     . DA  D 4 4  ? 15.124  10.429  -7.763  1.00 113.32 ? 13  DA  D P     1 
ATOM   777 O  OP1   . DA  D 4 4  ? 16.107  9.286   -7.804  1.00 100.13 ? 13  DA  D OP1   1 
ATOM   778 O  OP2   . DA  D 4 4  ? 15.506  11.836  -7.392  1.00 99.92  ? 13  DA  D OP2   1 
ATOM   779 O  "O5'" . DA  D 4 4  ? 14.421  10.583  -9.191  1.00 90.65  ? 13  DA  D "O5'" 1 
ATOM   780 C  "C5'" . DA  D 4 4  ? 13.437  9.625   -9.586  1.00 93.60  ? 13  DA  D "C5'" 1 
ATOM   781 C  "C4'" . DA  D 4 4  ? 12.252  10.412  -10.068 1.00 97.26  ? 13  DA  D "C4'" 1 
ATOM   782 O  "O4'" . DA  D 4 4  ? 11.671  11.148  -8.976  1.00 100.98 ? 13  DA  D "O4'" 1 
ATOM   783 C  "C3'" . DA  D 4 4  ? 12.619  11.452  -11.121 1.00 108.47 ? 13  DA  D "C3'" 1 
ATOM   784 O  "O3'" . DA  D 4 4  ? 11.908  11.087  -12.290 1.00 126.33 ? 13  DA  D "O3'" 1 
ATOM   785 C  "C2'" . DA  D 4 4  ? 12.143  12.777  -10.526 1.00 105.83 ? 13  DA  D "C2'" 1 
ATOM   786 C  "C1'" . DA  D 4 4  ? 11.081  12.306  -9.554  1.00 99.75  ? 13  DA  D "C1'" 1 
ATOM   787 N  N9    . DA  D 4 4  ? 10.701  13.243  -8.495  1.00 90.63  ? 13  DA  D N9    1 
ATOM   788 C  C8    . DA  D 4 4  ? 11.381  13.627  -7.361  1.00 94.42  ? 13  DA  D C8    1 
ATOM   789 N  N7    . DA  D 4 4  ? 10.717  14.470  -6.601  1.00 74.44  ? 13  DA  D N7    1 
ATOM   790 C  C5    . DA  D 4 4  ? 9.519   14.658  -7.276  1.00 75.88  ? 13  DA  D C5    1 
ATOM   791 C  C6    . DA  D 4 4  ? 8.374   15.435  -6.987  1.00 80.91  ? 13  DA  D C6    1 
ATOM   792 N  N6    . DA  D 4 4  ? 8.247   16.204  -5.915  1.00 87.41  ? 13  DA  D N6    1 
ATOM   793 N  N1    . DA  D 4 4  ? 7.339   15.392  -7.855  1.00 81.59  ? 13  DA  D N1    1 
ATOM   794 C  C2    . DA  D 4 4  ? 7.466   14.609  -8.932  1.00 95.57  ? 13  DA  D C2    1 
ATOM   795 N  N3    . DA  D 4 4  ? 8.485   13.830  -9.310  1.00 85.20  ? 13  DA  D N3    1 
ATOM   796 C  C4    . DA  D 4 4  ? 9.495   13.901  -8.434  1.00 74.19  ? 13  DA  D C4    1 
ATOM   797 P  P     . DT  D 4 5  ? 12.445  11.820  -13.612 1.00 123.90 ? 14  DT  D P     1 
ATOM   798 O  OP1   . DT  D 4 5  ? 12.192  10.942  -14.806 1.00 109.88 ? 14  DT  D OP1   1 
ATOM   799 O  OP2   . DT  D 4 5  ? 13.829  12.366  -13.360 1.00 112.71 ? 14  DT  D OP2   1 
ATOM   800 O  "O5'" . DT  D 4 5  ? 11.349  12.992  -13.666 1.00 97.21  ? 14  DT  D "O5'" 1 
ATOM   801 C  "C5'" . DT  D 4 5  ? 10.162  12.753  -14.441 1.00 93.39  ? 14  DT  D "C5'" 1 
ATOM   802 C  "C4'" . DT  D 4 5  ? 9.149   13.792  -14.051 1.00 106.03 ? 14  DT  D "C4'" 1 
ATOM   803 O  "O4'" . DT  D 4 5  ? 9.441   14.279  -12.731 1.00 99.98  ? 14  DT  D "O4'" 1 
ATOM   804 C  "C3'" . DT  D 4 5  ? 9.119   15.063  -14.895 1.00 111.43 ? 14  DT  D "C3'" 1 
ATOM   805 O  "O3'" . DT  D 4 5  ? 8.246   14.864  -16.012 1.00 114.90 ? 14  DT  D "O3'" 1 
ATOM   806 C  "C2'" . DT  D 4 5  ? 8.606   16.118  -13.909 1.00 106.28 ? 14  DT  D "C2'" 1 
ATOM   807 C  "C1'" . DT  D 4 5  ? 8.616   15.421  -12.557 1.00 90.03  ? 14  DT  D "C1'" 1 
ATOM   808 N  N1    . DT  D 4 5  ? 9.141   16.197  -11.408 1.00 86.93  ? 14  DT  D N1    1 
ATOM   809 C  C2    . DT  D 4 5  ? 8.287   17.078  -10.769 1.00 89.25  ? 14  DT  D C2    1 
ATOM   810 O  O2    . DT  D 4 5  ? 7.150   17.299  -11.161 1.00 92.66  ? 14  DT  D O2    1 
ATOM   811 N  N3    . DT  D 4 5  ? 8.812   17.699  -9.658  1.00 81.84  ? 14  DT  D N3    1 
ATOM   812 C  C4    . DT  D 4 5  ? 10.085  17.531  -9.131  1.00 85.06  ? 14  DT  D C4    1 
ATOM   813 O  O4    . DT  D 4 5  ? 10.452  18.174  -8.131  1.00 80.68  ? 14  DT  D O4    1 
ATOM   814 C  C5    . DT  D 4 5  ? 10.918  16.586  -9.834  1.00 79.64  ? 14  DT  D C5    1 
ATOM   815 C  C7    . DT  D 4 5  ? 12.300  16.342  -9.298  1.00 78.06  ? 14  DT  D C7    1 
ATOM   816 C  C6    . DT  D 4 5  ? 10.413  15.963  -10.917 1.00 84.67  ? 14  DT  D C6    1 
ATOM   817 P  P     . DT  D 4 6  ? 7.771   16.182  -16.810 1.00 128.73 ? 15  DT  D P     1 
ATOM   818 O  OP1   . DT  D 4 6  ? 7.704   15.851  -18.272 1.00 133.17 ? 15  DT  D OP1   1 
ATOM   819 O  OP2   . DT  D 4 6  ? 8.526   17.422  -16.391 1.00 127.25 ? 15  DT  D OP2   1 
ATOM   820 O  "O5'" . DT  D 4 6  ? 6.254   16.408  -16.329 1.00 123.02 ? 15  DT  D "O5'" 1 
ATOM   821 C  "C5'" . DT  D 4 6  ? 5.467   17.425  -17.001 1.00 119.20 ? 15  DT  D "C5'" 1 
ATOM   822 C  "C4'" . DT  D 4 6  ? 5.507   18.715  -16.212 1.00 123.15 ? 15  DT  D "C4'" 1 
ATOM   823 O  "O4'" . DT  D 4 6  ? 6.292   18.588  -15.004 1.00 110.56 ? 15  DT  D "O4'" 1 
ATOM   824 C  "C3'" . DT  D 4 6  ? 6.137   19.928  -16.906 1.00 128.65 ? 15  DT  D "C3'" 1 
ATOM   825 O  "O3'" . DT  D 4 6  ? 5.247   20.669  -17.768 1.00 129.26 ? 15  DT  D "O3'" 1 
ATOM   826 C  "C2'" . DT  D 4 6  ? 6.590   20.786  -15.721 1.00 122.99 ? 15  DT  D "C2'" 1 
ATOM   827 C  "C1'" . DT  D 4 6  ? 6.335   19.912  -14.491 1.00 109.10 ? 15  DT  D "C1'" 1 
ATOM   828 N  N1    . DT  D 4 6  ? 7.366   20.053  -13.430 1.00 104.09 ? 15  DT  D N1    1 
ATOM   829 C  C2    . DT  D 4 6  ? 7.065   20.834  -12.321 1.00 108.83 ? 15  DT  D C2    1 
ATOM   830 O  O2    . DT  D 4 6  ? 5.976   21.375  -12.152 1.00 119.09 ? 15  DT  D O2    1 
ATOM   831 N  N3    . DT  D 4 6  ? 8.077   20.964  -11.397 1.00 90.44  ? 15  DT  D N3    1 
ATOM   832 C  C4    . DT  D 4 6  ? 9.344   20.423  -11.477 1.00 83.34  ? 15  DT  D C4    1 
ATOM   833 O  O4    . DT  D 4 6  ? 10.165  20.636  -10.593 1.00 77.92  ? 15  DT  D O4    1 
ATOM   834 C  C5    . DT  D 4 6  ? 9.604   19.634  -12.655 1.00 91.54  ? 15  DT  D C5    1 
ATOM   835 C  C7    . DT  D 4 6  ? 10.964  19.017  -12.781 1.00 88.88  ? 15  DT  D C7    1 
ATOM   836 C  C6    . DT  D 4 6  ? 8.624   19.497  -13.576 1.00 100.18 ? 15  DT  D C6    1 
ATOM   837 P  P     . DC  D 4 7  ? 3.953   21.443  -17.182 1.00 149.71 ? 16  DC  D P     1 
ATOM   838 O  OP1   . DC  D 4 7  ? 3.633   21.043  -15.768 1.00 161.97 ? 16  DC  D OP1   1 
ATOM   839 O  OP2   . DC  D 4 7  ? 2.866   21.397  -18.229 1.00 124.96 ? 16  DC  D OP2   1 
ATOM   840 O  "O5'" . DC  D 4 7  ? 4.364   22.987  -17.009 1.00 131.95 ? 16  DC  D "O5'" 1 
ATOM   841 C  "C5'" . DC  D 4 7  ? 3.363   23.904  -16.494 1.00 112.33 ? 16  DC  D "C5'" 1 
ATOM   842 C  "C4'" . DC  D 4 7  ? 3.706   24.280  -15.074 1.00 116.99 ? 16  DC  D "C4'" 1 
ATOM   843 O  "O4'" . DC  D 4 7  ? 5.045   23.872  -14.715 1.00 110.65 ? 16  DC  D "O4'" 1 
ATOM   844 C  "C3'" . DC  D 4 7  ? 3.701   25.779  -14.768 1.00 125.09 ? 16  DC  D "C3'" 1 
ATOM   845 O  "O3'" . DC  D 4 7  ? 2.414   26.174  -14.306 1.00 123.63 ? 16  DC  D "O3'" 1 
ATOM   846 C  "C2'" . DC  D 4 7  ? 4.767   25.940  -13.681 1.00 118.30 ? 16  DC  D "C2'" 1 
ATOM   847 C  "C1'" . DC  D 4 7  ? 5.300   24.526  -13.487 1.00 110.33 ? 16  DC  D "C1'" 1 
ATOM   848 N  N1    . DC  D 4 7  ? 6.737   24.393  -13.115 1.00 102.10 ? 16  DC  D N1    1 
ATOM   849 C  C2    . DC  D 4 7  ? 7.173   24.926  -11.886 1.00 107.41 ? 16  DC  D C2    1 
ATOM   850 O  O2    . DC  D 4 7  ? 6.370   25.566  -11.185 1.00 117.38 ? 16  DC  D O2    1 
ATOM   851 N  N3    . DC  D 4 7  ? 8.467   24.747  -11.500 1.00 92.82  ? 16  DC  D N3    1 
ATOM   852 C  C4    . DC  D 4 7  ? 9.317   24.055  -12.277 1.00 100.29 ? 16  DC  D C4    1 
ATOM   853 N  N4    . DC  D 4 7  ? 10.566  23.916  -11.854 1.00 95.54  ? 16  DC  D N4    1 
ATOM   854 C  C5    . DC  D 4 7  ? 8.890   23.488  -13.520 1.00 90.29  ? 16  DC  D C5    1 
ATOM   855 C  C6    . DC  D 4 7  ? 7.606   23.669  -13.887 1.00 91.33  ? 16  DC  D C6    1 
HETATM 856 CO CO    . CO  E 5 .  ? -6.816  -1.508  6.701   1.00 151.15 ? 101 CO  A CO    1 
HETATM 857 N  N1    . DAP F 6 .  ? 5.049   15.127  -11.566 1.00 131.30 ? 101 DAP D N1    1 
HETATM 858 C  C2    . DAP F 6 .  ? 4.155   15.654  -12.487 1.00 124.61 ? 101 DAP D C2    1 
HETATM 859 C  C3    . DAP F 6 .  ? 3.895   14.696  -13.435 1.00 116.23 ? 101 DAP D C3    1 
HETATM 860 C  C4    . DAP F 6 .  ? 4.822   12.247  -13.646 1.00 132.83 ? 101 DAP D C4    1 
HETATM 861 C  C5    . DAP F 6 .  ? 5.663   11.340  -13.021 1.00 129.19 ? 101 DAP D C5    1 
HETATM 862 C  C6    . DAP F 6 .  ? 6.350   11.667  -11.841 1.00 136.73 ? 101 DAP D C6    1 
HETATM 863 C  C7    . DAP F 6 .  ? 6.199   12.922  -11.295 1.00 132.44 ? 101 DAP D C7    1 
HETATM 864 C  C8    . DAP F 6 .  ? 5.355   13.832  -11.911 1.00 128.85 ? 101 DAP D C8    1 
HETATM 865 C  C9    . DAP F 6 .  ? 4.646   13.528  -13.094 1.00 125.69 ? 101 DAP D C9    1 
HETATM 866 C  C10   . DAP F 6 .  ? 7.264   10.709  -11.153 1.00 143.66 ? 101 DAP D C10   1 
HETATM 867 N  N2    . DAP F 6 .  ? 6.753   9.569   -10.644 1.00 124.14 ? 101 DAP D N2    1 
HETATM 868 N  N3    . DAP F 6 .  ? 8.516   10.975  -10.989 1.00 154.47 ? 101 DAP D N3    1 
HETATM 869 C  "C1'" . DAP F 6 .  ? 3.702   17.042  -12.327 1.00 120.31 ? 101 DAP D "C1'" 1 
HETATM 870 C  "C2'" . DAP F 6 .  ? 4.462   17.917  -11.556 1.00 114.80 ? 101 DAP D "C2'" 1 
HETATM 871 C  "C3'" . DAP F 6 .  ? 4.079   19.232  -11.363 1.00 122.21 ? 101 DAP D "C3'" 1 
HETATM 872 C  "C4'" . DAP F 6 .  ? 2.928   19.738  -11.949 1.00 118.42 ? 101 DAP D "C4'" 1 
HETATM 873 C  "C5'" . DAP F 6 .  ? 2.154   18.867  -12.718 1.00 123.91 ? 101 DAP D "C5'" 1 
HETATM 874 C  "C6'" . DAP F 6 .  ? 2.535   17.538  -12.909 1.00 122.10 ? 101 DAP D "C6'" 1 
HETATM 875 C  C11   . DAP F 6 .  ? 2.557   21.166  -11.721 1.00 108.96 ? 101 DAP D C11   1 
HETATM 876 N  N4    . DAP F 6 .  ? 3.487   22.000  -11.198 1.00 105.41 ? 101 DAP D N4    1 
HETATM 877 N  N5    . DAP F 6 .  ? 1.410   21.678  -11.942 1.00 104.69 ? 101 DAP D N5    1 
HETATM 878 CO CO    . CO  G 5 .  ? 2.888   11.768  1.265   1.00 121.21 ? 102 CO  D CO    1 
# 
loop_
_pdbx_poly_seq_scheme.asym_id 
_pdbx_poly_seq_scheme.entity_id 
_pdbx_poly_seq_scheme.seq_id 
_pdbx_poly_seq_scheme.mon_id 
_pdbx_poly_seq_scheme.ndb_seq_num 
_pdbx_poly_seq_scheme.pdb_seq_num 
_pdbx_poly_seq_scheme.auth_seq_num 
_pdbx_poly_seq_scheme.pdb_mon_id 
_pdbx_poly_seq_scheme.auth_mon_id 
_pdbx_poly_seq_scheme.pdb_strand_id 
_pdbx_poly_seq_scheme.pdb_ins_code 
_pdbx_poly_seq_scheme.hetero 
A 1 1  DG 1  1  1  DG DG A . n 
A 1 2  DA 2  2  2  DA DA A . n 
A 1 3  DG 3  3  3  DG DG A . n 
A 1 4  DA 4  4  4  DA DA A . n 
A 1 5  DA 5  5  5  DA DA A . n 
A 1 6  DT 6  6  6  DT DT A . n 
A 1 7  DT 7  7  7  DT DT A . n 
A 1 8  DC 8  8  8  DC DC A . n 
A 1 9  DC 9  9  9  DC DC A . n 
A 1 10 DT 10 10 10 DT DT A . n 
A 1 11 DG 11 11 11 DG DG A . n 
A 1 12 DA 12 12 12 DA DA A . n 
A 1 13 DC 13 13 13 DC DC A . n 
A 1 14 DG 14 14 14 DG DG A . n 
A 1 15 DG 15 15 15 DG DG A . n 
A 1 16 DA 16 16 16 DA DA A . n 
A 1 17 DA 17 17 17 DA DA A . n 
A 1 18 DC 18 18 18 DC DC A . n 
A 1 19 DT 19 19 19 DT DT A . n 
A 1 20 DC 20 20 20 DC DC A . n 
A 1 21 DA 21 21 21 DA DA A . n 
B 2 1  DC 1  0  0  DC DC B . n 
B 2 2  DC 2  1  1  DC DC B . n 
B 2 3  DG 3  2  2  DG DG B . n 
B 2 4  DT 4  3  3  DT DT B . n 
B 2 5  DC 5  4  4  DC DC B . n 
B 2 6  DA 6  5  5  DA DA B . n 
C 3 1  DT 1  1  1  DT DT C . n 
C 3 2  DC 2  2  2  DC DC C . n 
C 3 3  DT 3  3  3  DT DT C . n 
C 3 4  DG 4  4  4  DG DG C . n 
C 3 5  DA 5  5  5  DA DA C . n 
C 3 6  DG 6  6  6  DG DG C . n 
C 3 7  DT 7  7  7  DT DT C . n 
C 3 8  DT 8  8  8  DT DT C . n 
D 4 1  DG 1  10 10 DG DG D . n 
D 4 2  DG 2  11 11 DG DG D . n 
D 4 3  DA 3  12 12 DA DA D . n 
D 4 4  DA 4  13 13 DA DA D . n 
D 4 5  DT 5  14 14 DT DT D . n 
D 4 6  DT 6  15 15 DT DT D . n 
D 4 7  DC 7  16 16 DC DC D . n 
# 
_pdbx_contact_author.id                 2 
_pdbx_contact_author.email              hao.yan@asu.edu 
_pdbx_contact_author.name_first         Hao 
_pdbx_contact_author.name_last          Yan 
_pdbx_contact_author.name_mi            ? 
_pdbx_contact_author.role               'principal investigator/group leader' 
_pdbx_contact_author.identifier_ORCID   0000-0001-7397-9852 
# 
loop_
_pdbx_nonpoly_scheme.asym_id 
_pdbx_nonpoly_scheme.entity_id 
_pdbx_nonpoly_scheme.mon_id 
_pdbx_nonpoly_scheme.ndb_seq_num 
_pdbx_nonpoly_scheme.pdb_seq_num 
_pdbx_nonpoly_scheme.auth_seq_num 
_pdbx_nonpoly_scheme.pdb_mon_id 
_pdbx_nonpoly_scheme.auth_mon_id 
_pdbx_nonpoly_scheme.pdb_strand_id 
_pdbx_nonpoly_scheme.pdb_ins_code 
E 5 CO  1 101 1   CO  CO  A . 
F 6 DAP 1 101 101 DAP DAP D . 
G 5 CO  1 102 2   CO  CO  D . 
# 
_pdbx_struct_assembly.id                   1 
_pdbx_struct_assembly.details              author_defined_assembly 
_pdbx_struct_assembly.method_details       ? 
_pdbx_struct_assembly.oligomeric_details   tetrameric 
_pdbx_struct_assembly.oligomeric_count     4 
# 
_pdbx_struct_assembly_gen.assembly_id       1 
_pdbx_struct_assembly_gen.oper_expression   1 
_pdbx_struct_assembly_gen.asym_id_list      A,B,C,D,E,F,G 
# 
_pdbx_struct_oper_list.id                   1 
_pdbx_struct_oper_list.type                 'identity operation' 
_pdbx_struct_oper_list.name                 1_555 
_pdbx_struct_oper_list.symmetry_operation   x,y,z 
_pdbx_struct_oper_list.matrix[1][1]         1.0000000000 
_pdbx_struct_oper_list.matrix[1][2]         0.0000000000 
_pdbx_struct_oper_list.matrix[1][3]         0.0000000000 
_pdbx_struct_oper_list.vector[1]            0.0000000000 
_pdbx_struct_oper_list.matrix[2][1]         0.0000000000 
_pdbx_struct_oper_list.matrix[2][2]         1.0000000000 
_pdbx_struct_oper_list.matrix[2][3]         0.0000000000 
_pdbx_struct_oper_list.vector[2]            0.0000000000 
_pdbx_struct_oper_list.matrix[3][1]         0.0000000000 
_pdbx_struct_oper_list.matrix[3][2]         0.0000000000 
_pdbx_struct_oper_list.matrix[3][3]         1.0000000000 
_pdbx_struct_oper_list.vector[3]            0.0000000000 
# 
_pdbx_audit_revision_history.ordinal             1 
_pdbx_audit_revision_history.data_content_type   'Structure model' 
_pdbx_audit_revision_history.major_revision      1 
_pdbx_audit_revision_history.minor_revision      0 
_pdbx_audit_revision_history.revision_date       2023-12-20 
# 
_pdbx_audit_revision_details.ordinal             1 
_pdbx_audit_revision_details.revision_ordinal    1 
_pdbx_audit_revision_details.data_content_type   'Structure model' 
_pdbx_audit_revision_details.provider            repository 
_pdbx_audit_revision_details.type                'Initial release' 
_pdbx_audit_revision_details.description         ? 
_pdbx_audit_revision_details.details             ? 
# 
loop_
_software.citation_id 
_software.classification 
_software.compiler_name 
_software.compiler_version 
_software.contact_author 
_software.contact_author_email 
_software.date 
_software.description 
_software.dependencies 
_software.hardware 
_software.language 
_software.location 
_software.mods 
_software.name 
_software.os 
_software.os_version 
_software.type 
_software.version 
_software.pdbx_ordinal 
? refinement       ? ? ? ? ? ? ? ? ? ? ? REFMAC   ? ? ? 5.8.0352 1 
? 'data scaling'   ? ? ? ? ? ? ? ? ? ? ? HKL-2000 ? ? ? .        2 
? 'data reduction' ? ? ? ? ? ? ? ? ? ? ? HKL-2000 ? ? ? .        3 
? phasing          ? ? ? ? ? ? ? ? ? ? ? PHASER   ? ? ? .        4 
# 
_pdbx_entry_details.entry_id                 8TA9 
_pdbx_entry_details.has_ligand_of_interest   N 
_pdbx_entry_details.compound_details         ? 
_pdbx_entry_details.source_details           ? 
_pdbx_entry_details.nonpolymer_details       ? 
_pdbx_entry_details.sequence_details         ? 
# 
loop_
_pdbx_validate_symm_contact.id 
_pdbx_validate_symm_contact.PDB_model_num 
_pdbx_validate_symm_contact.auth_atom_id_1 
_pdbx_validate_symm_contact.auth_asym_id_1 
_pdbx_validate_symm_contact.auth_comp_id_1 
_pdbx_validate_symm_contact.auth_seq_id_1 
_pdbx_validate_symm_contact.PDB_ins_code_1 
_pdbx_validate_symm_contact.label_alt_id_1 
_pdbx_validate_symm_contact.site_symmetry_1 
_pdbx_validate_symm_contact.auth_atom_id_2 
_pdbx_validate_symm_contact.auth_asym_id_2 
_pdbx_validate_symm_contact.auth_comp_id_2 
_pdbx_validate_symm_contact.auth_seq_id_2 
_pdbx_validate_symm_contact.PDB_ins_code_2 
_pdbx_validate_symm_contact.label_alt_id_2 
_pdbx_validate_symm_contact.site_symmetry_2 
_pdbx_validate_symm_contact.dist 
1 1 P     B DC 0 ? ? 1_555 "O3'" B DA 5  ? ? 3_655 1.78 
2 1 OP1   B DC 0 ? ? 1_555 "O3'" B DA 5  ? ? 3_655 1.87 
3 1 "O3'" C DT 8 ? ? 1_555 OP2   D DG 10 ? ? 3_655 1.88 
4 1 "O3'" C DT 8 ? ? 1_555 OP1   D DG 10 ? ? 3_655 2.01 
5 1 "O3'" C DT 8 ? ? 1_555 P     D DG 10 ? ? 3_655 2.05 
# 
loop_
_pdbx_validate_rmsd_angle.id 
_pdbx_validate_rmsd_angle.PDB_model_num 
_pdbx_validate_rmsd_angle.auth_atom_id_1 
_pdbx_validate_rmsd_angle.auth_asym_id_1 
_pdbx_validate_rmsd_angle.auth_comp_id_1 
_pdbx_validate_rmsd_angle.auth_seq_id_1 
_pdbx_validate_rmsd_angle.PDB_ins_code_1 
_pdbx_validate_rmsd_angle.label_alt_id_1 
_pdbx_validate_rmsd_angle.auth_atom_id_2 
_pdbx_validate_rmsd_angle.auth_asym_id_2 
_pdbx_validate_rmsd_angle.auth_comp_id_2 
_pdbx_validate_rmsd_angle.auth_seq_id_2 
_pdbx_validate_rmsd_angle.PDB_ins_code_2 
_pdbx_validate_rmsd_angle.label_alt_id_2 
_pdbx_validate_rmsd_angle.auth_atom_id_3 
_pdbx_validate_rmsd_angle.auth_asym_id_3 
_pdbx_validate_rmsd_angle.auth_comp_id_3 
_pdbx_validate_rmsd_angle.auth_seq_id_3 
_pdbx_validate_rmsd_angle.PDB_ins_code_3 
_pdbx_validate_rmsd_angle.label_alt_id_3 
_pdbx_validate_rmsd_angle.angle_value 
_pdbx_validate_rmsd_angle.angle_target_value 
_pdbx_validate_rmsd_angle.angle_deviation 
_pdbx_validate_rmsd_angle.angle_standard_deviation 
_pdbx_validate_rmsd_angle.linker_flag 
1  1 "C3'" A DG 1  ? ? "O3'" A DG 1  ? ? P     A DA 2  ? ? 112.49 119.70 -7.21  1.20 Y 
2  1 "C3'" A DA 2  ? ? "O3'" A DA 2  ? ? P     A DG 3  ? ? 112.13 119.70 -7.57  1.20 Y 
3  1 "O4'" A DA 5  ? ? "C1'" A DA 5  ? ? N9    A DA 5  ? ? 111.06 108.30 2.76   0.30 N 
4  1 "C3'" A DA 5  ? ? "O3'" A DA 5  ? ? P     A DT 6  ? ? 107.94 119.70 -11.76 1.20 Y 
5  1 "C3'" A DT 7  ? ? "O3'" A DT 7  ? ? P     A DC 8  ? ? 112.18 119.70 -7.52  1.20 Y 
6  1 "C3'" A DC 8  ? ? "O3'" A DC 8  ? ? P     A DC 9  ? ? 110.07 119.70 -9.63  1.20 Y 
7  1 "C3'" A DT 10 ? ? "O3'" A DT 10 ? ? P     A DG 11 ? ? 110.23 119.70 -9.47  1.20 Y 
8  1 "C3'" A DG 11 ? ? "O3'" A DG 11 ? ? P     A DA 12 ? ? 105.82 119.70 -13.88 1.20 Y 
9  1 "C3'" A DA 12 ? ? "O3'" A DA 12 ? ? P     A DC 13 ? ? 112.31 119.70 -7.39  1.20 Y 
10 1 "C3'" A DC 13 ? ? "O3'" A DC 13 ? ? P     A DG 14 ? ? 110.68 119.70 -9.02  1.20 Y 
11 1 "O4'" A DG 14 ? ? "C1'" A DG 14 ? ? N9    A DG 14 ? ? 110.26 108.30 1.96   0.30 N 
12 1 "C3'" A DG 15 ? ? "O3'" A DG 15 ? ? P     A DA 16 ? ? 107.05 119.70 -12.65 1.20 Y 
13 1 "C3'" A DA 16 ? ? "O3'" A DA 16 ? ? P     A DA 17 ? ? 105.09 119.70 -14.61 1.20 Y 
14 1 "C3'" A DA 17 ? ? "O3'" A DA 17 ? ? P     A DC 18 ? ? 110.38 119.70 -9.32  1.20 Y 
15 1 "O4'" A DC 18 ? ? "C1'" A DC 18 ? ? N1    A DC 18 ? ? 110.61 108.30 2.31   0.30 N 
16 1 "C3'" A DC 18 ? ? "O3'" A DC 18 ? ? P     A DT 19 ? ? 106.75 119.70 -12.95 1.20 Y 
17 1 "O3'" A DT 19 ? ? P     A DC 20 ? ? "O5'" A DC 20 ? ? 91.36  104.00 -12.64 1.90 Y 
18 1 "C3'" A DC 20 ? ? "O3'" A DC 20 ? ? P     A DA 21 ? ? 107.46 119.70 -12.24 1.20 Y 
19 1 "C3'" B DC 0  ? ? "O3'" B DC 0  ? ? P     B DC 1  ? ? 109.82 119.70 -9.88  1.20 Y 
20 1 "C3'" B DC 1  ? ? "O3'" B DC 1  ? ? P     B DG 2  ? ? 106.91 119.70 -12.79 1.20 Y 
21 1 "O5'" B DC 4  ? ? P     B DC 4  ? ? OP1   B DC 4  ? ? 96.24  105.70 -9.46  0.90 N 
22 1 "C3'" C DC 2  ? ? "O3'" C DC 2  ? ? P     C DT 3  ? ? 104.06 119.70 -15.64 1.20 Y 
23 1 "C3'" C DT 3  ? ? "O3'" C DT 3  ? ? P     C DG 4  ? ? 111.28 119.70 -8.42  1.20 Y 
24 1 "C3'" C DA 5  ? ? "O3'" C DA 5  ? ? P     C DG 6  ? ? 109.92 119.70 -9.78  1.20 Y 
25 1 "C3'" C DG 6  ? ? "O3'" C DG 6  ? ? P     C DT 7  ? ? 112.41 119.70 -7.29  1.20 Y 
26 1 "O5'" D DA 12 ? ? P     D DA 12 ? ? OP2   D DA 12 ? ? 100.26 105.70 -5.44  0.90 N 
27 1 "C1'" D DT 15 ? ? "O4'" D DT 15 ? ? "C4'" D DT 15 ? ? 103.68 110.10 -6.42  1.00 N 
28 1 "O4'" D DT 15 ? ? "C1'" D DT 15 ? ? N1    D DT 15 ? ? 111.56 108.30 3.26   0.30 N 
29 1 "O4'" D DC 16 ? ? "C1'" D DC 16 ? ? N1    D DC 16 ? ? 110.42 108.30 2.12   0.30 N 
# 
loop_
_chem_comp_atom.comp_id 
_chem_comp_atom.atom_id 
_chem_comp_atom.type_symbol 
_chem_comp_atom.pdbx_aromatic_flag 
_chem_comp_atom.pdbx_stereo_config 
_chem_comp_atom.pdbx_ordinal 
CO  CO     CO N N 1   
DA  OP3    O  N N 2   
DA  P      P  N N 3   
DA  OP1    O  N N 4   
DA  OP2    O  N N 5   
DA  "O5'"  O  N N 6   
DA  "C5'"  C  N N 7   
DA  "C4'"  C  N R 8   
DA  "O4'"  O  N N 9   
DA  "C3'"  C  N S 10  
DA  "O3'"  O  N N 11  
DA  "C2'"  C  N N 12  
DA  "C1'"  C  N R 13  
DA  N9     N  Y N 14  
DA  C8     C  Y N 15  
DA  N7     N  Y N 16  
DA  C5     C  Y N 17  
DA  C6     C  Y N 18  
DA  N6     N  N N 19  
DA  N1     N  Y N 20  
DA  C2     C  Y N 21  
DA  N3     N  Y N 22  
DA  C4     C  Y N 23  
DA  HOP3   H  N N 24  
DA  HOP2   H  N N 25  
DA  "H5'"  H  N N 26  
DA  "H5''" H  N N 27  
DA  "H4'"  H  N N 28  
DA  "H3'"  H  N N 29  
DA  "HO3'" H  N N 30  
DA  "H2'"  H  N N 31  
DA  "H2''" H  N N 32  
DA  "H1'"  H  N N 33  
DA  H8     H  N N 34  
DA  H61    H  N N 35  
DA  H62    H  N N 36  
DA  H2     H  N N 37  
DAP N1     N  Y N 38  
DAP C2     C  Y N 39  
DAP C3     C  Y N 40  
DAP C4     C  Y N 41  
DAP C5     C  Y N 42  
DAP C6     C  Y N 43  
DAP C7     C  Y N 44  
DAP C8     C  Y N 45  
DAP C9     C  Y N 46  
DAP C10    C  N N 47  
DAP N2     N  N N 48  
DAP N3     N  N N 49  
DAP "C1'"  C  Y N 50  
DAP "C2'"  C  Y N 51  
DAP "C3'"  C  Y N 52  
DAP "C4'"  C  Y N 53  
DAP "C5'"  C  Y N 54  
DAP "C6'"  C  Y N 55  
DAP C11    C  N N 56  
DAP N4     N  N N 57  
DAP N5     N  N N 58  
DAP HN1    H  N N 59  
DAP H3     H  N N 60  
DAP H4     H  N N 61  
DAP H5     H  N N 62  
DAP H7     H  N N 63  
DAP HN2    H  N N 64  
DAP HN31   H  N N 65  
DAP HN32   H  N N 66  
DAP "H2'"  H  N N 67  
DAP "H3'"  H  N N 68  
DAP "H5'"  H  N N 69  
DAP "H6'"  H  N N 70  
DAP HN4    H  N N 71  
DAP HN51   H  N N 72  
DAP HN52   H  N N 73  
DC  OP3    O  N N 74  
DC  P      P  N N 75  
DC  OP1    O  N N 76  
DC  OP2    O  N N 77  
DC  "O5'"  O  N N 78  
DC  "C5'"  C  N N 79  
DC  "C4'"  C  N R 80  
DC  "O4'"  O  N N 81  
DC  "C3'"  C  N S 82  
DC  "O3'"  O  N N 83  
DC  "C2'"  C  N N 84  
DC  "C1'"  C  N R 85  
DC  N1     N  N N 86  
DC  C2     C  N N 87  
DC  O2     O  N N 88  
DC  N3     N  N N 89  
DC  C4     C  N N 90  
DC  N4     N  N N 91  
DC  C5     C  N N 92  
DC  C6     C  N N 93  
DC  HOP3   H  N N 94  
DC  HOP2   H  N N 95  
DC  "H5'"  H  N N 96  
DC  "H5''" H  N N 97  
DC  "H4'"  H  N N 98  
DC  "H3'"  H  N N 99  
DC  "HO3'" H  N N 100 
DC  "H2'"  H  N N 101 
DC  "H2''" H  N N 102 
DC  "H1'"  H  N N 103 
DC  H41    H  N N 104 
DC  H42    H  N N 105 
DC  H5     H  N N 106 
DC  H6     H  N N 107 
DG  OP3    O  N N 108 
DG  P      P  N N 109 
DG  OP1    O  N N 110 
DG  OP2    O  N N 111 
DG  "O5'"  O  N N 112 
DG  "C5'"  C  N N 113 
DG  "C4'"  C  N R 114 
DG  "O4'"  O  N N 115 
DG  "C3'"  C  N S 116 
DG  "O3'"  O  N N 117 
DG  "C2'"  C  N N 118 
DG  "C1'"  C  N R 119 
DG  N9     N  Y N 120 
DG  C8     C  Y N 121 
DG  N7     N  Y N 122 
DG  C5     C  Y N 123 
DG  C6     C  N N 124 
DG  O6     O  N N 125 
DG  N1     N  N N 126 
DG  C2     C  N N 127 
DG  N2     N  N N 128 
DG  N3     N  N N 129 
DG  C4     C  Y N 130 
DG  HOP3   H  N N 131 
DG  HOP2   H  N N 132 
DG  "H5'"  H  N N 133 
DG  "H5''" H  N N 134 
DG  "H4'"  H  N N 135 
DG  "H3'"  H  N N 136 
DG  "HO3'" H  N N 137 
DG  "H2'"  H  N N 138 
DG  "H2''" H  N N 139 
DG  "H1'"  H  N N 140 
DG  H8     H  N N 141 
DG  H1     H  N N 142 
DG  H21    H  N N 143 
DG  H22    H  N N 144 
DT  OP3    O  N N 145 
DT  P      P  N N 146 
DT  OP1    O  N N 147 
DT  OP2    O  N N 148 
DT  "O5'"  O  N N 149 
DT  "C5'"  C  N N 150 
DT  "C4'"  C  N R 151 
DT  "O4'"  O  N N 152 
DT  "C3'"  C  N S 153 
DT  "O3'"  O  N N 154 
DT  "C2'"  C  N N 155 
DT  "C1'"  C  N R 156 
DT  N1     N  N N 157 
DT  C2     C  N N 158 
DT  O2     O  N N 159 
DT  N3     N  N N 160 
DT  C4     C  N N 161 
DT  O4     O  N N 162 
DT  C5     C  N N 163 
DT  C7     C  N N 164 
DT  C6     C  N N 165 
DT  HOP3   H  N N 166 
DT  HOP2   H  N N 167 
DT  "H5'"  H  N N 168 
DT  "H5''" H  N N 169 
DT  "H4'"  H  N N 170 
DT  "H3'"  H  N N 171 
DT  "HO3'" H  N N 172 
DT  "H2'"  H  N N 173 
DT  "H2''" H  N N 174 
DT  "H1'"  H  N N 175 
DT  H3     H  N N 176 
DT  H71    H  N N 177 
DT  H72    H  N N 178 
DT  H73    H  N N 179 
DT  H6     H  N N 180 
# 
loop_
_chem_comp_bond.comp_id 
_chem_comp_bond.atom_id_1 
_chem_comp_bond.atom_id_2 
_chem_comp_bond.value_order 
_chem_comp_bond.pdbx_aromatic_flag 
_chem_comp_bond.pdbx_stereo_config 
_chem_comp_bond.pdbx_ordinal 
DA  OP3   P      sing N N 1   
DA  OP3   HOP3   sing N N 2   
DA  P     OP1    doub N N 3   
DA  P     OP2    sing N N 4   
DA  P     "O5'"  sing N N 5   
DA  OP2   HOP2   sing N N 6   
DA  "O5'" "C5'"  sing N N 7   
DA  "C5'" "C4'"  sing N N 8   
DA  "C5'" "H5'"  sing N N 9   
DA  "C5'" "H5''" sing N N 10  
DA  "C4'" "O4'"  sing N N 11  
DA  "C4'" "C3'"  sing N N 12  
DA  "C4'" "H4'"  sing N N 13  
DA  "O4'" "C1'"  sing N N 14  
DA  "C3'" "O3'"  sing N N 15  
DA  "C3'" "C2'"  sing N N 16  
DA  "C3'" "H3'"  sing N N 17  
DA  "O3'" "HO3'" sing N N 18  
DA  "C2'" "C1'"  sing N N 19  
DA  "C2'" "H2'"  sing N N 20  
DA  "C2'" "H2''" sing N N 21  
DA  "C1'" N9     sing N N 22  
DA  "C1'" "H1'"  sing N N 23  
DA  N9    C8     sing Y N 24  
DA  N9    C4     sing Y N 25  
DA  C8    N7     doub Y N 26  
DA  C8    H8     sing N N 27  
DA  N7    C5     sing Y N 28  
DA  C5    C6     sing Y N 29  
DA  C5    C4     doub Y N 30  
DA  C6    N6     sing N N 31  
DA  C6    N1     doub Y N 32  
DA  N6    H61    sing N N 33  
DA  N6    H62    sing N N 34  
DA  N1    C2     sing Y N 35  
DA  C2    N3     doub Y N 36  
DA  C2    H2     sing N N 37  
DA  N3    C4     sing Y N 38  
DAP N1    C2     sing Y N 39  
DAP N1    C8     sing Y N 40  
DAP N1    HN1    sing N N 41  
DAP C2    C3     doub Y N 42  
DAP C2    "C1'"  sing Y N 43  
DAP C3    C9     sing Y N 44  
DAP C3    H3     sing N N 45  
DAP C4    C5     doub Y N 46  
DAP C4    C9     sing Y N 47  
DAP C4    H4     sing N N 48  
DAP C5    C6     sing Y N 49  
DAP C5    H5     sing N N 50  
DAP C6    C7     doub Y N 51  
DAP C6    C10    sing N N 52  
DAP C7    C8     sing Y N 53  
DAP C7    H7     sing N N 54  
DAP C8    C9     doub Y N 55  
DAP C10   N2     doub N N 56  
DAP C10   N3     sing N N 57  
DAP N2    HN2    sing N N 58  
DAP N3    HN31   sing N N 59  
DAP N3    HN32   sing N N 60  
DAP "C1'" "C2'"  doub Y N 61  
DAP "C1'" "C6'"  sing Y N 62  
DAP "C2'" "C3'"  sing Y N 63  
DAP "C2'" "H2'"  sing N N 64  
DAP "C3'" "C4'"  doub Y N 65  
DAP "C3'" "H3'"  sing N N 66  
DAP "C4'" "C5'"  sing Y N 67  
DAP "C4'" C11    sing N N 68  
DAP "C5'" "C6'"  doub Y N 69  
DAP "C5'" "H5'"  sing N N 70  
DAP "C6'" "H6'"  sing N N 71  
DAP C11   N4     doub N N 72  
DAP C11   N5     sing N N 73  
DAP N4    HN4    sing N N 74  
DAP N5    HN51   sing N N 75  
DAP N5    HN52   sing N N 76  
DC  OP3   P      sing N N 77  
DC  OP3   HOP3   sing N N 78  
DC  P     OP1    doub N N 79  
DC  P     OP2    sing N N 80  
DC  P     "O5'"  sing N N 81  
DC  OP2   HOP2   sing N N 82  
DC  "O5'" "C5'"  sing N N 83  
DC  "C5'" "C4'"  sing N N 84  
DC  "C5'" "H5'"  sing N N 85  
DC  "C5'" "H5''" sing N N 86  
DC  "C4'" "O4'"  sing N N 87  
DC  "C4'" "C3'"  sing N N 88  
DC  "C4'" "H4'"  sing N N 89  
DC  "O4'" "C1'"  sing N N 90  
DC  "C3'" "O3'"  sing N N 91  
DC  "C3'" "C2'"  sing N N 92  
DC  "C3'" "H3'"  sing N N 93  
DC  "O3'" "HO3'" sing N N 94  
DC  "C2'" "C1'"  sing N N 95  
DC  "C2'" "H2'"  sing N N 96  
DC  "C2'" "H2''" sing N N 97  
DC  "C1'" N1     sing N N 98  
DC  "C1'" "H1'"  sing N N 99  
DC  N1    C2     sing N N 100 
DC  N1    C6     sing N N 101 
DC  C2    O2     doub N N 102 
DC  C2    N3     sing N N 103 
DC  N3    C4     doub N N 104 
DC  C4    N4     sing N N 105 
DC  C4    C5     sing N N 106 
DC  N4    H41    sing N N 107 
DC  N4    H42    sing N N 108 
DC  C5    C6     doub N N 109 
DC  C5    H5     sing N N 110 
DC  C6    H6     sing N N 111 
DG  OP3   P      sing N N 112 
DG  OP3   HOP3   sing N N 113 
DG  P     OP1    doub N N 114 
DG  P     OP2    sing N N 115 
DG  P     "O5'"  sing N N 116 
DG  OP2   HOP2   sing N N 117 
DG  "O5'" "C5'"  sing N N 118 
DG  "C5'" "C4'"  sing N N 119 
DG  "C5'" "H5'"  sing N N 120 
DG  "C5'" "H5''" sing N N 121 
DG  "C4'" "O4'"  sing N N 122 
DG  "C4'" "C3'"  sing N N 123 
DG  "C4'" "H4'"  sing N N 124 
DG  "O4'" "C1'"  sing N N 125 
DG  "C3'" "O3'"  sing N N 126 
DG  "C3'" "C2'"  sing N N 127 
DG  "C3'" "H3'"  sing N N 128 
DG  "O3'" "HO3'" sing N N 129 
DG  "C2'" "C1'"  sing N N 130 
DG  "C2'" "H2'"  sing N N 131 
DG  "C2'" "H2''" sing N N 132 
DG  "C1'" N9     sing N N 133 
DG  "C1'" "H1'"  sing N N 134 
DG  N9    C8     sing Y N 135 
DG  N9    C4     sing Y N 136 
DG  C8    N7     doub Y N 137 
DG  C8    H8     sing N N 138 
DG  N7    C5     sing Y N 139 
DG  C5    C6     sing N N 140 
DG  C5    C4     doub Y N 141 
DG  C6    O6     doub N N 142 
DG  C6    N1     sing N N 143 
DG  N1    C2     sing N N 144 
DG  N1    H1     sing N N 145 
DG  C2    N2     sing N N 146 
DG  C2    N3     doub N N 147 
DG  N2    H21    sing N N 148 
DG  N2    H22    sing N N 149 
DG  N3    C4     sing N N 150 
DT  OP3   P      sing N N 151 
DT  OP3   HOP3   sing N N 152 
DT  P     OP1    doub N N 153 
DT  P     OP2    sing N N 154 
DT  P     "O5'"  sing N N 155 
DT  OP2   HOP2   sing N N 156 
DT  "O5'" "C5'"  sing N N 157 
DT  "C5'" "C4'"  sing N N 158 
DT  "C5'" "H5'"  sing N N 159 
DT  "C5'" "H5''" sing N N 160 
DT  "C4'" "O4'"  sing N N 161 
DT  "C4'" "C3'"  sing N N 162 
DT  "C4'" "H4'"  sing N N 163 
DT  "O4'" "C1'"  sing N N 164 
DT  "C3'" "O3'"  sing N N 165 
DT  "C3'" "C2'"  sing N N 166 
DT  "C3'" "H3'"  sing N N 167 
DT  "O3'" "HO3'" sing N N 168 
DT  "C2'" "C1'"  sing N N 169 
DT  "C2'" "H2'"  sing N N 170 
DT  "C2'" "H2''" sing N N 171 
DT  "C1'" N1     sing N N 172 
DT  "C1'" "H1'"  sing N N 173 
DT  N1    C2     sing N N 174 
DT  N1    C6     sing N N 175 
DT  C2    O2     doub N N 176 
DT  C2    N3     sing N N 177 
DT  N3    C4     sing N N 178 
DT  N3    H3     sing N N 179 
DT  C4    O4     doub N N 180 
DT  C4    C5     sing N N 181 
DT  C5    C7     sing N N 182 
DT  C5    C6     doub N N 183 
DT  C7    H71    sing N N 184 
DT  C7    H72    sing N N 185 
DT  C7    H73    sing N N 186 
DT  C6    H6     sing N N 187 
# 
loop_
_ndb_struct_conf_na.entry_id 
_ndb_struct_conf_na.feature 
8TA9 'double helix'        
8TA9 'b-form double helix' 
# 
loop_
_ndb_struct_na_base_pair.model_number 
_ndb_struct_na_base_pair.i_label_asym_id 
_ndb_struct_na_base_pair.i_label_comp_id 
_ndb_struct_na_base_pair.i_label_seq_id 
_ndb_struct_na_base_pair.i_symmetry 
_ndb_struct_na_base_pair.j_label_asym_id 
_ndb_struct_na_base_pair.j_label_comp_id 
_ndb_struct_na_base_pair.j_label_seq_id 
_ndb_struct_na_base_pair.j_symmetry 
_ndb_struct_na_base_pair.shear 
_ndb_struct_na_base_pair.stretch 
_ndb_struct_na_base_pair.stagger 
_ndb_struct_na_base_pair.buckle 
_ndb_struct_na_base_pair.propeller 
_ndb_struct_na_base_pair.opening 
_ndb_struct_na_base_pair.pair_number 
_ndb_struct_na_base_pair.pair_name 
_ndb_struct_na_base_pair.i_auth_asym_id 
_ndb_struct_na_base_pair.i_auth_seq_id 
_ndb_struct_na_base_pair.i_PDB_ins_code 
_ndb_struct_na_base_pair.j_auth_asym_id 
_ndb_struct_na_base_pair.j_auth_seq_id 
_ndb_struct_na_base_pair.j_PDB_ins_code 
_ndb_struct_na_base_pair.hbond_type_28 
_ndb_struct_na_base_pair.hbond_type_12 
1 A DG 3  1_555 D DC 7 1_555 0.633  -0.131 0.263  7.120  -9.972  -8.413  1  A_DG3:DC16_D A 3  ? D 16 ? 19 1 
1 A DA 4  1_555 D DT 6 1_555 0.491  -0.017 0.091  3.187  -9.367  -9.850  2  A_DA4:DT15_D A 4  ? D 15 ? 20 1 
1 A DA 5  1_555 D DT 5 1_555 0.142  -0.162 0.407  6.788  -14.677 -3.971  3  A_DA5:DT14_D A 5  ? D 14 ? 20 1 
1 A DT 6  1_555 D DA 4 1_555 -0.029 -0.188 0.457  -0.441 -8.955  -10.650 4  A_DT6:DA13_D A 6  ? D 13 ? 20 1 
1 A DT 7  1_555 D DA 3 1_555 -0.424 -0.185 0.022  -0.063 -8.704  -3.883  5  A_DT7:DA12_D A 7  ? D 12 ? 20 1 
1 A DC 8  1_555 D DG 2 1_555 -0.249 -0.200 0.115  1.159  -6.122  -1.957  6  A_DC8:DG11_D A 8  ? D 11 ? 19 1 
1 A DC 9  1_555 D DG 1 1_555 -0.018 -0.359 0.296  7.492  -7.360  -7.918  7  A_DC9:DG10_D A 9  ? D 10 ? 19 1 
1 A DT 10 1_555 B DA 6 1_555 -0.650 -0.212 0.246  2.173  -7.696  -8.403  8  A_DT10:DA5_B A 10 ? B 5  ? 20 1 
1 A DG 11 1_555 B DC 5 1_555 -0.080 -0.078 0.408  12.590 -6.527  6.205   9  A_DG11:DC4_B A 11 ? B 4  ? 19 1 
1 A DA 12 1_555 B DT 4 1_555 0.218  -0.105 0.172  -0.380 -13.115 -7.198  10 A_DA12:DT3_B A 12 ? B 3  ? 20 1 
1 A DC 13 1_555 B DG 3 1_555 -0.225 -0.176 0.272  -0.266 -5.051  -6.247  11 A_DC13:DG2_B A 13 ? B 2  ? 19 1 
1 A DG 14 1_555 B DC 2 1_555 0.388  -0.193 0.470  13.321 -3.995  -3.936  12 A_DG14:DC1_B A 14 ? B 1  ? 19 1 
1 A DG 15 1_555 B DC 1 1_555 0.158  -0.202 0.422  12.038 -3.811  -4.074  13 A_DG15:DC0_B A 15 ? B 0  ? 19 1 
1 A DA 16 1_555 C DT 8 1_555 -0.259 -0.094 0.539  13.146 -9.585  2.137   14 A_DA16:DT8_C A 16 ? C 8  ? 20 1 
1 A DA 17 1_555 C DT 7 1_555 0.433  -0.184 0.526  13.963 -7.282  -0.977  15 A_DA17:DT7_C A 17 ? C 7  ? 20 1 
1 A DC 18 1_555 C DG 6 1_555 -0.263 -0.224 0.483  -3.852 -10.016 -3.750  16 A_DC18:DG6_C A 18 ? C 6  ? 19 1 
1 A DT 19 1_555 C DA 5 1_555 -0.064 -0.226 0.370  -7.582 -10.744 -4.945  17 A_DT19:DA5_C A 19 ? C 5  ? 20 1 
1 A DC 20 1_555 C DG 4 1_555 -0.066 -0.143 -0.084 -7.679 -7.573  0.361   18 A_DC20:DG4_C A 20 ? C 4  ? 19 1 
1 A DA 21 1_555 C DT 3 1_555 -0.283 -0.017 0.154  0.565  -10.839 -4.932  19 A_DA21:DT3_C A 21 ? C 3  ? 20 1 
# 
loop_
_ndb_struct_na_base_pair_step.model_number 
_ndb_struct_na_base_pair_step.i_label_asym_id_1 
_ndb_struct_na_base_pair_step.i_label_comp_id_1 
_ndb_struct_na_base_pair_step.i_label_seq_id_1 
_ndb_struct_na_base_pair_step.i_symmetry_1 
_ndb_struct_na_base_pair_step.j_label_asym_id_1 
_ndb_struct_na_base_pair_step.j_label_comp_id_1 
_ndb_struct_na_base_pair_step.j_label_seq_id_1 
_ndb_struct_na_base_pair_step.j_symmetry_1 
_ndb_struct_na_base_pair_step.i_label_asym_id_2 
_ndb_struct_na_base_pair_step.i_label_comp_id_2 
_ndb_struct_na_base_pair_step.i_label_seq_id_2 
_ndb_struct_na_base_pair_step.i_symmetry_2 
_ndb_struct_na_base_pair_step.j_label_asym_id_2 
_ndb_struct_na_base_pair_step.j_label_comp_id_2 
_ndb_struct_na_base_pair_step.j_label_seq_id_2 
_ndb_struct_na_base_pair_step.j_symmetry_2 
_ndb_struct_na_base_pair_step.shift 
_ndb_struct_na_base_pair_step.slide 
_ndb_struct_na_base_pair_step.rise 
_ndb_struct_na_base_pair_step.tilt 
_ndb_struct_na_base_pair_step.roll 
_ndb_struct_na_base_pair_step.twist 
_ndb_struct_na_base_pair_step.x_displacement 
_ndb_struct_na_base_pair_step.y_displacement 
_ndb_struct_na_base_pair_step.helical_rise 
_ndb_struct_na_base_pair_step.inclination 
_ndb_struct_na_base_pair_step.tip 
_ndb_struct_na_base_pair_step.helical_twist 
_ndb_struct_na_base_pair_step.step_number 
_ndb_struct_na_base_pair_step.step_name 
_ndb_struct_na_base_pair_step.i_auth_asym_id_1 
_ndb_struct_na_base_pair_step.i_auth_seq_id_1 
_ndb_struct_na_base_pair_step.i_PDB_ins_code_1 
_ndb_struct_na_base_pair_step.j_auth_asym_id_1 
_ndb_struct_na_base_pair_step.j_auth_seq_id_1 
_ndb_struct_na_base_pair_step.j_PDB_ins_code_1 
_ndb_struct_na_base_pair_step.i_auth_asym_id_2 
_ndb_struct_na_base_pair_step.i_auth_seq_id_2 
_ndb_struct_na_base_pair_step.i_PDB_ins_code_2 
_ndb_struct_na_base_pair_step.j_auth_asym_id_2 
_ndb_struct_na_base_pair_step.j_auth_seq_id_2 
_ndb_struct_na_base_pair_step.j_PDB_ins_code_2 
1 A DG 3  1_555 D DC 7 1_555 A DA 4  1_555 D DT 6 1_555 -0.204 -1.088 3.325 0.915  -1.957 32.684 -1.584 0.524  3.376 -3.473 -1.624 
32.753 1  AA_DG3DA4:DT15DC16_DD A 3  ? D 16 ? A 4  ? D 15 ? 
1 A DA 4  1_555 D DT 6 1_555 A DA 5  1_555 D DT 5 1_555 0.628  -0.681 3.048 -2.412 -0.390 33.169 -1.130 -1.471 3.004 -0.681 4.218  
33.257 2  AA_DA4DA5:DT14DT15_DD A 4  ? D 15 ? A 5  ? D 14 ? 
1 A DA 5  1_555 D DT 5 1_555 A DT 6  1_555 D DA 4 1_555 -0.277 -1.142 3.431 0.429  -1.508 34.994 -1.659 0.529  3.472 -2.507 -0.713 
35.028 3  AA_DA5DT6:DA13DT14_DD A 5  ? D 14 ? A 6  ? D 13 ? 
1 A DT 6  1_555 D DA 4 1_555 A DT 7  1_555 D DA 3 1_555 0.387  -0.833 3.148 5.546  0.850  33.054 -1.580 0.214  3.148 1.481  -9.661 
33.513 4  AA_DT6DT7:DA12DA13_DD A 6  ? D 13 ? A 7  ? D 12 ? 
1 A DT 7  1_555 D DA 3 1_555 A DC 8  1_555 D DG 2 1_555 0.022  -0.472 3.240 -3.636 2.863  32.374 -1.325 -0.659 3.166 5.103  6.479  
32.694 5  AA_DT7DC8:DG11DA12_DD A 7  ? D 12 ? A 8  ? D 11 ? 
1 A DC 8  1_555 D DG 2 1_555 A DC 9  1_555 D DG 1 1_555 -0.374 -0.876 3.201 -5.114 2.401  35.538 -1.753 -0.108 3.158 3.904  8.314  
35.970 6  AA_DC8DC9:DG10DG11_DD A 8  ? D 11 ? A 9  ? D 10 ? 
1 A DC 9  1_555 D DG 1 1_555 A DT 10 1_555 B DA 6 1_555 -0.868 -1.442 3.420 0.752  -0.942 25.089 -3.024 2.228  3.444 -2.167 -1.731 
25.118 7  AA_DC9DT10:DA5DG10_BD A 9  ? D 10 ? A 10 ? B 5  ? 
1 A DT 10 1_555 B DA 6 1_555 A DG 11 1_555 B DC 5 1_555 -0.074 0.843  3.232 -1.172 7.383  31.860 0.198  -0.075 3.339 13.223 2.099  
32.703 8  AA_DT10DG11:DC4DA5_BB A 10 ? B 5  ? A 11 ? B 4  ? 
1 A DG 11 1_555 B DC 5 1_555 A DA 12 1_555 B DT 4 1_555 -0.524 -0.019 3.560 0.439  4.532  39.744 -0.593 0.820  3.531 6.640  -0.643 
39.994 9  AA_DG11DA12:DT3DC4_BB A 11 ? B 4  ? A 12 ? B 3  ? 
1 A DA 12 1_555 B DT 4 1_555 A DC 13 1_555 B DG 3 1_555 0.712  -1.099 3.203 -0.177 3.507  30.655 -2.722 -1.372 3.057 6.607  0.333  
30.851 10 AA_DA12DC13:DG2DT3_BB A 12 ? B 3  ? A 13 ? B 2  ? 
1 A DC 13 1_555 B DG 3 1_555 A DG 14 1_555 B DC 2 1_555 0.060  -0.140 3.123 -1.330 3.175  35.237 -0.675 -0.285 3.095 5.230  2.191  
35.399 11 AA_DC13DG14:DC1DG2_BB A 13 ? B 2  ? A 14 ? B 1  ? 
1 A DG 14 1_555 B DC 2 1_555 A DG 15 1_555 B DC 1 1_555 0.094  -0.907 3.250 -3.992 4.768  34.659 -2.191 -0.734 3.072 7.924  6.634  
35.196 12 AA_DG14DG15:DC0DC1_BB A 14 ? B 1  ? A 15 ? B 0  ? 
1 A DG 15 1_555 B DC 1 1_555 A DA 16 1_555 C DT 8 1_555 -0.896 -0.776 3.122 -2.059 -0.050 28.559 -1.559 1.363  3.179 -0.102 4.166  
28.632 13 AA_DG15DA16:DT8DC0_CB A 15 ? B 0  ? A 16 ? C 8  ? 
1 A DA 16 1_555 C DT 8 1_555 A DA 17 1_555 C DT 7 1_555 -0.197 -0.373 3.224 -0.717 1.305  37.423 -0.750 0.214  3.213 2.033  1.117  
37.452 14 AA_DA16DA17:DT7DT8_CC A 16 ? C 8  ? A 17 ? C 7  ? 
1 A DA 17 1_555 C DT 7 1_555 A DC 18 1_555 C DG 6 1_555 0.359  -1.338 3.628 -2.585 -1.399 32.594 -2.106 -1.135 3.642 -2.487 4.594  
32.723 15 AA_DA17DC18:DG6DT7_CC A 17 ? C 7  ? A 18 ? C 6  ? 
1 A DC 18 1_555 C DG 6 1_555 A DT 19 1_555 C DA 5 1_555 -0.178 -1.171 3.267 3.738  3.938  37.215 -2.319 0.752  3.100 6.131  -5.819 
37.595 16 AA_DC18DT19:DA5DG6_CC A 18 ? C 6  ? A 19 ? C 5  ? 
1 A DT 19 1_555 C DA 5 1_555 A DC 20 1_555 C DG 4 1_555 0.124  0.256  3.309 3.530  -1.204 34.648 0.612  0.335  3.294 -2.015 -5.906 
34.842 17 AA_DT19DC20:DG4DA5_CC A 19 ? C 5  ? A 20 ? C 4  ? 
1 A DC 20 1_555 C DG 4 1_555 A DA 21 1_555 C DT 3 1_555 -0.140 1.680  3.221 -0.141 -3.030 38.560 2.896  0.195  3.086 -4.580 0.214  
38.674 18 AA_DC20DA21:DT3DG4_CC A 20 ? C 4  ? A 21 ? C 3  ? 
# 
loop_
_pdbx_audit_support.funding_organization 
_pdbx_audit_support.country 
_pdbx_audit_support.grant_number 
_pdbx_audit_support.ordinal 
'National Science Foundation (NSF, United States)'                                         'United States' 1360635     1 
'National Institutes of Health/National Institute of General Medical Sciences (NIH/NIGMS)' 'United States' R01GM104960 2 
'National Science Foundation (NSF, United States)'                                         'United States' NSF2004250  3 
# 
loop_
_pdbx_entity_nonpoly.entity_id 
_pdbx_entity_nonpoly.name 
_pdbx_entity_nonpoly.comp_id 
5 'COBALT (II) ION'                      CO  
6 '6-AMIDINE-2-(4-AMIDINO-PHENYL)INDOLE' DAP 
# 
_pdbx_initial_refinement_model.id               1 
_pdbx_initial_refinement_model.entity_id_list   ? 
_pdbx_initial_refinement_model.type             'experimental model' 
_pdbx_initial_refinement_model.source_name      PDB 
_pdbx_initial_refinement_model.accession_code   5Vy6 
_pdbx_initial_refinement_model.details          ? 
# 
